data_7D8J
# 
_entry.id   7D8J 
# 
_audit_conform.dict_name       mmcif_pdbx.dic 
_audit_conform.dict_version    5.380 
_audit_conform.dict_location   http://mmcif.pdb.org/dictionaries/ascii/mmcif_pdbx.dic 
# 
loop_
_database_2.database_id 
_database_2.database_code 
_database_2.pdbx_database_accession 
_database_2.pdbx_DOI 
PDB   7D8J         pdb_00007d8j 10.2210/pdb7d8j/pdb 
WWPDB D_1300017702 ?            ?                   
# 
_pdbx_database_status.status_code                     REL 
_pdbx_database_status.status_code_sf                  REL 
_pdbx_database_status.status_code_mr                  ? 
_pdbx_database_status.entry_id                        7D8J 
_pdbx_database_status.recvd_initial_deposition_date   2020-10-08 
_pdbx_database_status.SG_entry                        N 
_pdbx_database_status.deposit_site                    PDBJ 
_pdbx_database_status.process_site                    PDBJ 
_pdbx_database_status.status_code_cs                  ? 
_pdbx_database_status.status_code_nmr_data            ? 
_pdbx_database_status.methods_development_category    ? 
_pdbx_database_status.pdb_format_compatible           Y 
# 
loop_
_audit_author.name 
_audit_author.pdbx_ordinal 
_audit_author.identifier_ORCID 
'Lin, E.S.'   1 ? 
'Huang, Y.H.' 2 ? 
'Huang, C.Y.' 3 ? 
# 
_citation.abstract                  ? 
_citation.abstract_id_CAS           ? 
_citation.book_id_ISBN              ? 
_citation.book_publisher            ? 
_citation.book_publisher_city       ? 
_citation.book_title                ? 
_citation.coordinate_linkage        ? 
_citation.country                   US 
_citation.database_id_Medline       ? 
_citation.details                   ? 
_citation.id                        primary 
_citation.journal_abbrev            Biochem.Biophys.Res.Commun. 
_citation.journal_id_ASTM           BBRCA9 
_citation.journal_id_CSD            0146 
_citation.journal_id_ISSN           1090-2104 
_citation.journal_full              ? 
_citation.journal_issue             ? 
_citation.journal_volume            534 
_citation.language                  ? 
_citation.page_first                41 
_citation.page_last                 46 
_citation.title                     
;Crystal structure of the single-stranded DNA-binding protein SsbB in complex with the anticancer drug 5-fluorouracil: Extension of the 5-fluorouracil interactome to include the oligonucleotide/oligosaccharide-binding fold protein
;
_citation.year                      2020 
_citation.database_id_CSD           ? 
_citation.pdbx_database_id_DOI      10.1016/j.bbrc.2020.11.125 
_citation.pdbx_database_id_PubMed   ? 
_citation.unpublished_flag          ? 
# 
loop_
_citation_author.citation_id 
_citation_author.name 
_citation_author.ordinal 
_citation_author.identifier_ORCID 
primary 'Lin, E.S.'   1 ? 
primary 'Huang, C.Y.' 2 ? 
# 
_cell.angle_alpha                  90.000 
_cell.angle_alpha_esd              ? 
_cell.angle_beta                   90.000 
_cell.angle_beta_esd               ? 
_cell.angle_gamma                  120.000 
_cell.angle_gamma_esd              ? 
_cell.entry_id                     7D8J 
_cell.details                      ? 
_cell.formula_units_Z              ? 
_cell.length_a                     116.366 
_cell.length_a_esd                 ? 
_cell.length_b                     116.366 
_cell.length_b_esd                 ? 
_cell.length_c                     78.538 
_cell.length_c_esd                 ? 
_cell.volume                       ? 
_cell.volume_esd                   ? 
_cell.Z_PDB                        24 
_cell.reciprocal_angle_alpha       ? 
_cell.reciprocal_angle_beta        ? 
_cell.reciprocal_angle_gamma       ? 
_cell.reciprocal_angle_alpha_esd   ? 
_cell.reciprocal_angle_beta_esd    ? 
_cell.reciprocal_angle_gamma_esd   ? 
_cell.reciprocal_length_a          ? 
_cell.reciprocal_length_b          ? 
_cell.reciprocal_length_c          ? 
_cell.reciprocal_length_a_esd      ? 
_cell.reciprocal_length_b_esd      ? 
_cell.reciprocal_length_c_esd      ? 
_cell.pdbx_unique_axis             ? 
# 
_symmetry.entry_id                         7D8J 
_symmetry.cell_setting                     ? 
_symmetry.Int_Tables_number                181 
_symmetry.space_group_name_Hall            ? 
_symmetry.space_group_name_H-M             'P 64 2 2' 
_symmetry.pdbx_full_space_group_name_H-M   ? 
# 
loop_
_entity.id 
_entity.type 
_entity.src_method 
_entity.pdbx_description 
_entity.formula_weight 
_entity.pdbx_number_of_molecules 
_entity.pdbx_ec 
_entity.pdbx_mutation 
_entity.pdbx_fragment 
_entity.details 
1 polymer     man 'Single-stranded DNA-binding protein' 13385.933 2 ? ? ? ? 
2 non-polymer syn 5-FLUOROURACIL                        130.077   1 ? ? ? ? 
3 water       nat water                                 18.015    5 ? ? ? ? 
# 
_entity_name_com.entity_id   1 
_entity_name_com.name        SSB 
# 
_entity_poly.entity_id                      1 
_entity_poly.type                           'polypeptide(L)' 
_entity_poly.nstd_linkage                   no 
_entity_poly.nstd_monomer                   no 
_entity_poly.pdbx_seq_one_letter_code       
;MLNRVVLVGRLTKDPELRSTPNGVNVGTFTLAVNRTFTNAQGEREADFINVVVFKKQAENVKNYLSKGSLAGVDGRLQTR
NYENKDGQRVFVTEVVADSVQFLEPKNNNQQQHHHHHH
;
_entity_poly.pdbx_seq_one_letter_code_can   
;MLNRVVLVGRLTKDPELRSTPNGVNVGTFTLAVNRTFTNAQGEREADFINVVVFKKQAENVKNYLSKGSLAGVDGRLQTR
NYENKDGQRVFVTEVVADSVQFLEPKNNNQQQHHHHHH
;
_entity_poly.pdbx_strand_id                 A,B 
_entity_poly.pdbx_target_identifier         ? 
# 
loop_
_entity_poly_seq.entity_id 
_entity_poly_seq.num 
_entity_poly_seq.mon_id 
_entity_poly_seq.hetero 
1 1   MET n 
1 2   LEU n 
1 3   ASN n 
1 4   ARG n 
1 5   VAL n 
1 6   VAL n 
1 7   LEU n 
1 8   VAL n 
1 9   GLY n 
1 10  ARG n 
1 11  LEU n 
1 12  THR n 
1 13  LYS n 
1 14  ASP n 
1 15  PRO n 
1 16  GLU n 
1 17  LEU n 
1 18  ARG n 
1 19  SER n 
1 20  THR n 
1 21  PRO n 
1 22  ASN n 
1 23  GLY n 
1 24  VAL n 
1 25  ASN n 
1 26  VAL n 
1 27  GLY n 
1 28  THR n 
1 29  PHE n 
1 30  THR n 
1 31  LEU n 
1 32  ALA n 
1 33  VAL n 
1 34  ASN n 
1 35  ARG n 
1 36  THR n 
1 37  PHE n 
1 38  THR n 
1 39  ASN n 
1 40  ALA n 
1 41  GLN n 
1 42  GLY n 
1 43  GLU n 
1 44  ARG n 
1 45  GLU n 
1 46  ALA n 
1 47  ASP n 
1 48  PHE n 
1 49  ILE n 
1 50  ASN n 
1 51  VAL n 
1 52  VAL n 
1 53  VAL n 
1 54  PHE n 
1 55  LYS n 
1 56  LYS n 
1 57  GLN n 
1 58  ALA n 
1 59  GLU n 
1 60  ASN n 
1 61  VAL n 
1 62  LYS n 
1 63  ASN n 
1 64  TYR n 
1 65  LEU n 
1 66  SER n 
1 67  LYS n 
1 68  GLY n 
1 69  SER n 
1 70  LEU n 
1 71  ALA n 
1 72  GLY n 
1 73  VAL n 
1 74  ASP n 
1 75  GLY n 
1 76  ARG n 
1 77  LEU n 
1 78  GLN n 
1 79  THR n 
1 80  ARG n 
1 81  ASN n 
1 82  TYR n 
1 83  GLU n 
1 84  ASN n 
1 85  LYS n 
1 86  ASP n 
1 87  GLY n 
1 88  GLN n 
1 89  ARG n 
1 90  VAL n 
1 91  PHE n 
1 92  VAL n 
1 93  THR n 
1 94  GLU n 
1 95  VAL n 
1 96  VAL n 
1 97  ALA n 
1 98  ASP n 
1 99  SER n 
1 100 VAL n 
1 101 GLN n 
1 102 PHE n 
1 103 LEU n 
1 104 GLU n 
1 105 PRO n 
1 106 LYS n 
1 107 ASN n 
1 108 ASN n 
1 109 ASN n 
1 110 GLN n 
1 111 GLN n 
1 112 GLN n 
1 113 HIS n 
1 114 HIS n 
1 115 HIS n 
1 116 HIS n 
1 117 HIS n 
1 118 HIS n 
# 
_entity_src_gen.entity_id                          1 
_entity_src_gen.pdbx_src_id                        1 
_entity_src_gen.pdbx_alt_source_flag               sample 
_entity_src_gen.pdbx_seq_type                      'Biological sequence' 
_entity_src_gen.pdbx_beg_seq_num                   1 
_entity_src_gen.pdbx_end_seq_num                   118 
_entity_src_gen.gene_src_common_name               ? 
_entity_src_gen.gene_src_genus                     ? 
_entity_src_gen.pdbx_gene_src_gene                 ? 
_entity_src_gen.gene_src_species                   ? 
_entity_src_gen.gene_src_strain                    ED98 
_entity_src_gen.gene_src_tissue                    ? 
_entity_src_gen.gene_src_tissue_fraction           ? 
_entity_src_gen.gene_src_details                   ? 
_entity_src_gen.pdbx_gene_src_fragment             ? 
_entity_src_gen.pdbx_gene_src_scientific_name      'Staphylococcus aureus (strain ED98)' 
_entity_src_gen.pdbx_gene_src_ncbi_taxonomy_id     681288 
_entity_src_gen.pdbx_gene_src_variant              ? 
_entity_src_gen.pdbx_gene_src_cell_line            ? 
_entity_src_gen.pdbx_gene_src_atcc                 ? 
_entity_src_gen.pdbx_gene_src_organ                ? 
_entity_src_gen.pdbx_gene_src_organelle            ? 
_entity_src_gen.pdbx_gene_src_cell                 ? 
_entity_src_gen.pdbx_gene_src_cellular_location    ? 
_entity_src_gen.host_org_common_name               ? 
_entity_src_gen.pdbx_host_org_scientific_name      'Escherichia coli' 
_entity_src_gen.pdbx_host_org_ncbi_taxonomy_id     562 
_entity_src_gen.host_org_genus                     ? 
_entity_src_gen.pdbx_host_org_gene                 ? 
_entity_src_gen.pdbx_host_org_organ                ? 
_entity_src_gen.host_org_species                   ? 
_entity_src_gen.pdbx_host_org_tissue               ? 
_entity_src_gen.pdbx_host_org_tissue_fraction      ? 
_entity_src_gen.pdbx_host_org_strain               ? 
_entity_src_gen.pdbx_host_org_variant              ? 
_entity_src_gen.pdbx_host_org_cell_line            ? 
_entity_src_gen.pdbx_host_org_atcc                 ? 
_entity_src_gen.pdbx_host_org_culture_collection   ? 
_entity_src_gen.pdbx_host_org_cell                 ? 
_entity_src_gen.pdbx_host_org_organelle            ? 
_entity_src_gen.pdbx_host_org_cellular_location    ? 
_entity_src_gen.pdbx_host_org_vector_type          ? 
_entity_src_gen.pdbx_host_org_vector               ? 
_entity_src_gen.host_org_details                   ? 
_entity_src_gen.expression_system_id               ? 
_entity_src_gen.plasmid_name                       ? 
_entity_src_gen.plasmid_details                    ? 
_entity_src_gen.pdbx_description                   ? 
# 
_struct_ref.id                         1 
_struct_ref.db_name                    UNP 
_struct_ref.db_code                    A0A3F2YLU4_STAAD 
_struct_ref.pdbx_db_accession          A0A3F2YLU4 
_struct_ref.pdbx_db_isoform            ? 
_struct_ref.entity_id                  1 
_struct_ref.pdbx_seq_one_letter_code   
;MLNRVVLVGRLTKDPELRSTPNGVNVGTFTLAVNRTFTNAQGEREADFINVVVFKKQAENVKNYLSKGSLAGVDGRLQTR
NYENKDGQRVFVTEVVADSVQFLEPKHHHHHH
;
_struct_ref.pdbx_align_begin           1 
# 
loop_
_struct_ref_seq.align_id 
_struct_ref_seq.ref_id 
_struct_ref_seq.pdbx_PDB_id_code 
_struct_ref_seq.pdbx_strand_id 
_struct_ref_seq.seq_align_beg 
_struct_ref_seq.pdbx_seq_align_beg_ins_code 
_struct_ref_seq.seq_align_end 
_struct_ref_seq.pdbx_seq_align_end_ins_code 
_struct_ref_seq.pdbx_db_accession 
_struct_ref_seq.db_align_beg 
_struct_ref_seq.pdbx_db_align_beg_ins_code 
_struct_ref_seq.db_align_end 
_struct_ref_seq.pdbx_db_align_end_ins_code 
_struct_ref_seq.pdbx_auth_seq_align_beg 
_struct_ref_seq.pdbx_auth_seq_align_end 
1 1 7D8J A 1 ? 118 ? A0A3F2YLU4 1 ? 112 ? 1 118 
2 1 7D8J B 1 ? 118 ? A0A3F2YLU4 1 ? 112 ? 1 118 
# 
loop_
_struct_ref_seq_dif.align_id 
_struct_ref_seq_dif.pdbx_pdb_id_code 
_struct_ref_seq_dif.mon_id 
_struct_ref_seq_dif.pdbx_pdb_strand_id 
_struct_ref_seq_dif.seq_num 
_struct_ref_seq_dif.pdbx_pdb_ins_code 
_struct_ref_seq_dif.pdbx_seq_db_name 
_struct_ref_seq_dif.pdbx_seq_db_accession_code 
_struct_ref_seq_dif.db_mon_id 
_struct_ref_seq_dif.pdbx_seq_db_seq_num 
_struct_ref_seq_dif.details 
_struct_ref_seq_dif.pdbx_auth_seq_num 
_struct_ref_seq_dif.pdbx_ordinal 
1 7D8J ASN A 107 ? UNP A0A3F2YLU4 ? ? insertion 107 1  
1 7D8J ASN A 108 ? UNP A0A3F2YLU4 ? ? insertion 108 2  
1 7D8J ASN A 109 ? UNP A0A3F2YLU4 ? ? insertion 109 3  
1 7D8J GLN A 110 ? UNP A0A3F2YLU4 ? ? insertion 110 4  
1 7D8J GLN A 111 ? UNP A0A3F2YLU4 ? ? insertion 111 5  
1 7D8J GLN A 112 ? UNP A0A3F2YLU4 ? ? insertion 112 6  
2 7D8J ASN B 107 ? UNP A0A3F2YLU4 ? ? insertion 107 7  
2 7D8J ASN B 108 ? UNP A0A3F2YLU4 ? ? insertion 108 8  
2 7D8J ASN B 109 ? UNP A0A3F2YLU4 ? ? insertion 109 9  
2 7D8J GLN B 110 ? UNP A0A3F2YLU4 ? ? insertion 110 10 
2 7D8J GLN B 111 ? UNP A0A3F2YLU4 ? ? insertion 111 11 
2 7D8J GLN B 112 ? UNP A0A3F2YLU4 ? ? insertion 112 12 
# 
loop_
_chem_comp.id 
_chem_comp.type 
_chem_comp.mon_nstd_flag 
_chem_comp.name 
_chem_comp.pdbx_synonyms 
_chem_comp.formula 
_chem_comp.formula_weight 
ALA 'L-peptide linking' y ALANINE         ? 'C3 H7 N O2'     89.093  
ARG 'L-peptide linking' y ARGININE        ? 'C6 H15 N4 O2 1' 175.209 
ASN 'L-peptide linking' y ASPARAGINE      ? 'C4 H8 N2 O3'    132.118 
ASP 'L-peptide linking' y 'ASPARTIC ACID' ? 'C4 H7 N O4'     133.103 
GLN 'L-peptide linking' y GLUTAMINE       ? 'C5 H10 N2 O3'   146.144 
GLU 'L-peptide linking' y 'GLUTAMIC ACID' ? 'C5 H9 N O4'     147.129 
GLY 'peptide linking'   y GLYCINE         ? 'C2 H5 N O2'     75.067  
HIS 'L-peptide linking' y HISTIDINE       ? 'C6 H10 N3 O2 1' 156.162 
HOH non-polymer         . WATER           ? 'H2 O'           18.015  
ILE 'L-peptide linking' y ISOLEUCINE      ? 'C6 H13 N O2'    131.173 
LEU 'L-peptide linking' y LEUCINE         ? 'C6 H13 N O2'    131.173 
LYS 'L-peptide linking' y LYSINE          ? 'C6 H15 N2 O2 1' 147.195 
MET 'L-peptide linking' y METHIONINE      ? 'C5 H11 N O2 S'  149.211 
PHE 'L-peptide linking' y PHENYLALANINE   ? 'C9 H11 N O2'    165.189 
PRO 'L-peptide linking' y PROLINE         ? 'C5 H9 N O2'     115.130 
SER 'L-peptide linking' y SERINE          ? 'C3 H7 N O3'     105.093 
THR 'L-peptide linking' y THREONINE       ? 'C4 H9 N O3'     119.119 
TYR 'L-peptide linking' y TYROSINE        ? 'C9 H11 N O3'    181.189 
URF non-polymer         . 5-FLUOROURACIL  ? 'C4 H3 F N2 O2'  130.077 
VAL 'L-peptide linking' y VALINE          ? 'C5 H11 N O2'    117.146 
# 
_exptl.absorpt_coefficient_mu     ? 
_exptl.absorpt_correction_T_max   ? 
_exptl.absorpt_correction_T_min   ? 
_exptl.absorpt_correction_type    ? 
_exptl.absorpt_process_details    ? 
_exptl.entry_id                   7D8J 
_exptl.crystals_number            1 
_exptl.details                    ? 
_exptl.method                     'X-RAY DIFFRACTION' 
_exptl.method_details             ? 
# 
_exptl_crystal.colour                      ? 
_exptl_crystal.density_diffrn              ? 
_exptl_crystal.density_Matthews            2.87 
_exptl_crystal.density_method              ? 
_exptl_crystal.density_percent_sol         62.55 
_exptl_crystal.description                 ? 
_exptl_crystal.F_000                       ? 
_exptl_crystal.id                          1 
_exptl_crystal.preparation                 ? 
_exptl_crystal.size_max                    ? 
_exptl_crystal.size_mid                    ? 
_exptl_crystal.size_min                    ? 
_exptl_crystal.size_rad                    ? 
_exptl_crystal.colour_lustre               ? 
_exptl_crystal.colour_modifier             ? 
_exptl_crystal.colour_primary              ? 
_exptl_crystal.density_meas                ? 
_exptl_crystal.density_meas_esd            ? 
_exptl_crystal.density_meas_gt             ? 
_exptl_crystal.density_meas_lt             ? 
_exptl_crystal.density_meas_temp           ? 
_exptl_crystal.density_meas_temp_esd       ? 
_exptl_crystal.density_meas_temp_gt        ? 
_exptl_crystal.density_meas_temp_lt        ? 
_exptl_crystal.pdbx_crystal_image_url      ? 
_exptl_crystal.pdbx_crystal_image_format   ? 
_exptl_crystal.pdbx_mosaicity              ? 
_exptl_crystal.pdbx_mosaicity_esd          ? 
# 
_exptl_crystal_grow.apparatus       ? 
_exptl_crystal_grow.atmosphere      ? 
_exptl_crystal_grow.crystal_id      1 
_exptl_crystal_grow.details         ? 
_exptl_crystal_grow.method          'VAPOR DIFFUSION, HANGING DROP' 
_exptl_crystal_grow.method_ref      ? 
_exptl_crystal_grow.pH              ? 
_exptl_crystal_grow.pressure        ? 
_exptl_crystal_grow.pressure_esd    ? 
_exptl_crystal_grow.seeding         ? 
_exptl_crystal_grow.seeding_ref     ? 
_exptl_crystal_grow.temp            298 
_exptl_crystal_grow.temp_details    ? 
_exptl_crystal_grow.temp_esd        ? 
_exptl_crystal_grow.time            ? 
_exptl_crystal_grow.pdbx_details    '1.6M Ammonium Sulfate, 500mM Lithium Chloride' 
_exptl_crystal_grow.pdbx_pH_range   ? 
# 
_diffrn.ambient_environment              ? 
_diffrn.ambient_temp                     298 
_diffrn.ambient_temp_details             ? 
_diffrn.ambient_temp_esd                 ? 
_diffrn.crystal_id                       1 
_diffrn.crystal_support                  ? 
_diffrn.crystal_treatment                ? 
_diffrn.details                          ? 
_diffrn.id                               1 
_diffrn.ambient_pressure                 ? 
_diffrn.ambient_pressure_esd             ? 
_diffrn.ambient_pressure_gt              ? 
_diffrn.ambient_pressure_lt              ? 
_diffrn.ambient_temp_gt                  ? 
_diffrn.ambient_temp_lt                  ? 
_diffrn.pdbx_serial_crystal_experiment   N 
# 
_diffrn_detector.details                      ? 
_diffrn_detector.detector                     CCD 
_diffrn_detector.diffrn_id                    1 
_diffrn_detector.type                         'RAYONIX MX300-HS' 
_diffrn_detector.area_resol_mean              ? 
_diffrn_detector.dtime                        ? 
_diffrn_detector.pdbx_frames_total            ? 
_diffrn_detector.pdbx_collection_time_total   ? 
_diffrn_detector.pdbx_collection_date         2020-08-01 
_diffrn_detector.pdbx_frequency               ? 
# 
_diffrn_radiation.collimation                      ? 
_diffrn_radiation.diffrn_id                        1 
_diffrn_radiation.filter_edge                      ? 
_diffrn_radiation.inhomogeneity                    ? 
_diffrn_radiation.monochromator                    ? 
_diffrn_radiation.polarisn_norm                    ? 
_diffrn_radiation.polarisn_ratio                   ? 
_diffrn_radiation.probe                            ? 
_diffrn_radiation.type                             ? 
_diffrn_radiation.xray_symbol                      ? 
_diffrn_radiation.wavelength_id                    1 
_diffrn_radiation.pdbx_monochromatic_or_laue_m_l   M 
_diffrn_radiation.pdbx_wavelength_list             ? 
_diffrn_radiation.pdbx_wavelength                  ? 
_diffrn_radiation.pdbx_diffrn_protocol             'SINGLE WAVELENGTH' 
_diffrn_radiation.pdbx_analyzer                    ? 
_diffrn_radiation.pdbx_scattering_type             x-ray 
# 
_diffrn_radiation_wavelength.id           1 
_diffrn_radiation_wavelength.wavelength   1 
_diffrn_radiation_wavelength.wt           1.0 
# 
_diffrn_source.current                     ? 
_diffrn_source.details                     ? 
_diffrn_source.diffrn_id                   1 
_diffrn_source.power                       ? 
_diffrn_source.size                        ? 
_diffrn_source.source                      SYNCHROTRON 
_diffrn_source.target                      ? 
_diffrn_source.type                        'NSRRC BEAMLINE TPS 05A' 
_diffrn_source.voltage                     ? 
_diffrn_source.take-off_angle              ? 
_diffrn_source.pdbx_wavelength_list        1 
_diffrn_source.pdbx_wavelength             ? 
_diffrn_source.pdbx_synchrotron_beamline   'TPS 05A' 
_diffrn_source.pdbx_synchrotron_site       NSRRC 
# 
_reflns.B_iso_Wilson_estimate            ? 
_reflns.entry_id                         7D8J 
_reflns.data_reduction_details           ? 
_reflns.data_reduction_method            ? 
_reflns.d_resolution_high                2.87 
_reflns.d_resolution_low                 30.00 
_reflns.details                          ? 
_reflns.limit_h_max                      ? 
_reflns.limit_h_min                      ? 
_reflns.limit_k_max                      ? 
_reflns.limit_k_min                      ? 
_reflns.limit_l_max                      ? 
_reflns.limit_l_min                      ? 
_reflns.number_all                       ? 
_reflns.number_obs                       7408 
_reflns.observed_criterion               ? 
_reflns.observed_criterion_F_max         ? 
_reflns.observed_criterion_F_min         ? 
_reflns.observed_criterion_I_max         ? 
_reflns.observed_criterion_I_min         ? 
_reflns.observed_criterion_sigma_F       ? 
_reflns.observed_criterion_sigma_I       ? 
_reflns.percent_possible_obs             98.6 
_reflns.R_free_details                   ? 
_reflns.Rmerge_F_all                     ? 
_reflns.Rmerge_F_obs                     ? 
_reflns.Friedel_coverage                 ? 
_reflns.number_gt                        ? 
_reflns.threshold_expression             ? 
_reflns.pdbx_redundancy                  13.5 
_reflns.pdbx_Rmerge_I_obs                0.078 
_reflns.pdbx_Rmerge_I_all                ? 
_reflns.pdbx_Rsym_value                  ? 
_reflns.pdbx_netI_over_av_sigmaI         ? 
_reflns.pdbx_netI_over_sigmaI            42.16 
_reflns.pdbx_res_netI_over_av_sigmaI_2   ? 
_reflns.pdbx_res_netI_over_sigmaI_2      ? 
_reflns.pdbx_chi_squared                 ? 
_reflns.pdbx_scaling_rejects             ? 
_reflns.pdbx_d_res_high_opt              ? 
_reflns.pdbx_d_res_low_opt               ? 
_reflns.pdbx_d_res_opt_method            ? 
_reflns.phase_calculation_details        ? 
_reflns.pdbx_Rrim_I_all                  ? 
_reflns.pdbx_Rpim_I_all                  ? 
_reflns.pdbx_d_opt                       ? 
_reflns.pdbx_number_measured_all         ? 
_reflns.pdbx_diffrn_id                   1 
_reflns.pdbx_ordinal                     1 
_reflns.pdbx_CC_half                     ? 
_reflns.pdbx_CC_star                     ? 
_reflns.pdbx_R_split                     ? 
# 
_reflns_shell.d_res_high                  2.87 
_reflns_shell.d_res_low                   2.97 
_reflns_shell.meanI_over_sigI_all         ? 
_reflns_shell.meanI_over_sigI_obs         9.05 
_reflns_shell.number_measured_all         ? 
_reflns_shell.number_measured_obs         ? 
_reflns_shell.number_possible             ? 
_reflns_shell.number_unique_all           ? 
_reflns_shell.number_unique_obs           724 
_reflns_shell.percent_possible_all        ? 
_reflns_shell.percent_possible_obs        ? 
_reflns_shell.Rmerge_F_all                ? 
_reflns_shell.Rmerge_F_obs                ? 
_reflns_shell.Rmerge_I_all                ? 
_reflns_shell.Rmerge_I_obs                0.552 
_reflns_shell.meanI_over_sigI_gt          ? 
_reflns_shell.meanI_over_uI_all           ? 
_reflns_shell.meanI_over_uI_gt            ? 
_reflns_shell.number_measured_gt          ? 
_reflns_shell.number_unique_gt            ? 
_reflns_shell.percent_possible_gt         ? 
_reflns_shell.Rmerge_F_gt                 ? 
_reflns_shell.Rmerge_I_gt                 ? 
_reflns_shell.pdbx_redundancy             ? 
_reflns_shell.pdbx_Rsym_value             ? 
_reflns_shell.pdbx_chi_squared            ? 
_reflns_shell.pdbx_netI_over_sigmaI_all   ? 
_reflns_shell.pdbx_netI_over_sigmaI_obs   ? 
_reflns_shell.pdbx_Rrim_I_all             ? 
_reflns_shell.pdbx_Rpim_I_all             ? 
_reflns_shell.pdbx_rejects                ? 
_reflns_shell.pdbx_ordinal                1 
_reflns_shell.pdbx_diffrn_id              1 
_reflns_shell.pdbx_CC_half                0.973 
_reflns_shell.pdbx_CC_star                ? 
_reflns_shell.pdbx_R_split                ? 
# 
_refine.aniso_B[1][1]                            ? 
_refine.aniso_B[1][2]                            ? 
_refine.aniso_B[1][3]                            ? 
_refine.aniso_B[2][2]                            ? 
_refine.aniso_B[2][3]                            ? 
_refine.aniso_B[3][3]                            ? 
_refine.B_iso_max                                113.620 
_refine.B_iso_mean                               43.8540 
_refine.B_iso_min                                14.410 
_refine.correlation_coeff_Fo_to_Fc               ? 
_refine.correlation_coeff_Fo_to_Fc_free          ? 
_refine.details                                  ? 
_refine.diff_density_max                         ? 
_refine.diff_density_max_esd                     ? 
_refine.diff_density_min                         ? 
_refine.diff_density_min_esd                     ? 
_refine.diff_density_rms                         ? 
_refine.diff_density_rms_esd                     ? 
_refine.entry_id                                 7D8J 
_refine.pdbx_refine_id                           'X-RAY DIFFRACTION' 
_refine.ls_abs_structure_details                 ? 
_refine.ls_abs_structure_Flack                   ? 
_refine.ls_abs_structure_Flack_esd               ? 
_refine.ls_abs_structure_Rogers                  ? 
_refine.ls_abs_structure_Rogers_esd              ? 
_refine.ls_d_res_high                            2.8800 
_refine.ls_d_res_low                             27.3410 
_refine.ls_extinction_coef                       ? 
_refine.ls_extinction_coef_esd                   ? 
_refine.ls_extinction_expression                 ? 
_refine.ls_extinction_method                     ? 
_refine.ls_goodness_of_fit_all                   ? 
_refine.ls_goodness_of_fit_all_esd               ? 
_refine.ls_goodness_of_fit_obs                   ? 
_refine.ls_goodness_of_fit_obs_esd               ? 
_refine.ls_hydrogen_treatment                    ? 
_refine.ls_matrix_type                           ? 
_refine.ls_number_constraints                    ? 
_refine.ls_number_parameters                     ? 
_refine.ls_number_reflns_all                     ? 
_refine.ls_number_reflns_obs                     7405 
_refine.ls_number_reflns_R_free                  365 
_refine.ls_number_reflns_R_work                  7040 
_refine.ls_number_restraints                     ? 
_refine.ls_percent_reflns_obs                    98.8000 
_refine.ls_percent_reflns_R_free                 4.9300 
_refine.ls_R_factor_all                          ? 
_refine.ls_R_factor_obs                          0.1967 
_refine.ls_R_factor_R_free                       0.2568 
_refine.ls_R_factor_R_free_error                 ? 
_refine.ls_R_factor_R_free_error_details         ? 
_refine.ls_R_factor_R_work                       0.1937 
_refine.ls_R_Fsqd_factor_obs                     ? 
_refine.ls_R_I_factor_obs                        ? 
_refine.ls_redundancy_reflns_all                 ? 
_refine.ls_redundancy_reflns_obs                 ? 
_refine.ls_restrained_S_all                      ? 
_refine.ls_restrained_S_obs                      ? 
_refine.ls_shift_over_esd_max                    ? 
_refine.ls_shift_over_esd_mean                   ? 
_refine.ls_structure_factor_coef                 ? 
_refine.ls_weighting_details                     ? 
_refine.ls_weighting_scheme                      ? 
_refine.ls_wR_factor_all                         ? 
_refine.ls_wR_factor_obs                         ? 
_refine.ls_wR_factor_R_free                      ? 
_refine.ls_wR_factor_R_work                      ? 
_refine.occupancy_max                            ? 
_refine.occupancy_min                            ? 
_refine.solvent_model_details                    'FLAT BULK SOLVENT MODEL' 
_refine.solvent_model_param_bsol                 ? 
_refine.solvent_model_param_ksol                 ? 
_refine.pdbx_R_complete                          ? 
_refine.ls_R_factor_gt                           ? 
_refine.ls_goodness_of_fit_gt                    ? 
_refine.ls_goodness_of_fit_ref                   ? 
_refine.ls_shift_over_su_max                     ? 
_refine.ls_shift_over_su_max_lt                  ? 
_refine.ls_shift_over_su_mean                    ? 
_refine.ls_shift_over_su_mean_lt                 ? 
_refine.pdbx_ls_sigma_I                          ? 
_refine.pdbx_ls_sigma_F                          1.400 
_refine.pdbx_ls_sigma_Fsqd                       ? 
_refine.pdbx_data_cutoff_high_absF               ? 
_refine.pdbx_data_cutoff_high_rms_absF           ? 
_refine.pdbx_data_cutoff_low_absF                ? 
_refine.pdbx_isotropic_thermal_model             ? 
_refine.pdbx_ls_cross_valid_method               THROUGHOUT 
_refine.pdbx_method_to_determine_struct          'MOLECULAR REPLACEMENT' 
_refine.pdbx_starting_model                      5YYU 
_refine.pdbx_stereochemistry_target_values       ML 
_refine.pdbx_R_Free_selection_details            ? 
_refine.pdbx_stereochem_target_val_spec_case     ? 
_refine.pdbx_overall_ESU_R                       ? 
_refine.pdbx_overall_ESU_R_Free                  ? 
_refine.pdbx_solvent_vdw_probe_radii             1.1100 
_refine.pdbx_solvent_ion_probe_radii             ? 
_refine.pdbx_solvent_shrinkage_radii             0.9000 
_refine.pdbx_real_space_R                        ? 
_refine.pdbx_density_correlation                 ? 
_refine.pdbx_pd_number_of_powder_patterns        ? 
_refine.pdbx_pd_number_of_points                 ? 
_refine.pdbx_pd_meas_number_of_points            ? 
_refine.pdbx_pd_proc_ls_prof_R_factor            ? 
_refine.pdbx_pd_proc_ls_prof_wR_factor           ? 
_refine.pdbx_pd_Marquardt_correlation_coeff      ? 
_refine.pdbx_pd_Fsqrd_R_factor                   ? 
_refine.pdbx_pd_ls_matrix_band_width             ? 
_refine.pdbx_overall_phase_error                 23.7500 
_refine.pdbx_overall_SU_R_free_Cruickshank_DPI   ? 
_refine.pdbx_overall_SU_R_free_Blow_DPI          ? 
_refine.pdbx_overall_SU_R_Blow_DPI               ? 
_refine.pdbx_TLS_residual_ADP_flag               ? 
_refine.pdbx_diffrn_id                           1 
_refine.overall_SU_B                             ? 
_refine.overall_SU_ML                            0.3600 
_refine.overall_SU_R_Cruickshank_DPI             ? 
_refine.overall_SU_R_free                        ? 
_refine.overall_FOM_free_R_set                   ? 
_refine.overall_FOM_work_R_set                   ? 
_refine.pdbx_average_fsc_overall                 ? 
_refine.pdbx_average_fsc_work                    ? 
_refine.pdbx_average_fsc_free                    ? 
# 
_refine_hist.pdbx_refine_id                   'X-RAY DIFFRACTION' 
_refine_hist.cycle_id                         final 
_refine_hist.details                          ? 
_refine_hist.d_res_high                       2.8800 
_refine_hist.d_res_low                        27.3410 
_refine_hist.number_atoms_solvent             5 
_refine_hist.number_atoms_total               1662 
_refine_hist.number_reflns_all                ? 
_refine_hist.number_reflns_obs                ? 
_refine_hist.number_reflns_R_free             ? 
_refine_hist.number_reflns_R_work             ? 
_refine_hist.R_factor_all                     ? 
_refine_hist.R_factor_obs                     ? 
_refine_hist.R_factor_R_free                  ? 
_refine_hist.R_factor_R_work                  ? 
_refine_hist.pdbx_number_residues_total       210 
_refine_hist.pdbx_B_iso_mean_ligand           78.81 
_refine_hist.pdbx_B_iso_mean_solvent          42.56 
_refine_hist.pdbx_number_atoms_protein        1648 
_refine_hist.pdbx_number_atoms_nucleic_acid   0 
_refine_hist.pdbx_number_atoms_ligand         9 
_refine_hist.pdbx_number_atoms_lipid          ? 
_refine_hist.pdbx_number_atoms_carb           ? 
_refine_hist.pdbx_pseudo_atom_details         ? 
# 
loop_
_refine_ls_restr_ncs.pdbx_refine_id 
_refine_ls_restr_ncs.dom_id 
_refine_ls_restr_ncs.ncs_model_details 
_refine_ls_restr_ncs.rms_dev_B_iso 
_refine_ls_restr_ncs.rms_dev_position 
_refine_ls_restr_ncs.weight_B_iso 
_refine_ls_restr_ncs.weight_position 
_refine_ls_restr_ncs.pdbx_ordinal 
_refine_ls_restr_ncs.pdbx_type 
_refine_ls_restr_ncs.pdbx_asym_id 
_refine_ls_restr_ncs.pdbx_auth_asym_id 
_refine_ls_restr_ncs.pdbx_number 
_refine_ls_restr_ncs.pdbx_rms 
_refine_ls_restr_ncs.pdbx_weight 
_refine_ls_restr_ncs.pdbx_ens_id 
'X-RAY DIFFRACTION' 1 ? ? ? ? ? 1 TORSIONAL ? A 578 14.868 ? 1 
'X-RAY DIFFRACTION' 2 ? ? ? ? ? 2 TORSIONAL ? B 578 14.868 ? 1 
# 
loop_
_refine_ls_shell.pdbx_refine_id 
_refine_ls_shell.d_res_high 
_refine_ls_shell.d_res_low 
_refine_ls_shell.number_reflns_all 
_refine_ls_shell.number_reflns_obs 
_refine_ls_shell.number_reflns_R_free 
_refine_ls_shell.number_reflns_R_work 
_refine_ls_shell.percent_reflns_obs 
_refine_ls_shell.percent_reflns_R_free 
_refine_ls_shell.R_factor_all 
_refine_ls_shell.R_factor_obs 
_refine_ls_shell.R_factor_R_free 
_refine_ls_shell.R_factor_R_free_error 
_refine_ls_shell.R_factor_R_work 
_refine_ls_shell.redundancy_reflns_all 
_refine_ls_shell.redundancy_reflns_obs 
_refine_ls_shell.wR_factor_all 
_refine_ls_shell.wR_factor_obs 
_refine_ls_shell.wR_factor_R_free 
_refine_ls_shell.wR_factor_R_work 
_refine_ls_shell.pdbx_R_complete 
_refine_ls_shell.pdbx_total_number_of_bins_used 
_refine_ls_shell.pdbx_phase_error 
_refine_ls_shell.pdbx_fsc_work 
_refine_ls_shell.pdbx_fsc_free 
'X-RAY DIFFRACTION' 2.8803 3.2965  . . 130 2246 98.0000 . . . 0.2852 0.0000 0.2106 . . . . . . . . . . . 
'X-RAY DIFFRACTION' 3.2965 4.1509  . . 122 2324 99.0000 . . . 0.2722 0.0000 0.1882 . . . . . . . . . . . 
'X-RAY DIFFRACTION' 4.1509 27.3410 . . 113 2470 99.0000 . . . 0.2321 0.0000 0.1909 . . . . . . . . . . . 
# 
loop_
_struct_ncs_dom.pdbx_ens_id 
_struct_ncs_dom.id 
_struct_ncs_dom.details 
1 1 '(chain A and (resid 1 through 54 or resid 56 through 82 or resid 90 through 105))' 
1 2 '(chain B and (resid 1 through 54 or resid 56 through 105))'                        
# 
loop_
_struct_ncs_dom_lim.pdbx_ens_id 
_struct_ncs_dom_lim.dom_id 
_struct_ncs_dom_lim.pdbx_component_id 
_struct_ncs_dom_lim.beg_label_asym_id 
_struct_ncs_dom_lim.beg_label_comp_id 
_struct_ncs_dom_lim.beg_label_seq_id 
_struct_ncs_dom_lim.beg_label_alt_id 
_struct_ncs_dom_lim.end_label_asym_id 
_struct_ncs_dom_lim.end_label_comp_id 
_struct_ncs_dom_lim.end_label_seq_id 
_struct_ncs_dom_lim.end_label_alt_id 
_struct_ncs_dom_lim.beg_auth_asym_id 
_struct_ncs_dom_lim.beg_auth_comp_id 
_struct_ncs_dom_lim.beg_auth_seq_id 
_struct_ncs_dom_lim.end_auth_asym_id 
_struct_ncs_dom_lim.end_auth_comp_id 
_struct_ncs_dom_lim.end_auth_seq_id 
_struct_ncs_dom_lim.pdbx_refine_code 
_struct_ncs_dom_lim.selection_details 
1 1 1 A MET 1  . A PHE 54  . A MET 1  A PHE 54  ? 
'(chain A and (resid 1 through 54 or resid 56 through 82 or resid 90 through 105))' 
1 1 2 A LYS 56 . A TYR 82  . A LYS 56 A TYR 82  ? 
'(chain A and (resid 1 through 54 or resid 56 through 82 or resid 90 through 105))' 
1 1 3 A VAL 90 . A PRO 105 . A VAL 90 A PRO 105 ? 
'(chain A and (resid 1 through 54 or resid 56 through 82 or resid 90 through 105))' 
1 2 1 B MET 1  . B PHE 54  . B MET 1  B PHE 54  ? '(chain B and (resid 1 through 54 or resid 56 through 105))' 
1 2 2 B LYS 56 . B PRO 105 . B LYS 56 B PRO 105 ? '(chain B and (resid 1 through 54 or resid 56 through 105))' 
# 
_struct_ncs_ens.id        1 
_struct_ncs_ens.details   ? 
# 
_struct.entry_id                     7D8J 
_struct.title                        'S. aureus SsbB with 5-FU' 
_struct.pdbx_model_details           ? 
_struct.pdbx_formula_weight          ? 
_struct.pdbx_formula_weight_method   ? 
_struct.pdbx_model_type_details      ? 
_struct.pdbx_CASP_flag               N 
# 
_struct_keywords.entry_id        7D8J 
_struct_keywords.text            'single-strand DNA binding protein, SsbA, DNA BINDING PROTEIN' 
_struct_keywords.pdbx_keywords   'DNA BINDING PROTEIN' 
# 
loop_
_struct_asym.id 
_struct_asym.pdbx_blank_PDB_chainid_flag 
_struct_asym.pdbx_modified 
_struct_asym.entity_id 
_struct_asym.details 
A N N 1 ? 
B N N 1 ? 
C N N 2 ? 
D N N 3 ? 
# 
loop_
_struct_conf.conf_type_id 
_struct_conf.id 
_struct_conf.pdbx_PDB_helix_id 
_struct_conf.beg_label_comp_id 
_struct_conf.beg_label_asym_id 
_struct_conf.beg_label_seq_id 
_struct_conf.pdbx_beg_PDB_ins_code 
_struct_conf.end_label_comp_id 
_struct_conf.end_label_asym_id 
_struct_conf.end_label_seq_id 
_struct_conf.pdbx_end_PDB_ins_code 
_struct_conf.beg_auth_comp_id 
_struct_conf.beg_auth_asym_id 
_struct_conf.beg_auth_seq_id 
_struct_conf.end_auth_comp_id 
_struct_conf.end_auth_asym_id 
_struct_conf.end_auth_seq_id 
_struct_conf.pdbx_PDB_helix_class 
_struct_conf.details 
_struct_conf.pdbx_PDB_helix_length 
HELX_P HELX_P1 AA1 THR A 36  ? ASN A 39  ? THR A 36  ASN A 39  5 ? 4  
HELX_P HELX_P2 AA2 LYS A 56  ? LEU A 65  ? LYS A 56  LEU A 65  1 ? 10 
HELX_P HELX_P3 AA3 ASN A 107 ? GLN A 112 ? ASN A 107 GLN A 112 1 ? 6  
HELX_P HELX_P4 AA4 LYS B 55  ? LEU B 65  ? LYS B 55  LEU B 65  1 ? 11 
# 
_struct_conf_type.id          HELX_P 
_struct_conf_type.criteria    ? 
_struct_conf_type.reference   ? 
# 
loop_
_struct_sheet.id 
_struct_sheet.type 
_struct_sheet.number_strands 
_struct_sheet.details 
AA1 ? 7 ? 
AA2 ? 7 ? 
# 
loop_
_struct_sheet_order.sheet_id 
_struct_sheet_order.range_id_1 
_struct_sheet_order.range_id_2 
_struct_sheet_order.offset 
_struct_sheet_order.sense 
AA1 1 2 ? anti-parallel 
AA1 2 3 ? anti-parallel 
AA1 3 4 ? parallel      
AA1 4 5 ? anti-parallel 
AA1 5 6 ? anti-parallel 
AA1 6 7 ? anti-parallel 
AA2 1 2 ? anti-parallel 
AA2 2 3 ? anti-parallel 
AA2 3 4 ? parallel      
AA2 4 5 ? anti-parallel 
AA2 5 6 ? anti-parallel 
AA2 6 7 ? anti-parallel 
# 
loop_
_struct_sheet_range.sheet_id 
_struct_sheet_range.id 
_struct_sheet_range.beg_label_comp_id 
_struct_sheet_range.beg_label_asym_id 
_struct_sheet_range.beg_label_seq_id 
_struct_sheet_range.pdbx_beg_PDB_ins_code 
_struct_sheet_range.end_label_comp_id 
_struct_sheet_range.end_label_asym_id 
_struct_sheet_range.end_label_seq_id 
_struct_sheet_range.pdbx_end_PDB_ins_code 
_struct_sheet_range.beg_auth_comp_id 
_struct_sheet_range.beg_auth_asym_id 
_struct_sheet_range.beg_auth_seq_id 
_struct_sheet_range.end_auth_comp_id 
_struct_sheet_range.end_auth_asym_id 
_struct_sheet_range.end_auth_seq_id 
AA1 1 GLU A 16 ? SER A 19  ? GLU A 16 SER A 19  
AA1 2 ASN A 25 ? ASN A 34  ? ASN A 25 ASN A 34  
AA1 3 ALA A 46 ? PHE A 54  ? ALA A 46 PHE A 54  
AA1 4 ARG A 89 ? GLU A 104 ? ARG A 89 GLU A 104 
AA1 5 LEU A 70 ? GLU A 83  ? LEU A 70 GLU A 83  
AA1 6 VAL A 5  ? LEU A 11  ? VAL A 5  LEU A 11  
AA1 7 ASN A 25 ? ASN A 34  ? ASN A 25 ASN A 34  
AA2 1 GLU B 16 ? SER B 19  ? GLU B 16 SER B 19  
AA2 2 ASN B 25 ? ASN B 34  ? ASN B 25 ASN B 34  
AA2 3 ALA B 46 ? PHE B 54  ? ALA B 46 PHE B 54  
AA2 4 VAL B 92 ? PHE B 102 ? VAL B 92 PHE B 102 
AA2 5 LEU B 70 ? ARG B 80  ? LEU B 70 ARG B 80  
AA2 6 VAL B 5  ? LEU B 11  ? VAL B 5  LEU B 11  
AA2 7 ASN B 25 ? ASN B 34  ? ASN B 25 ASN B 34  
# 
loop_
_pdbx_struct_sheet_hbond.sheet_id 
_pdbx_struct_sheet_hbond.range_id_1 
_pdbx_struct_sheet_hbond.range_id_2 
_pdbx_struct_sheet_hbond.range_1_label_atom_id 
_pdbx_struct_sheet_hbond.range_1_label_comp_id 
_pdbx_struct_sheet_hbond.range_1_label_asym_id 
_pdbx_struct_sheet_hbond.range_1_label_seq_id 
_pdbx_struct_sheet_hbond.range_1_PDB_ins_code 
_pdbx_struct_sheet_hbond.range_1_auth_atom_id 
_pdbx_struct_sheet_hbond.range_1_auth_comp_id 
_pdbx_struct_sheet_hbond.range_1_auth_asym_id 
_pdbx_struct_sheet_hbond.range_1_auth_seq_id 
_pdbx_struct_sheet_hbond.range_2_label_atom_id 
_pdbx_struct_sheet_hbond.range_2_label_comp_id 
_pdbx_struct_sheet_hbond.range_2_label_asym_id 
_pdbx_struct_sheet_hbond.range_2_label_seq_id 
_pdbx_struct_sheet_hbond.range_2_PDB_ins_code 
_pdbx_struct_sheet_hbond.range_2_auth_atom_id 
_pdbx_struct_sheet_hbond.range_2_auth_comp_id 
_pdbx_struct_sheet_hbond.range_2_auth_asym_id 
_pdbx_struct_sheet_hbond.range_2_auth_seq_id 
AA1 1 2 N ARG A 18 ? N ARG A 18 O VAL A 26 ? O VAL A 26 
AA1 2 3 N GLY A 27 ? N GLY A 27 O VAL A 53 ? O VAL A 53 
AA1 3 4 N ASN A 50 ? N ASN A 50 O VAL A 95 ? O VAL A 95 
AA1 4 5 O ASP A 98 ? O ASP A 98 N ASP A 74 ? N ASP A 74 
AA1 5 6 O ALA A 71 ? O ALA A 71 N GLY A 9  ? N GLY A 9  
AA1 6 7 N ARG A 10 ? N ARG A 10 O ALA A 32 ? O ALA A 32 
AA2 1 2 N ARG B 18 ? N ARG B 18 O VAL B 26 ? O VAL B 26 
AA2 2 3 N VAL B 33 ? N VAL B 33 O ASP B 47 ? O ASP B 47 
AA2 3 4 N VAL B 52 ? N VAL B 52 O ALA B 97 ? O ALA B 97 
AA2 4 5 O VAL B 92 ? O VAL B 92 N ARG B 80 ? N ARG B 80 
AA2 5 6 O ALA B 71 ? O ALA B 71 N GLY B 9  ? N GLY B 9  
AA2 6 7 N ARG B 10 ? N ARG B 10 O ALA B 32 ? O ALA B 32 
# 
_struct_site.id                   AC1 
_struct_site.pdbx_evidence_code   Software 
_struct_site.pdbx_auth_asym_id    B 
_struct_site.pdbx_auth_comp_id    URF 
_struct_site.pdbx_auth_seq_id     301 
_struct_site.pdbx_auth_ins_code   ? 
_struct_site.pdbx_num_residues    2 
_struct_site.details              'binding site for residue URF B 301' 
# 
loop_
_struct_site_gen.id 
_struct_site_gen.site_id 
_struct_site_gen.pdbx_num_res 
_struct_site_gen.label_comp_id 
_struct_site_gen.label_asym_id 
_struct_site_gen.label_seq_id 
_struct_site_gen.pdbx_auth_ins_code 
_struct_site_gen.auth_comp_id 
_struct_site_gen.auth_asym_id 
_struct_site_gen.auth_seq_id 
_struct_site_gen.label_atom_id 
_struct_site_gen.label_alt_id 
_struct_site_gen.symmetry 
_struct_site_gen.details 
1 AC1 2 THR B 12 ? THR B 12 . ? 1_555 ? 
2 AC1 2 LYS B 13 ? LYS B 13 . ? 1_555 ? 
# 
_atom_sites.entry_id                    7D8J 
_atom_sites.Cartn_transf_matrix[1][1]   ? 
_atom_sites.Cartn_transf_matrix[1][2]   ? 
_atom_sites.Cartn_transf_matrix[1][3]   ? 
_atom_sites.Cartn_transf_matrix[2][1]   ? 
_atom_sites.Cartn_transf_matrix[2][2]   ? 
_atom_sites.Cartn_transf_matrix[2][3]   ? 
_atom_sites.Cartn_transf_matrix[3][1]   ? 
_atom_sites.Cartn_transf_matrix[3][2]   ? 
_atom_sites.Cartn_transf_matrix[3][3]   ? 
_atom_sites.Cartn_transf_vector[1]      ? 
_atom_sites.Cartn_transf_vector[2]      ? 
_atom_sites.Cartn_transf_vector[3]      ? 
_atom_sites.fract_transf_matrix[1][1]   0.00141478 
_atom_sites.fract_transf_matrix[1][2]   0.00710096 
_atom_sites.fract_transf_matrix[1][3]   -0.00678623 
_atom_sites.fract_transf_matrix[2][1]   -0.00007244 
_atom_sites.fract_transf_matrix[2][2]   0.00954385 
_atom_sites.fract_transf_matrix[2][3]   0.00271581 
_atom_sites.fract_transf_matrix[3][1]   0.01254985 
_atom_sites.fract_transf_matrix[3][2]   -0.00050029 
_atom_sites.fract_transf_matrix[3][3]   0.00209288 
_atom_sites.fract_transf_vector[1]      -0.459683 
_atom_sites.fract_transf_vector[2]      -0.275517 
_atom_sites.fract_transf_vector[3]      -0.065793 
_atom_sites.solution_primary            ? 
_atom_sites.solution_secondary          ? 
_atom_sites.solution_hydrogens          ? 
_atom_sites.special_details             ? 
# 
loop_
_atom_type.symbol 
C 
F 
N 
O 
S 
# 
loop_
_atom_site.group_PDB 
_atom_site.id 
_atom_site.type_symbol 
_atom_site.label_atom_id 
_atom_site.label_alt_id 
_atom_site.label_comp_id 
_atom_site.label_asym_id 
_atom_site.label_entity_id 
_atom_site.label_seq_id 
_atom_site.pdbx_PDB_ins_code 
_atom_site.Cartn_x 
_atom_site.Cartn_y 
_atom_site.Cartn_z 
_atom_site.occupancy 
_atom_site.B_iso_or_equiv 
_atom_site.pdbx_formal_charge 
_atom_site.auth_seq_id 
_atom_site.auth_comp_id 
_atom_site.auth_asym_id 
_atom_site.auth_atom_id 
_atom_site.pdbx_PDB_model_num 
ATOM   1    N N   . MET A 1 1   ? -22.270 1.661   1.849   1.00 29.52  ? 1   MET A N   1 
ATOM   2    C CA  . MET A 1 1   ? -21.523 2.691   2.567   1.00 29.61  ? 1   MET A CA  1 
ATOM   3    C C   . MET A 1 1   ? -20.018 2.554   2.397   1.00 26.00  ? 1   MET A C   1 
ATOM   4    O O   . MET A 1 1   ? -19.517 1.449   2.181   1.00 32.31  ? 1   MET A O   1 
ATOM   5    C CB  . MET A 1 1   ? -21.892 2.652   4.039   1.00 27.91  ? 1   MET A CB  1 
ATOM   6    C CG  . MET A 1 1   ? -23.337 3.075   4.264   1.00 31.82  ? 1   MET A CG  1 
ATOM   7    S SD  . MET A 1 1   ? -23.885 2.960   5.978   1.00 41.81  ? 1   MET A SD  1 
ATOM   8    C CE  . MET A 1 1   ? -25.087 4.290   5.956   1.00 38.48  ? 1   MET A CE  1 
ATOM   9    N N   . LEU A 1 2   ? -19.294 3.662   2.535   1.00 21.80  ? 2   LEU A N   1 
ATOM   10   C CA  . LEU A 1 2   ? -17.862 3.644   2.256   1.00 22.16  ? 2   LEU A CA  1 
ATOM   11   C C   . LEU A 1 2   ? -17.125 2.736   3.216   1.00 21.22  ? 2   LEU A C   1 
ATOM   12   O O   . LEU A 1 2   ? -17.347 2.756   4.425   1.00 24.14  ? 2   LEU A O   1 
ATOM   13   C CB  . LEU A 1 2   ? -17.254 5.039   2.337   1.00 21.67  ? 2   LEU A CB  1 
ATOM   14   C CG  . LEU A 1 2   ? -17.834 6.125   1.438   1.00 29.06  ? 2   LEU A CG  1 
ATOM   15   C CD1 . LEU A 1 2   ? -16.894 7.286   1.468   1.00 32.20  ? 2   LEU A CD1 1 
ATOM   16   C CD2 . LEU A 1 2   ? -18.106 5.683   -0.009  1.00 28.75  ? 2   LEU A CD2 1 
ATOM   17   N N   . ASN A 1 3   ? -16.199 1.975   2.666   1.00 21.33  ? 3   ASN A N   1 
ATOM   18   C CA  . ASN A 1 3   ? -15.466 0.998   3.443   1.00 19.63  ? 3   ASN A CA  1 
ATOM   19   C C   . ASN A 1 3   ? -14.228 0.673   2.620   1.00 17.99  ? 3   ASN A C   1 
ATOM   20   O O   . ASN A 1 3   ? -14.291 -0.153  1.712   1.00 20.97  ? 3   ASN A O   1 
ATOM   21   C CB  . ASN A 1 3   ? -16.334 -0.222  3.664   1.00 26.10  ? 3   ASN A CB  1 
ATOM   22   C CG  . ASN A 1 3   ? -15.740 -1.208  4.618   1.00 25.08  ? 3   ASN A CG  1 
ATOM   23   O OD1 . ASN A 1 3   ? -14.517 -1.323  4.759   1.00 22.46  ? 3   ASN A OD1 1 
ATOM   24   N ND2 . ASN A 1 3   ? -16.609 -1.943  5.281   1.00 21.56  ? 3   ASN A ND2 1 
ATOM   25   N N   . ARG A 1 4   ? -13.112 1.287   2.966   1.00 21.07  ? 4   ARG A N   1 
ATOM   26   C CA  . ARG A 1 4   ? -11.910 1.088   2.179   1.00 18.91  ? 4   ARG A CA  1 
ATOM   27   C C   . ARG A 1 4   ? -10.715 0.878   3.085   1.00 15.92  ? 4   ARG A C   1 
ATOM   28   O O   . ARG A 1 4   ? -10.525 1.630   4.034   1.00 18.31  ? 4   ARG A O   1 
ATOM   29   C CB  . ARG A 1 4   ? -11.643 2.276   1.285   1.00 18.87  ? 4   ARG A CB  1 
ATOM   30   C CG  . ARG A 1 4   ? -10.884 1.852   0.089   1.00 25.90  ? 4   ARG A CG  1 
ATOM   31   C CD  . ARG A 1 4   ? -11.888 1.164   -0.768  1.00 36.56  ? 4   ARG A CD  1 
ATOM   32   N NE  . ARG A 1 4   ? -11.339 0.041   -1.498  1.00 38.73  ? 4   ARG A NE  1 
ATOM   33   C CZ  . ARG A 1 4   ? -12.075 -0.682  -2.324  1.00 44.18  ? 4   ARG A CZ  1 
ATOM   34   N NH1 . ARG A 1 4   ? -13.357 -0.356  -2.478  1.00 42.18  ? 4   ARG A NH1 1 
ATOM   35   N NH2 . ARG A 1 4   ? -11.538 -1.704  -2.988  1.00 44.11  ? 4   ARG A NH2 1 
ATOM   36   N N   . VAL A 1 5   ? -9.895  -0.114  2.765   1.00 17.14  ? 5   VAL A N   1 
ATOM   37   C CA  . VAL A 1 5   ? -8.648  -0.395  3.476   1.00 17.10  ? 5   VAL A CA  1 
ATOM   38   C C   . VAL A 1 5   ? -7.492  -0.461  2.482   1.00 18.00  ? 5   VAL A C   1 
ATOM   39   O O   . VAL A 1 5   ? -7.593  -1.090  1.423   1.00 22.12  ? 5   VAL A O   1 
ATOM   40   C CB  . VAL A 1 5   ? -8.706  -1.721  4.254   1.00 14.41  ? 5   VAL A CB  1 
ATOM   41   C CG1 . VAL A 1 5   ? -7.571  -1.760  5.228   1.00 16.40  ? 5   VAL A CG1 1 
ATOM   42   C CG2 . VAL A 1 5   ? -10.016 -1.867  4.942   1.00 21.71  ? 5   VAL A CG2 1 
ATOM   43   N N   . VAL A 1 6   ? -6.383  0.160   2.820   1.00 16.33  ? 6   VAL A N   1 
ATOM   44   C CA  . VAL A 1 6   ? -5.188  0.006   2.011   1.00 20.11  ? 6   VAL A CA  1 
ATOM   45   C C   . VAL A 1 6   ? -4.041  -0.335  2.934   1.00 18.75  ? 6   VAL A C   1 
ATOM   46   O O   . VAL A 1 6   ? -3.820  0.357   3.932   1.00 20.28  ? 6   VAL A O   1 
ATOM   47   C CB  . VAL A 1 6   ? -4.860  1.262   1.185   1.00 20.19  ? 6   VAL A CB  1 
ATOM   48   C CG1 . VAL A 1 6   ? -3.713  0.945   0.292   1.00 21.14  ? 6   VAL A CG1 1 
ATOM   49   C CG2 . VAL A 1 6   ? -6.034  1.673   0.358   1.00 15.03  ? 6   VAL A CG2 1 
ATOM   50   N N   . LEU A 1 7   ? -3.309  -1.387  2.594   1.00 18.78  ? 7   LEU A N   1 
ATOM   51   C CA  . LEU A 1 7   ? -2.233  -1.887  3.430   1.00 19.14  ? 7   LEU A CA  1 
ATOM   52   C C   . LEU A 1 7   ? -1.025  -2.208  2.573   1.00 19.97  ? 7   LEU A C   1 
ATOM   53   O O   . LEU A 1 7   ? -1.146  -2.572  1.403   1.00 19.21  ? 7   LEU A O   1 
ATOM   54   C CB  . LEU A 1 7   ? -2.613  -3.163  4.206   1.00 16.75  ? 7   LEU A CB  1 
ATOM   55   C CG  . LEU A 1 7   ? -3.824  -3.131  5.126   1.00 19.22  ? 7   LEU A CG  1 
ATOM   56   C CD1 . LEU A 1 7   ? -4.034  -4.492  5.760   1.00 21.45  ? 7   LEU A CD1 1 
ATOM   57   C CD2 . LEU A 1 7   ? -3.651  -2.062  6.179   1.00 21.03  ? 7   LEU A CD2 1 
ATOM   58   N N   . VAL A 1 8   ? 0.146   -2.073  3.183   1.00 22.15  ? 8   VAL A N   1 
ATOM   59   C CA  . VAL A 1 8   ? 1.383   -2.624  2.664   1.00 18.47  ? 8   VAL A CA  1 
ATOM   60   C C   . VAL A 1 8   ? 2.089   -3.291  3.826   1.00 21.85  ? 8   VAL A C   1 
ATOM   61   O O   . VAL A 1 8   ? 2.440   -2.621  4.795   1.00 26.98  ? 8   VAL A O   1 
ATOM   62   C CB  . VAL A 1 8   ? 2.281   -1.546  2.063   1.00 21.92  ? 8   VAL A CB  1 
ATOM   63   C CG1 . VAL A 1 8   ? 3.511   -2.171  1.537   1.00 26.03  ? 8   VAL A CG1 1 
ATOM   64   C CG2 . VAL A 1 8   ? 1.546   -0.784  0.999   1.00 25.23  ? 8   VAL A CG2 1 
ATOM   65   N N   . GLY A 1 9   ? 2.329   -4.587  3.726   1.00 24.22  ? 9   GLY A N   1 
ATOM   66   C CA  . GLY A 1 9   ? 3.046   -5.288  4.764   1.00 21.18  ? 9   GLY A CA  1 
ATOM   67   C C   . GLY A 1 9   ? 3.698   -6.521  4.191   1.00 21.60  ? 9   GLY A C   1 
ATOM   68   O O   . GLY A 1 9   ? 3.694   -6.738  2.979   1.00 24.03  ? 9   GLY A O   1 
ATOM   69   N N   . ARG A 1 10  ? 4.230   -7.355  5.075   1.00 20.87  ? 10  ARG A N   1 
ATOM   70   C CA  . ARG A 1 10  ? 4.904   -8.574  4.647   1.00 23.78  ? 10  ARG A CA  1 
ATOM   71   C C   . ARG A 1 10  ? 4.152   -9.772  5.170   1.00 19.88  ? 10  ARG A C   1 
ATOM   72   O O   . ARG A 1 10  ? 3.627   -9.736  6.274   1.00 23.03  ? 10  ARG A O   1 
ATOM   73   C CB  . ARG A 1 10  ? 6.357   -8.605  5.115   1.00 19.92  ? 10  ARG A CB  1 
ATOM   74   C CG  . ARG A 1 10  ? 7.033   -7.341  4.725   1.00 27.70  ? 10  ARG A CG  1 
ATOM   75   C CD  . ARG A 1 10  ? 8.484   -7.387  4.893   1.00 29.89  ? 10  ARG A CD  1 
ATOM   76   N NE  . ARG A 1 10  ? 9.145   -7.717  3.641   1.00 34.45  ? 10  ARG A NE  1 
ATOM   77   C CZ  . ARG A 1 10  ? 10.006  -6.928  3.013   1.00 30.82  ? 10  ARG A CZ  1 
ATOM   78   N NH1 . ARG A 1 10  ? 10.331  -5.744  3.513   1.00 29.49  ? 10  ARG A NH1 1 
ATOM   79   N NH2 . ARG A 1 10  ? 10.542  -7.344  1.889   1.00 35.96  ? 10  ARG A NH2 1 
ATOM   80   N N   . LEU A 1 11  ? 4.114   -10.830 4.377   1.00 20.16  ? 11  LEU A N   1 
ATOM   81   C CA  . LEU A 1 11  ? 3.412   -12.041 4.775   1.00 24.12  ? 11  LEU A CA  1 
ATOM   82   C C   . LEU A 1 11  ? 4.180   -12.780 5.862   1.00 27.29  ? 11  LEU A C   1 
ATOM   83   O O   . LEU A 1 11  ? 5.403   -12.928 5.794   1.00 26.54  ? 11  LEU A O   1 
ATOM   84   C CB  . LEU A 1 11  ? 3.212   -12.962 3.574   1.00 26.44  ? 11  LEU A CB  1 
ATOM   85   C CG  . LEU A 1 11  ? 2.097   -12.653 2.584   1.00 25.13  ? 11  LEU A CG  1 
ATOM   86   C CD1 . LEU A 1 11  ? 2.484   -11.496 1.709   1.00 26.90  ? 11  LEU A CD1 1 
ATOM   87   C CD2 . LEU A 1 11  ? 1.828   -13.869 1.750   1.00 26.42  ? 11  LEU A CD2 1 
ATOM   88   N N   . THR A 1 12  ? 3.441   -13.272 6.860   1.00 28.01  ? 12  THR A N   1 
ATOM   89   C CA  . THR A 1 12  ? 4.055   -13.986 7.974   1.00 27.20  ? 12  THR A CA  1 
ATOM   90   C C   . THR A 1 12  ? 4.290   -15.464 7.668   1.00 31.48  ? 12  THR A C   1 
ATOM   91   O O   . THR A 1 12  ? 5.260   -16.041 8.168   1.00 37.02  ? 12  THR A O   1 
ATOM   92   C CB  . THR A 1 12  ? 3.206   -13.824 9.231   1.00 27.40  ? 12  THR A CB  1 
ATOM   93   O OG1 . THR A 1 12  ? 1.918   -14.405 9.023   1.00 36.44  ? 12  THR A OG1 1 
ATOM   94   C CG2 . THR A 1 12  ? 3.045   -12.360 9.571   1.00 23.18  ? 12  THR A CG2 1 
ATOM   95   N N   . LYS A 1 13  ? 3.409   -16.097 6.892   1.00 33.07  ? 13  LYS A N   1 
ATOM   96   C CA  . LYS A 1 13  ? 3.563   -17.466 6.411   1.00 29.35  ? 13  LYS A CA  1 
ATOM   97   C C   . LYS A 1 13  ? 3.290   -17.483 4.919   1.00 29.62  ? 13  LYS A C   1 
ATOM   98   O O   . LYS A 1 13  ? 2.988   -16.464 4.302   1.00 31.62  ? 13  LYS A O   1 
ATOM   99   C CB  . LYS A 1 13  ? 2.594   -18.449 7.085   1.00 29.30  ? 13  LYS A CB  1 
ATOM   100  C CG  . LYS A 1 13  ? 2.405   -18.308 8.588   1.00 37.71  ? 13  LYS A CG  1 
ATOM   101  C CD  . LYS A 1 13  ? 0.949   -18.654 8.994   1.00 52.43  ? 13  LYS A CD  1 
ATOM   102  C CE  . LYS A 1 13  ? 0.002   -17.420 9.013   1.00 48.04  ? 13  LYS A CE  1 
ATOM   103  N NZ  . LYS A 1 13  ? -1.398  -17.725 8.546   1.00 48.14  ? 13  LYS A NZ  1 
ATOM   104  N N   . ASP A 1 14  ? 3.382   -18.620 4.352   1.00 34.86  ? 14  ASP A N   1 
ATOM   105  C CA  . ASP A 1 14  ? 2.989   -18.717 2.966   1.00 31.18  ? 14  ASP A CA  1 
ATOM   106  C C   . ASP A 1 14  ? 1.475   -18.759 2.910   1.00 31.57  ? 14  ASP A C   1 
ATOM   107  O O   . ASP A 1 14  ? 0.833   -19.268 3.827   1.00 37.36  ? 14  ASP A O   1 
ATOM   108  C CB  . ASP A 1 14  ? 3.582   -19.965 2.335   1.00 34.37  ? 14  ASP A CB  1 
ATOM   109  C CG  . ASP A 1 14  ? 5.092   -20.061 2.549   1.00 48.79  ? 14  ASP A CG  1 
ATOM   110  O OD1 . ASP A 1 14  ? 5.500   -20.621 3.611   1.00 50.39  ? 14  ASP A OD1 1 
ATOM   111  O OD2 . ASP A 1 14  ? 5.864   -19.562 1.678   1.00 43.73  ? 14  ASP A OD2 1 
ATOM   112  N N   . PRO A 1 15  ? 0.876   -18.185 1.882   1.00 30.99  ? 15  PRO A N   1 
ATOM   113  C CA  . PRO A 1 15  ? -0.585  -18.195 1.802   1.00 30.54  ? 15  PRO A CA  1 
ATOM   114  C C   . PRO A 1 15  ? -1.119  -19.613 1.707   1.00 34.93  ? 15  PRO A C   1 
ATOM   115  O O   . PRO A 1 15  ? -0.504  -20.490 1.104   1.00 38.08  ? 15  PRO A O   1 
ATOM   116  C CB  . PRO A 1 15  ? -0.880  -17.397 0.529   1.00 35.17  ? 15  PRO A CB  1 
ATOM   117  C CG  . PRO A 1 15  ? 0.400   -17.394 -0.257  1.00 35.71  ? 15  PRO A CG  1 
ATOM   118  C CD  . PRO A 1 15  ? 1.497   -17.439 0.777   1.00 32.44  ? 15  PRO A CD  1 
ATOM   119  N N   . GLU A 1 16  ? -2.259  -19.833 2.340   1.00 40.73  ? 16  GLU A N   1 
ATOM   120  C CA  . GLU A 1 16  ? -3.016  -21.068 2.235   1.00 40.39  ? 16  GLU A CA  1 
ATOM   121  C C   . GLU A 1 16  ? -4.165  -20.895 1.249   1.00 39.68  ? 16  GLU A C   1 
ATOM   122  O O   . GLU A 1 16  ? -4.684  -19.797 1.054   1.00 39.72  ? 16  GLU A O   1 
ATOM   123  C CB  . GLU A 1 16  ? -3.569  -21.469 3.591   1.00 43.35  ? 16  GLU A CB  1 
ATOM   124  C CG  . GLU A 1 16  ? -2.583  -21.232 4.712   1.00 54.64  ? 16  GLU A CG  1 
ATOM   125  C CD  . GLU A 1 16  ? -3.093  -21.728 6.061   1.00 75.52  ? 16  GLU A CD  1 
ATOM   126  O OE1 . GLU A 1 16  ? -4.180  -22.358 6.097   1.00 71.55  ? 16  GLU A OE1 1 
ATOM   127  O OE2 . GLU A 1 16  ? -2.410  -21.475 7.086   1.00 79.15  ? 16  GLU A OE2 1 
ATOM   128  N N   . LEU A 1 17  ? -4.569  -21.990 0.623   1.00 45.30  ? 17  LEU A N   1 
ATOM   129  C CA  . LEU A 1 17  ? -5.680  -21.942 -0.320  1.00 38.87  ? 17  LEU A CA  1 
ATOM   130  C C   . LEU A 1 17  ? -6.565  -23.139 -0.048  1.00 41.92  ? 17  LEU A C   1 
ATOM   131  O O   . LEU A 1 17  ? -6.177  -24.271 -0.311  1.00 52.95  ? 17  LEU A O   1 
ATOM   132  C CB  . LEU A 1 17  ? -5.186  -21.946 -1.757  1.00 41.20  ? 17  LEU A CB  1 
ATOM   133  C CG  . LEU A 1 17  ? -6.304  -21.777 -2.778  1.00 49.58  ? 17  LEU A CG  1 
ATOM   134  C CD1 . LEU A 1 17  ? -5.926  -20.701 -3.767  1.00 54.78  ? 17  LEU A CD1 1 
ATOM   135  C CD2 . LEU A 1 17  ? -6.573  -23.070 -3.498  1.00 61.78  ? 17  LEU A CD2 1 
ATOM   136  N N   . ARG A 1 18  ? -7.739  -22.892 0.491   1.00 46.80  ? 18  ARG A N   1 
ATOM   137  C CA  . ARG A 1 18  ? -8.700  -23.929 0.790   1.00 41.26  ? 18  ARG A CA  1 
ATOM   138  C C   . ARG A 1 18  ? -9.761  -23.905 -0.281  1.00 46.30  ? 18  ARG A C   1 
ATOM   139  O O   . ARG A 1 18  ? -9.726  -23.102 -1.212  1.00 44.36  ? 18  ARG A O   1 
ATOM   140  C CB  . ARG A 1 18  ? -9.337  -23.717 2.164   1.00 44.38  ? 18  ARG A CB  1 
ATOM   141  C CG  . ARG A 1 18  ? -8.790  -24.598 3.259   1.00 51.32  ? 18  ARG A CG  1 
ATOM   142  C CD  . ARG A 1 18  ? -7.291  -24.733 3.134   1.00 50.68  ? 18  ARG A CD  1 
ATOM   143  N NE  . ARG A 1 18  ? -6.642  -24.965 4.419   1.00 50.95  ? 18  ARG A NE  1 
ATOM   144  C CZ  . ARG A 1 18  ? -5.335  -25.166 4.555   1.00 65.11  ? 18  ARG A CZ  1 
ATOM   145  N NH1 . ARG A 1 18  ? -4.541  -25.171 3.479   1.00 60.55  ? 18  ARG A NH1 1 
ATOM   146  N NH2 . ARG A 1 18  ? -4.822  -25.370 5.762   1.00 70.50  ? 18  ARG A NH2 1 
ATOM   147  N N   . SER A 1 19  ? -10.732 -24.797 -0.133  1.00 63.11  ? 19  SER A N   1 
ATOM   148  C CA  . SER A 1 19  ? -11.874 -24.818 -1.027  1.00 64.98  ? 19  SER A CA  1 
ATOM   149  C C   . SER A 1 19  ? -13.061 -25.418 -0.295  1.00 66.65  ? 19  SER A C   1 
ATOM   150  O O   . SER A 1 19  ? -12.898 -26.196 0.650   1.00 65.85  ? 19  SER A O   1 
ATOM   151  C CB  . SER A 1 19  ? -11.568 -25.620 -2.298  1.00 54.46  ? 19  SER A CB  1 
ATOM   152  O OG  . SER A 1 19  ? -12.305 -25.102 -3.382  1.00 67.00  ? 19  SER A OG  1 
ATOM   153  N N   . THR A 1 20  ? -14.239 -24.992 -0.692  1.00 74.44  ? 20  THR A N   1 
ATOM   154  C CA  . THR A 1 20  ? -15.481 -25.577 -0.227  1.00 76.56  ? 20  THR A CA  1 
ATOM   155  C C   . THR A 1 20  ? -16.096 -26.428 -1.334  1.00 77.34  ? 20  THR A C   1 
ATOM   156  O O   . THR A 1 20  ? -15.880 -26.153 -2.519  1.00 78.83  ? 20  THR A O   1 
ATOM   157  C CB  . THR A 1 20  ? -16.493 -24.508 0.196   1.00 76.54  ? 20  THR A CB  1 
ATOM   158  O OG1 . THR A 1 20  ? -17.749 -25.141 0.452   1.00 76.86  ? 20  THR A OG1 1 
ATOM   159  C CG2 . THR A 1 20  ? -16.661 -23.445 -0.902  1.00 69.12  ? 20  THR A CG2 1 
ATOM   160  N N   . PRO A 1 21  ? -16.856 -27.466 -0.994  1.00 83.80  ? 21  PRO A N   1 
ATOM   161  C CA  . PRO A 1 21  ? -17.612 -28.186 -2.032  1.00 83.86  ? 21  PRO A CA  1 
ATOM   162  C C   . PRO A 1 21  ? -18.525 -27.283 -2.858  1.00 83.20  ? 21  PRO A C   1 
ATOM   163  O O   . PRO A 1 21  ? -18.949 -27.691 -3.945  1.00 89.21  ? 21  PRO A O   1 
ATOM   164  C CB  . PRO A 1 21  ? -18.386 -29.238 -1.228  1.00 79.57  ? 21  PRO A CB  1 
ATOM   165  C CG  . PRO A 1 21  ? -17.440 -29.580 -0.122  1.00 76.32  ? 21  PRO A CG  1 
ATOM   166  C CD  . PRO A 1 21  ? -16.766 -28.253 0.251   1.00 85.29  ? 21  PRO A CD  1 
ATOM   167  N N   . ASN A 1 22  ? -18.819 -26.058 -2.387  1.00 82.29  ? 22  ASN A N   1 
ATOM   168  C CA  . ASN A 1 22  ? -19.503 -25.079 -3.236  1.00 85.03  ? 22  ASN A CA  1 
ATOM   169  C C   . ASN A 1 22  ? -18.640 -24.682 -4.437  1.00 83.26  ? 22  ASN A C   1 
ATOM   170  O O   . ASN A 1 22  ? -19.122 -23.990 -5.342  1.00 72.53  ? 22  ASN A O   1 
ATOM   171  C CB  . ASN A 1 22  ? -19.882 -23.822 -2.420  1.00 82.61  ? 22  ASN A CB  1 
ATOM   172  C CG  . ASN A 1 22  ? -21.384 -23.454 -2.523  1.00 85.88  ? 22  ASN A CG  1 
ATOM   173  O OD1 . ASN A 1 22  ? -22.268 -24.305 -2.364  1.00 88.91  ? 22  ASN A OD1 1 
ATOM   174  N ND2 . ASN A 1 22  ? -21.664 -22.176 -2.774  1.00 80.53  ? 22  ASN A ND2 1 
ATOM   175  N N   . GLY A 1 23  ? -17.379 -25.109 -4.454  1.00 83.21  ? 23  GLY A N   1 
ATOM   176  C CA  . GLY A 1 23  ? -16.528 -25.009 -5.616  1.00 80.35  ? 23  GLY A CA  1 
ATOM   177  C C   . GLY A 1 23  ? -15.790 -23.710 -5.778  1.00 75.19  ? 23  GLY A C   1 
ATOM   178  O O   . GLY A 1 23  ? -15.277 -23.443 -6.871  1.00 80.81  ? 23  GLY A O   1 
ATOM   179  N N   . VAL A 1 24  ? -15.706 -22.891 -4.741  1.00 73.26  ? 24  VAL A N   1 
ATOM   180  C CA  . VAL A 1 24  ? -14.998 -21.624 -4.835  1.00 70.72  ? 24  VAL A CA  1 
ATOM   181  C C   . VAL A 1 24  ? -13.740 -21.705 -3.985  1.00 70.62  ? 24  VAL A C   1 
ATOM   182  O O   . VAL A 1 24  ? -13.758 -22.270 -2.882  1.00 70.04  ? 24  VAL A O   1 
ATOM   183  C CB  . VAL A 1 24  ? -15.889 -20.435 -4.434  1.00 66.49  ? 24  VAL A CB  1 
ATOM   184  C CG1 . VAL A 1 24  ? -16.107 -20.397 -2.933  1.00 63.81  ? 24  VAL A CG1 1 
ATOM   185  C CG2 . VAL A 1 24  ? -15.298 -19.135 -4.964  1.00 65.51  ? 24  VAL A CG2 1 
ATOM   186  N N   . ASN A 1 25  ? -12.636 -21.209 -4.540  1.00 66.42  ? 25  ASN A N   1 
ATOM   187  C CA  . ASN A 1 25  ? -11.372 -21.196 -3.823  1.00 58.08  ? 25  ASN A CA  1 
ATOM   188  C C   . ASN A 1 25  ? -11.262 -19.954 -2.949  1.00 50.80  ? 25  ASN A C   1 
ATOM   189  O O   . ASN A 1 25  ? -11.558 -18.841 -3.400  1.00 44.35  ? 25  ASN A O   1 
ATOM   190  C CB  . ASN A 1 25  ? -10.205 -21.224 -4.795  1.00 69.98  ? 25  ASN A CB  1 
ATOM   191  C CG  . ASN A 1 25  ? -10.354 -22.270 -5.863  1.00 81.40  ? 25  ASN A CG  1 
ATOM   192  O OD1 . ASN A 1 25  ? -9.751  -23.348 -5.762  1.00 85.14  ? 25  ASN A OD1 1 
ATOM   193  N ND2 . ASN A 1 25  ? -11.152 -21.975 -6.894  1.00 76.87  ? 25  ASN A ND2 1 
ATOM   194  N N   . VAL A 1 26  ? -10.779 -20.142 -1.723  1.00 44.87  ? 26  VAL A N   1 
ATOM   195  C CA  . VAL A 1 26  ? -10.640 -19.079 -0.752  1.00 36.28  ? 26  VAL A CA  1 
ATOM   196  C C   . VAL A 1 26  ? -9.195  -19.044 -0.269  1.00 36.90  ? 26  VAL A C   1 
ATOM   197  O O   . VAL A 1 26  ? -8.758  -19.929 0.474   1.00 35.99  ? 26  VAL A O   1 
ATOM   198  C CB  . VAL A 1 26  ? -11.607 -19.267 0.411   1.00 43.04  ? 26  VAL A CB  1 
ATOM   199  C CG1 . VAL A 1 26  ? -11.322 -18.238 1.508   1.00 37.49  ? 26  VAL A CG1 1 
ATOM   200  C CG2 . VAL A 1 26  ? -13.026 -19.140 -0.096  1.00 47.79  ? 26  VAL A CG2 1 
ATOM   201  N N   . GLY A 1 27  ? -8.458  -18.017 -0.680  1.00 37.87  ? 27  GLY A N   1 
ATOM   202  C CA  . GLY A 1 27  ? -7.110  -17.796 -0.171  1.00 35.85  ? 27  GLY A CA  1 
ATOM   203  C C   . GLY A 1 27  ? -7.085  -16.889 1.054   1.00 30.30  ? 27  GLY A C   1 
ATOM   204  O O   . GLY A 1 27  ? -7.847  -15.930 1.155   1.00 29.22  ? 27  GLY A O   1 
ATOM   205  N N   . THR A 1 28  ? -6.193  -17.213 1.991   1.00 27.48  ? 28  THR A N   1 
ATOM   206  C CA  . THR A 1 28  ? -5.983  -16.419 3.197   1.00 32.34  ? 28  THR A CA  1 
ATOM   207  C C   . THR A 1 28  ? -4.486  -16.206 3.445   1.00 28.98  ? 28  THR A C   1 
ATOM   208  O O   . THR A 1 28  ? -3.659  -17.049 3.085   1.00 33.27  ? 28  THR A O   1 
ATOM   209  C CB  . THR A 1 28  ? -6.629  -17.091 4.447   1.00 31.91  ? 28  THR A CB  1 
ATOM   210  O OG1 . THR A 1 28  ? -5.800  -18.166 4.901   1.00 41.52  ? 28  THR A OG1 1 
ATOM   211  C CG2 . THR A 1 28  ? -7.978  -17.649 4.132   1.00 30.25  ? 28  THR A CG2 1 
ATOM   212  N N   . PHE A 1 29  ? -4.145  -15.062 4.044   1.00 20.28  ? 29  PHE A N   1 
ATOM   213  C CA  . PHE A 1 29  ? -2.792  -14.809 4.534   1.00 21.26  ? 29  PHE A CA  1 
ATOM   214  C C   . PHE A 1 29  ? -2.822  -13.678 5.551   1.00 23.67  ? 29  PHE A C   1 
ATOM   215  O O   . PHE A 1 29  ? -3.770  -12.899 5.624   1.00 27.70  ? 29  PHE A O   1 
ATOM   216  C CB  . PHE A 1 29  ? -1.778  -14.504 3.414   1.00 18.48  ? 29  PHE A CB  1 
ATOM   217  C CG  . PHE A 1 29  ? -2.173  -13.406 2.485   1.00 21.74  ? 29  PHE A CG  1 
ATOM   218  C CD1 . PHE A 1 29  ? -3.017  -13.645 1.421   1.00 23.42  ? 29  PHE A CD1 1 
ATOM   219  C CD2 . PHE A 1 29  ? -1.663  -12.134 2.639   1.00 24.47  ? 29  PHE A CD2 1 
ATOM   220  C CE1 . PHE A 1 29  ? -3.372  -12.616 0.543   1.00 23.63  ? 29  PHE A CE1 1 
ATOM   221  C CE2 . PHE A 1 29  ? -2.013  -11.109 1.764   1.00 22.82  ? 29  PHE A CE2 1 
ATOM   222  C CZ  . PHE A 1 29  ? -2.864  -11.357 0.716   1.00 21.06  ? 29  PHE A CZ  1 
ATOM   223  N N   . THR A 1 30  ? -1.785  -13.624 6.365   1.00 25.76  ? 30  THR A N   1 
ATOM   224  C CA  . THR A 1 30  ? -1.624  -12.581 7.364   1.00 23.97  ? 30  THR A CA  1 
ATOM   225  C C   . THR A 1 30  ? -0.595  -11.563 6.888   1.00 25.22  ? 30  THR A C   1 
ATOM   226  O O   . THR A 1 30  ? 0.491   -11.923 6.432   1.00 28.24  ? 30  THR A O   1 
ATOM   227  C CB  . THR A 1 30  ? -1.179  -13.185 8.697   1.00 29.80  ? 30  THR A CB  1 
ATOM   228  O OG1 . THR A 1 30  ? -2.138  -14.170 9.127   1.00 39.43  ? 30  THR A OG1 1 
ATOM   229  C CG2 . THR A 1 30  ? -0.985  -12.097 9.776   1.00 21.75  ? 30  THR A CG2 1 
ATOM   230  N N   . LEU A 1 31  ? -0.929  -10.296 7.017   1.00 25.70  ? 31  LEU A N   1 
ATOM   231  C CA  . LEU A 1 31  ? -0.067  -9.211  6.599   1.00 20.46  ? 31  LEU A CA  1 
ATOM   232  C C   . LEU A 1 31  ? 0.473   -8.546  7.850   1.00 20.59  ? 31  LEU A C   1 
ATOM   233  O O   . LEU A 1 31  ? -0.304  -8.132  8.717   1.00 22.61  ? 31  LEU A O   1 
ATOM   234  C CB  . LEU A 1 31  ? -0.864  -8.231  5.763   1.00 16.95  ? 31  LEU A CB  1 
ATOM   235  C CG  . LEU A 1 31  ? -0.146  -7.635  4.613   1.00 19.59  ? 31  LEU A CG  1 
ATOM   236  C CD1 . LEU A 1 31  ? 0.023   -8.676  3.561   1.00 24.36  ? 31  LEU A CD1 1 
ATOM   237  C CD2 . LEU A 1 31  ? -1.053  -6.540  4.191   1.00 23.46  ? 31  LEU A CD2 1 
ATOM   238  N N   . ALA A 1 32  ? 1.793   -8.483  7.971   1.00 20.26  ? 32  ALA A N   1 
ATOM   239  C CA  . ALA A 1 32  ? 2.447   -7.774  9.067   1.00 20.34  ? 32  ALA A CA  1 
ATOM   240  C C   . ALA A 1 32  ? 2.829   -6.376  8.589   1.00 18.86  ? 32  ALA A C   1 
ATOM   241  O O   . ALA A 1 32  ? 3.629   -6.231  7.664   1.00 17.96  ? 32  ALA A O   1 
ATOM   242  C CB  . ALA A 1 32  ? 3.657   -8.547  9.573   1.00 17.00  ? 32  ALA A CB  1 
ATOM   243  N N   . VAL A 1 33  ? 2.222   -5.362  9.198   1.00 17.18  ? 33  VAL A N   1 
ATOM   244  C CA  . VAL A 1 33  ? 2.352   -3.976  8.794   1.00 15.97  ? 33  VAL A CA  1 
ATOM   245  C C   . VAL A 1 33  ? 3.029   -3.228  9.933   1.00 20.21  ? 33  VAL A C   1 
ATOM   246  O O   . VAL A 1 33  ? 2.417   -3.016  10.986  1.00 25.02  ? 33  VAL A O   1 
ATOM   247  C CB  . VAL A 1 33  ? 0.984   -3.364  8.457   1.00 19.40  ? 33  VAL A CB  1 
ATOM   248  C CG1 . VAL A 1 33  ? 1.124   -2.086  7.649   1.00 21.56  ? 33  VAL A CG1 1 
ATOM   249  C CG2 . VAL A 1 33  ? 0.157   -4.342  7.697   1.00 21.96  ? 33  VAL A CG2 1 
ATOM   250  N N   . ASN A 1 34  ? 4.289   -2.836  9.737   1.00 19.32  ? 34  ASN A N   1 
ATOM   251  C CA  . ASN A 1 34  ? 4.978   -2.020  10.730  1.00 21.05  ? 34  ASN A CA  1 
ATOM   252  C C   . ASN A 1 34  ? 4.265   -0.697  10.880  1.00 26.26  ? 34  ASN A C   1 
ATOM   253  O O   . ASN A 1 34  ? 3.843   -0.101  9.893   1.00 33.37  ? 34  ASN A O   1 
ATOM   254  C CB  . ASN A 1 34  ? 6.417   -1.736  10.330  1.00 26.02  ? 34  ASN A CB  1 
ATOM   255  C CG  . ASN A 1 34  ? 7.294   -2.935  10.445  1.00 30.01  ? 34  ASN A CG  1 
ATOM   256  O OD1 . ASN A 1 34  ? 7.026   -3.829  11.242  1.00 26.05  ? 34  ASN A OD1 1 
ATOM   257  N ND2 . ASN A 1 34  ? 8.355   -2.982  9.632   1.00 32.88  ? 34  ASN A ND2 1 
ATOM   258  N N   . ARG A 1 35  ? 4.126   -0.233  12.116  1.00 30.68  ? 35  ARG A N   1 
ATOM   259  C CA  . ARG A 1 35  ? 3.532   1.076   12.345  1.00 33.38  ? 35  ARG A CA  1 
ATOM   260  C C   . ARG A 1 35  ? 4.482   2.167   11.892  1.00 36.33  ? 35  ARG A C   1 
ATOM   261  O O   . ARG A 1 35  ? 5.648   2.193   12.294  1.00 44.00  ? 35  ARG A O   1 
ATOM   262  C CB  . ARG A 1 35  ? 3.194   1.242   13.823  1.00 34.27  ? 35  ARG A CB  1 
ATOM   263  C CG  . ARG A 1 35  ? 2.270   0.169   14.314  1.00 33.34  ? 35  ARG A CG  1 
ATOM   264  C CD  . ARG A 1 35  ? 1.853   0.371   15.711  1.00 33.08  ? 35  ARG A CD  1 
ATOM   265  N NE  . ARG A 1 35  ? 1.294   -0.858  16.257  1.00 32.99  ? 35  ARG A NE  1 
ATOM   266  C CZ  . ARG A 1 35  ? 0.606   -0.908  17.390  1.00 33.99  ? 35  ARG A CZ  1 
ATOM   267  N NH1 . ARG A 1 35  ? 0.409   0.207   18.071  1.00 40.75  ? 35  ARG A NH1 1 
ATOM   268  N NH2 . ARG A 1 35  ? 0.111   -2.053  17.834  1.00 36.48  ? 35  ARG A NH2 1 
ATOM   269  N N   . THR A 1 36  ? 3.971   3.092   11.085  1.00 40.02  ? 36  THR A N   1 
ATOM   270  C CA  . THR A 1 36  ? 4.794   4.198   10.611  1.00 39.88  ? 36  THR A CA  1 
ATOM   271  C C   . THR A 1 36  ? 5.092   5.179   11.729  1.00 43.56  ? 36  THR A C   1 
ATOM   272  O O   . THR A 1 36  ? 6.214   5.680   11.833  1.00 46.45  ? 36  THR A O   1 
ATOM   273  C CB  . THR A 1 36  ? 4.121   4.926   9.455   1.00 38.76  ? 36  THR A CB  1 
ATOM   274  O OG1 . THR A 1 36  ? 3.635   3.981   8.495   1.00 41.68  ? 36  THR A OG1 1 
ATOM   275  C CG2 . THR A 1 36  ? 5.120   5.818   8.787   1.00 39.03  ? 36  THR A CG2 1 
ATOM   276  N N   . PHE A 1 37  ? 4.117   5.430   12.604  1.00 50.06  ? 37  PHE A N   1 
ATOM   277  C CA  . PHE A 1 37  ? 4.264   6.455   13.633  1.00 56.41  ? 37  PHE A CA  1 
ATOM   278  C C   . PHE A 1 37  ? 5.199   6.043   14.767  1.00 57.73  ? 37  PHE A C   1 
ATOM   279  O O   . PHE A 1 37  ? 5.443   6.854   15.669  1.00 62.14  ? 37  PHE A O   1 
ATOM   280  C CB  . PHE A 1 37  ? 2.878   6.846   14.194  1.00 59.20  ? 37  PHE A CB  1 
ATOM   281  C CG  . PHE A 1 37  ? 2.241   5.811   15.118  1.00 62.83  ? 37  PHE A CG  1 
ATOM   282  C CD1 . PHE A 1 37  ? 1.647   4.656   14.606  1.00 58.10  ? 37  PHE A CD1 1 
ATOM   283  C CD2 . PHE A 1 37  ? 2.185   6.026   16.500  1.00 62.18  ? 37  PHE A CD2 1 
ATOM   284  C CE1 . PHE A 1 37  ? 1.045   3.711   15.468  1.00 54.96  ? 37  PHE A CE1 1 
ATOM   285  C CE2 . PHE A 1 37  ? 1.589   5.092   17.359  1.00 54.38  ? 37  PHE A CE2 1 
ATOM   286  C CZ  . PHE A 1 37  ? 1.026   3.931   16.841  1.00 51.24  ? 37  PHE A CZ  1 
ATOM   287  N N   . THR A 1 38  ? 5.751   4.823   14.729  1.00 53.63  ? 38  THR A N   1 
ATOM   288  C CA  . THR A 1 38  ? 6.744   4.377   15.697  1.00 52.36  ? 38  THR A CA  1 
ATOM   289  C C   . THR A 1 38  ? 7.917   3.710   14.995  1.00 47.96  ? 38  THR A C   1 
ATOM   290  O O   . THR A 1 38  ? 8.543   2.804   15.550  1.00 46.86  ? 38  THR A O   1 
ATOM   291  C CB  . THR A 1 38  ? 6.158   3.398   16.739  1.00 51.06  ? 38  THR A CB  1 
ATOM   292  O OG1 . THR A 1 38  ? 5.765   2.178   16.094  1.00 46.37  ? 38  THR A OG1 1 
ATOM   293  C CG2 . THR A 1 38  ? 4.968   4.001   17.488  1.00 50.01  ? 38  THR A CG2 1 
ATOM   294  N N   . ASN A 1 39  ? 8.262   4.153   13.795  1.00 44.18  ? 39  ASN A N   1 
ATOM   295  C CA  . ASN A 1 39  ? 9.350   3.492   13.086  1.00 42.08  ? 39  ASN A CA  1 
ATOM   296  C C   . ASN A 1 39  ? 10.678  4.125   13.464  1.00 48.40  ? 39  ASN A C   1 
ATOM   297  O O   . ASN A 1 39  ? 11.148  5.074   12.842  1.00 58.72  ? 39  ASN A O   1 
ATOM   298  C CB  . ASN A 1 39  ? 9.123   3.527   11.587  1.00 53.48  ? 39  ASN A CB  1 
ATOM   299  C CG  . ASN A 1 39  ? 10.014  2.548   10.875  1.00 62.72  ? 39  ASN A CG  1 
ATOM   300  O OD1 . ASN A 1 39  ? 9.598   1.423   10.538  1.00 57.59  ? 39  ASN A OD1 1 
ATOM   301  N ND2 . ASN A 1 39  ? 11.275  2.943   10.682  1.00 57.79  ? 39  ASN A ND2 1 
ATOM   302  N N   . ALA A 1 40  ? 11.309  3.554   14.477  1.00 51.53  ? 40  ALA A N   1 
ATOM   303  C CA  . ALA A 1 40  ? 12.551  4.047   15.046  1.00 43.21  ? 40  ALA A CA  1 
ATOM   304  C C   . ALA A 1 40  ? 13.087  2.947   15.946  1.00 43.71  ? 40  ALA A C   1 
ATOM   305  O O   . ALA A 1 40  ? 12.310  2.227   16.583  1.00 41.45  ? 40  ALA A O   1 
ATOM   306  C CB  . ALA A 1 40  ? 12.326  5.338   15.837  1.00 45.35  ? 40  ALA A CB  1 
ATOM   307  N N   . GLN A 1 41  ? 14.406  2.887   16.081  1.00 42.46  ? 41  GLN A N   1 
ATOM   308  C CA  . GLN A 1 41  ? 14.990  1.806   16.861  1.00 42.94  ? 41  GLN A CA  1 
ATOM   309  C C   . GLN A 1 41  ? 14.658  1.977   18.344  1.00 44.32  ? 41  GLN A C   1 
ATOM   310  O O   . GLN A 1 41  ? 14.855  3.043   18.933  1.00 46.65  ? 41  GLN A O   1 
ATOM   311  C CB  . GLN A 1 41  ? 16.498  1.752   16.643  1.00 47.18  ? 41  GLN A CB  1 
ATOM   312  C CG  . GLN A 1 41  ? 17.226  0.695   17.460  1.00 52.00  ? 41  GLN A CG  1 
ATOM   313  C CD  . GLN A 1 41  ? 18.548  1.190   18.011  1.00 67.89  ? 41  GLN A CD  1 
ATOM   314  O OE1 . GLN A 1 41  ? 18.858  2.383   17.948  1.00 74.34  ? 41  GLN A OE1 1 
ATOM   315  N NE2 . GLN A 1 41  ? 19.342  0.272   18.551  1.00 80.90  ? 41  GLN A NE2 1 
ATOM   316  N N   . GLY A 1 42  ? 14.150  0.904   18.944  1.00 41.02  ? 42  GLY A N   1 
ATOM   317  C CA  . GLY A 1 42  ? 13.644  0.918   20.291  1.00 29.75  ? 42  GLY A CA  1 
ATOM   318  C C   . GLY A 1 42  ? 12.135  0.879   20.400  1.00 35.15  ? 42  GLY A C   1 
ATOM   319  O O   . GLY A 1 42  ? 11.630  0.663   21.510  1.00 36.74  ? 42  GLY A O   1 
ATOM   320  N N   . GLU A 1 43  ? 11.383  1.049   19.281  1.00 34.88  ? 43  GLU A N   1 
ATOM   321  C CA  . GLU A 1 43  ? 9.921   1.049   19.395  1.00 36.13  ? 43  GLU A CA  1 
ATOM   322  C C   . GLU A 1 43  ? 9.185   0.579   18.126  1.00 33.23  ? 43  GLU A C   1 
ATOM   323  O O   . GLU A 1 43  ? 8.026   0.956   17.923  1.00 34.40  ? 43  GLU A O   1 
ATOM   324  C CB  . GLU A 1 43  ? 9.412   2.467   19.791  1.00 36.09  ? 43  GLU A CB  1 
ATOM   325  C CG  . GLU A 1 43  ? 9.874   3.603   18.861  1.00 43.45  ? 43  GLU A CG  1 
ATOM   326  C CD  . GLU A 1 43  ? 8.945   4.829   18.879  1.00 60.67  ? 43  GLU A CD  1 
ATOM   327  O OE1 . GLU A 1 43  ? 7.901   4.790   19.582  1.00 58.46  ? 43  GLU A OE1 1 
ATOM   328  O OE2 . GLU A 1 43  ? 9.250   5.831   18.172  1.00 67.54  ? 43  GLU A OE2 1 
ATOM   329  N N   . ARG A 1 44  ? 9.756   -0.331  17.345  1.00 27.36  ? 44  ARG A N   1 
ATOM   330  C CA  . ARG A 1 44  ? 9.106   -0.778  16.119  1.00 24.03  ? 44  ARG A CA  1 
ATOM   331  C C   . ARG A 1 44  ? 8.160   -1.907  16.462  1.00 26.72  ? 44  ARG A C   1 
ATOM   332  O O   . ARG A 1 44  ? 8.586   -2.933  16.993  1.00 30.25  ? 44  ARG A O   1 
ATOM   333  C CB  . ARG A 1 44  ? 10.127  -1.257  15.095  1.00 22.44  ? 44  ARG A CB  1 
ATOM   334  C CG  . ARG A 1 44  ? 11.079  -0.205  14.671  1.00 31.22  ? 44  ARG A CG  1 
ATOM   335  C CD  . ARG A 1 44  ? 11.671  -0.523  13.334  1.00 38.10  ? 44  ARG A CD  1 
ATOM   336  N NE  . ARG A 1 44  ? 12.794  -1.444  13.431  1.00 43.14  ? 44  ARG A NE  1 
ATOM   337  C CZ  . ARG A 1 44  ? 14.064  -1.063  13.361  1.00 50.88  ? 44  ARG A CZ  1 
ATOM   338  N NH1 . ARG A 1 44  ? 15.033  -1.970  13.477  1.00 52.22  ? 44  ARG A NH1 1 
ATOM   339  N NH2 . ARG A 1 44  ? 14.358  0.230   13.188  1.00 46.31  ? 44  ARG A NH2 1 
ATOM   340  N N   . GLU A 1 45  ? 6.870   -1.674  16.267  1.00 24.33  ? 45  GLU A N   1 
ATOM   341  C CA  . GLU A 1 45  ? 5.849   -2.693  16.409  1.00 23.48  ? 45  GLU A CA  1 
ATOM   342  C C   . GLU A 1 45  ? 5.115   -2.870  15.082  1.00 22.21  ? 45  GLU A C   1 
ATOM   343  O O   . GLU A 1 45  ? 5.071   -1.966  14.256  1.00 25.22  ? 45  GLU A O   1 
ATOM   344  C CB  . GLU A 1 45  ? 4.909   -2.315  17.585  1.00 26.84  ? 45  GLU A CB  1 
ATOM   345  C CG  . GLU A 1 45  ? 3.777   -3.303  17.956  1.00 35.50  ? 45  GLU A CG  1 
ATOM   346  C CD  . GLU A 1 45  ? 4.134   -4.348  19.043  1.00 48.22  ? 45  GLU A CD  1 
ATOM   347  O OE1 . GLU A 1 45  ? 4.231   -5.581  18.717  1.00 36.13  ? 45  GLU A OE1 1 
ATOM   348  O OE2 . GLU A 1 45  ? 4.260   -3.939  20.233  1.00 55.25  ? 45  GLU A OE2 1 
ATOM   349  N N   . ALA A 1 46  ? 4.542   -4.049  14.866  1.00 23.31  ? 46  ALA A N   1 
ATOM   350  C CA  . ALA A 1 46  ? 3.675   -4.301  13.720  1.00 23.58  ? 46  ALA A CA  1 
ATOM   351  C C   . ALA A 1 46  ? 2.291   -4.762  14.163  1.00 27.53  ? 46  ALA A C   1 
ATOM   352  O O   . ALA A 1 46  ? 2.101   -5.338  15.244  1.00 30.18  ? 46  ALA A O   1 
ATOM   353  C CB  . ALA A 1 46  ? 4.255   -5.351  12.771  1.00 19.48  ? 46  ALA A CB  1 
ATOM   354  N N   . ASP A 1 47  ? 1.327   -4.530  13.285  1.00 24.26  ? 47  ASP A N   1 
ATOM   355  C CA  . ASP A 1 47  ? -0.007  -5.097  13.401  1.00 21.52  ? 47  ASP A CA  1 
ATOM   356  C C   . ASP A 1 47  ? -0.146  -6.231  12.394  1.00 25.36  ? 47  ASP A C   1 
ATOM   357  O O   . ASP A 1 47  ? 0.451   -6.207  11.314  1.00 26.13  ? 47  ASP A O   1 
ATOM   358  C CB  . ASP A 1 47  ? -1.063  -4.030  13.149  1.00 21.12  ? 47  ASP A CB  1 
ATOM   359  C CG  . ASP A 1 47  ? -0.919  -2.846  14.089  1.00 33.68  ? 47  ASP A CG  1 
ATOM   360  O OD1 . ASP A 1 47  ? -1.288  -2.992  15.285  1.00 34.80  ? 47  ASP A OD1 1 
ATOM   361  O OD2 . ASP A 1 47  ? -0.448  -1.772  13.636  1.00 34.97  ? 47  ASP A OD2 1 
ATOM   362  N N   . PHE A 1 48  ? -0.944  -7.224  12.743  1.00 23.93  ? 48  PHE A N   1 
ATOM   363  C CA  . PHE A 1 48  ? -1.045  -8.436  11.927  1.00 25.02  ? 48  PHE A CA  1 
ATOM   364  C C   . PHE A 1 48  ? -2.472  -8.564  11.400  1.00 25.75  ? 48  PHE A C   1 
ATOM   365  O O   . PHE A 1 48  ? -3.367  -9.053  12.094  1.00 32.49  ? 48  PHE A O   1 
ATOM   366  C CB  . PHE A 1 48  ? -0.594  -9.654  12.741  1.00 24.40  ? 48  PHE A CB  1 
ATOM   367  C CG  . PHE A 1 48  ? 0.813   -9.532  13.249  1.00 19.44  ? 48  PHE A CG  1 
ATOM   368  C CD1 . PHE A 1 48  ? 1.087   -8.803  14.388  1.00 24.24  ? 48  PHE A CD1 1 
ATOM   369  C CD2 . PHE A 1 48  ? 1.869   -10.076 12.545  1.00 21.29  ? 48  PHE A CD2 1 
ATOM   370  C CE1 . PHE A 1 48  ? 2.409   -8.636  14.845  1.00 25.76  ? 48  PHE A CE1 1 
ATOM   371  C CE2 . PHE A 1 48  ? 3.196   -9.925  12.986  1.00 24.10  ? 48  PHE A CE2 1 
ATOM   372  C CZ  . PHE A 1 48  ? 3.460   -9.209  14.138  1.00 27.22  ? 48  PHE A CZ  1 
ATOM   373  N N   . ILE A 1 49  ? -2.669  -8.182  10.170  1.00 20.95  ? 49  ILE A N   1 
ATOM   374  C CA  . ILE A 1 49  ? -3.999  -8.113  9.588   1.00 20.61  ? 49  ILE A CA  1 
ATOM   375  C C   . ILE A 1 49  ? -4.296  -9.406  8.869   1.00 20.10  ? 49  ILE A C   1 
ATOM   376  O O   . ILE A 1 49  ? -3.486  -9.881  8.079   1.00 20.35  ? 49  ILE A O   1 
ATOM   377  C CB  . ILE A 1 49  ? -4.101  -6.956  8.585   1.00 20.57  ? 49  ILE A CB  1 
ATOM   378  C CG1 . ILE A 1 49  ? -3.467  -5.675  9.128   1.00 22.11  ? 49  ILE A CG1 1 
ATOM   379  C CG2 . ILE A 1 49  ? -5.512  -6.819  8.151   1.00 19.91  ? 49  ILE A CG2 1 
ATOM   380  C CD1 . ILE A 1 49  ? -3.973  -5.285  10.446  1.00 24.94  ? 49  ILE A CD1 1 
ATOM   381  N N   . ASN A 1 50  ? -5.495  -9.922  9.047   1.00 21.26  ? 50  ASN A N   1 
ATOM   382  C CA  . ASN A 1 50  ? -5.923  -11.085 8.288   1.00 22.60  ? 50  ASN A CA  1 
ATOM   383  C C   . ASN A 1 50  ? -6.515  -10.633 6.970   1.00 21.89  ? 50  ASN A C   1 
ATOM   384  O O   . ASN A 1 50  ? -7.505  -9.899  6.972   1.00 28.24  ? 50  ASN A O   1 
ATOM   385  C CB  . ASN A 1 50  ? -6.954  -11.885 9.061   1.00 23.99  ? 50  ASN A CB  1 
ATOM   386  C CG  . ASN A 1 50  ? -6.382  -12.491 10.303  1.00 31.33  ? 50  ASN A CG  1 
ATOM   387  O OD1 . ASN A 1 50  ? -6.880  -12.250 11.400  1.00 42.12  ? 50  ASN A OD1 1 
ATOM   388  N ND2 . ASN A 1 50  ? -5.297  -13.250 10.150  1.00 26.00  ? 50  ASN A ND2 1 
ATOM   389  N N   . VAL A 1 51  ? -5.914  -11.048 5.855   1.00 18.38  ? 51  VAL A N   1 
ATOM   390  C CA  . VAL A 1 51  ? -6.444  -10.740 4.533   1.00 21.85  ? 51  VAL A CA  1 
ATOM   391  C C   . VAL A 1 51  ? -7.079  -12.008 3.976   1.00 20.94  ? 51  VAL A C   1 
ATOM   392  O O   . VAL A 1 51  ? -6.591  -13.109 4.217   1.00 24.01  ? 51  VAL A O   1 
ATOM   393  C CB  . VAL A 1 51  ? -5.361  -10.195 3.580   1.00 18.04  ? 51  VAL A CB  1 
ATOM   394  C CG1 . VAL A 1 51  ? -5.964  -9.856  2.249   1.00 15.01  ? 51  VAL A CG1 1 
ATOM   395  C CG2 . VAL A 1 51  ? -4.717  -8.976  4.159   1.00 15.94  ? 51  VAL A CG2 1 
ATOM   396  N N   . VAL A 1 52  ? -8.196  -11.863 3.279   1.00 21.42  ? 52  VAL A N   1 
ATOM   397  C CA  . VAL A 1 52  ? -8.887  -12.972 2.620   1.00 23.88  ? 52  VAL A CA  1 
ATOM   398  C C   . VAL A 1 52  ? -9.096  -12.595 1.155   1.00 23.87  ? 52  VAL A C   1 
ATOM   399  O O   . VAL A 1 52  ? -9.461  -11.462 0.834   1.00 22.33  ? 52  VAL A O   1 
ATOM   400  C CB  . VAL A 1 52  ? -10.248 -13.327 3.265   1.00 23.16  ? 52  VAL A CB  1 
ATOM   401  C CG1 . VAL A 1 52  ? -10.791 -14.581 2.642   1.00 26.15  ? 52  VAL A CG1 1 
ATOM   402  C CG2 . VAL A 1 52  ? -10.090 -13.543 4.721   1.00 28.95  ? 52  VAL A CG2 1 
ATOM   403  N N   . VAL A 1 53  ? -8.854  -13.535 0.263   1.00 25.99  ? 53  VAL A N   1 
ATOM   404  C CA  . VAL A 1 53  ? -8.998  -13.292 -1.164  1.00 29.73  ? 53  VAL A CA  1 
ATOM   405  C C   . VAL A 1 53  ? -9.705  -14.480 -1.838  1.00 31.33  ? 53  VAL A C   1 
ATOM   406  O O   . VAL A 1 53  ? -9.626  -15.624 -1.384  1.00 32.39  ? 53  VAL A O   1 
ATOM   407  C CB  . VAL A 1 53  ? -7.603  -13.004 -1.753  1.00 29.71  ? 53  VAL A CB  1 
ATOM   408  C CG1 . VAL A 1 53  ? -6.736  -14.277 -1.741  1.00 28.74  ? 53  VAL A CG1 1 
ATOM   409  C CG2 . VAL A 1 53  ? -7.726  -12.370 -3.088  1.00 34.73  ? 53  VAL A CG2 1 
ATOM   410  N N   . PHE A 1 54  ? -10.493 -14.197 -2.869  1.00 33.41  ? 54  PHE A N   1 
ATOM   411  C CA  . PHE A 1 54  ? -11.305 -15.258 -3.506  1.00 34.92  ? 54  PHE A CA  1 
ATOM   412  C C   . PHE A 1 54  ? -11.126 -15.307 -5.015  1.00 47.96  ? 54  PHE A C   1 
ATOM   413  O O   . PHE A 1 54  ? -10.603 -14.366 -5.591  1.00 44.65  ? 54  PHE A O   1 
ATOM   414  C CB  . PHE A 1 54  ? -12.786 -14.918 -3.391  1.00 26.84  ? 54  PHE A CB  1 
ATOM   415  C CG  . PHE A 1 54  ? -13.283 -14.735 -1.989  1.00 30.81  ? 54  PHE A CG  1 
ATOM   416  C CD1 . PHE A 1 54  ? -13.739 -15.810 -1.260  1.00 29.79  ? 54  PHE A CD1 1 
ATOM   417  C CD2 . PHE A 1 54  ? -13.295 -13.489 -1.405  1.00 26.65  ? 54  PHE A CD2 1 
ATOM   418  C CE1 . PHE A 1 54  ? -14.182 -15.641 0.035   1.00 29.62  ? 54  PHE A CE1 1 
ATOM   419  C CE2 . PHE A 1 54  ? -13.742 -13.324 -0.110  1.00 27.91  ? 54  PHE A CE2 1 
ATOM   420  C CZ  . PHE A 1 54  ? -14.180 -14.399 0.607   1.00 27.84  ? 54  PHE A CZ  1 
ATOM   421  N N   . LYS A 1 55  ? -11.598 -16.411 -5.595  1.00 51.39  ? 55  LYS A N   1 
ATOM   422  C CA  . LYS A 1 55  ? -11.660 -16.679 -7.054  1.00 52.57  ? 55  LYS A CA  1 
ATOM   423  C C   . LYS A 1 55  ? -10.284 -16.645 -7.711  1.00 54.21  ? 55  LYS A C   1 
ATOM   424  O O   . LYS A 1 55  ? -9.450  -17.456 -7.355  1.00 59.62  ? 55  LYS A O   1 
ATOM   425  C CB  . LYS A 1 55  ? -12.581 -15.675 -7.755  1.00 30.00  ? 55  LYS A CB  1 
ATOM   426  C CG  . LYS A 1 55  ? -14.067 -15.999 -7.758  1.00 30.00  ? 55  LYS A CG  1 
ATOM   427  C CD  . LYS A 1 55  ? -14.776 -15.467 -8.983  1.00 30.00  ? 55  LYS A CD  1 
ATOM   428  C CE  . LYS A 1 55  ? -16.172 -14.957 -8.696  1.00 30.00  ? 55  LYS A CE  1 
ATOM   429  N NZ  . LYS A 1 55  ? -16.301 -13.510 -8.989  1.00 30.00  ? 55  LYS A NZ  1 
ATOM   430  N N   . LYS A 1 56  ? -10.118 -15.746 -8.676  1.00 56.20  ? 56  LYS A N   1 
ATOM   431  C CA  . LYS A 1 56  ? -8.887  -15.627 -9.490  1.00 64.29  ? 56  LYS A CA  1 
ATOM   432  C C   . LYS A 1 56  ? -7.775  -14.995 -8.667  1.00 61.18  ? 56  LYS A C   1 
ATOM   433  O O   . LYS A 1 56  ? -6.667  -15.515 -8.695  1.00 62.76  ? 56  LYS A O   1 
ATOM   434  C CB  . LYS A 1 56  ? -9.180  -14.754 -10.709 1.00 67.73  ? 56  LYS A CB  1 
ATOM   435  C CG  . LYS A 1 56  ? -10.293 -13.735 -10.517 1.00 75.90  ? 56  LYS A CG  1 
ATOM   436  C CD  . LYS A 1 56  ? -11.109 -13.483 -11.768 1.00 79.85  ? 56  LYS A CD  1 
ATOM   437  C CE  . LYS A 1 56  ? -10.914 -12.102 -12.355 1.00 72.13  ? 56  LYS A CE  1 
ATOM   438  N NZ  . LYS A 1 56  ? -10.307 -12.165 -13.703 1.00 70.44  ? 56  LYS A NZ  1 
ATOM   439  N N   . GLN A 1 57  ? -8.082  -13.892 -7.996  1.00 61.91  ? 57  GLN A N   1 
ATOM   440  C CA  . GLN A 1 57  ? -7.087  -13.207 -7.184  1.00 56.62  ? 57  GLN A CA  1 
ATOM   441  C C   . GLN A 1 57  ? -6.469  -14.188 -6.206  1.00 51.24  ? 57  GLN A C   1 
ATOM   442  O O   . GLN A 1 57  ? -5.297  -14.169 -5.978  1.00 51.73  ? 57  GLN A O   1 
ATOM   443  C CB  . GLN A 1 57  ? -7.769  -12.030 -6.464  1.00 46.02  ? 57  GLN A CB  1 
ATOM   444  C CG  . GLN A 1 57  ? -6.915  -10.858 -6.015  1.00 39.15  ? 57  GLN A CG  1 
ATOM   445  C CD  . GLN A 1 57  ? -6.551  -9.914  -7.123  1.00 52.05  ? 57  GLN A CD  1 
ATOM   446  O OE1 . GLN A 1 57  ? -5.418  -9.521  -7.265  1.00 52.35  ? 57  GLN A OE1 1 
ATOM   447  N NE2 . GLN A 1 57  ? -7.510  -9.555  -7.920  1.00 57.75  ? 57  GLN A NE2 1 
ATOM   448  N N   . ALA A 1 58  ? -7.267  -15.059 -5.637  1.00 44.86  ? 58  ALA A N   1 
ATOM   449  C CA  . ALA A 1 58  ? -6.801  -16.035 -4.717  1.00 45.49  ? 58  ALA A CA  1 
ATOM   450  C C   . ALA A 1 58  ? -5.807  -17.008 -5.250  1.00 51.55  ? 58  ALA A C   1 
ATOM   451  O O   . ALA A 1 58  ? -5.028  -17.510 -4.467  1.00 49.15  ? 58  ALA A O   1 
ATOM   452  C CB  . ALA A 1 58  ? -7.961  -16.792 -4.154  1.00 44.97  ? 58  ALA A CB  1 
ATOM   453  N N   . GLU A 1 59  ? -5.831  -17.347 -6.535  1.00 59.09  ? 59  GLU A N   1 
ATOM   454  C CA  . GLU A 1 59  ? -4.813  -18.295 -6.956  1.00 51.88  ? 59  GLU A CA  1 
ATOM   455  C C   . GLU A 1 59  ? -3.524  -17.596 -7.319  1.00 50.45  ? 59  GLU A C   1 
ATOM   456  O O   . GLU A 1 59  ? -2.444  -18.076 -6.976  1.00 47.48  ? 59  GLU A O   1 
ATOM   457  C CB  . GLU A 1 59  ? -5.336  -19.151 -8.098  1.00 62.15  ? 59  GLU A CB  1 
ATOM   458  C CG  . GLU A 1 59  ? -6.219  -20.269 -7.568  1.00 71.24  ? 59  GLU A CG  1 
ATOM   459  C CD  . GLU A 1 59  ? -7.037  -20.937 -8.644  1.00 85.54  ? 59  GLU A CD  1 
ATOM   460  O OE1 . GLU A 1 59  ? -6.477  -21.228 -9.729  1.00 84.30  ? 59  GLU A OE1 1 
ATOM   461  O OE2 . GLU A 1 59  ? -8.245  -21.159 -8.395  1.00 85.13  ? 59  GLU A OE2 1 
ATOM   462  N N   . ASN A 1 60  ? -3.625  -16.422 -7.926  1.00 51.68  ? 60  ASN A N   1 
ATOM   463  C CA  . ASN A 1 60  ? -2.429  -15.652 -8.209  1.00 51.56  ? 60  ASN A CA  1 
ATOM   464  C C   . ASN A 1 60  ? -1.712  -15.262 -6.937  1.00 53.67  ? 60  ASN A C   1 
ATOM   465  O O   . ASN A 1 60  ? -0.517  -14.938 -6.984  1.00 61.28  ? 60  ASN A O   1 
ATOM   466  C CB  . ASN A 1 60  ? -2.801  -14.427 -9.036  1.00 55.33  ? 60  ASN A CB  1 
ATOM   467  C CG  . ASN A 1 60  ? -3.772  -14.776 -10.139 1.00 66.10  ? 60  ASN A CG  1 
ATOM   468  O OD1 . ASN A 1 60  ? -4.671  -13.999 -10.450 1.00 68.59  ? 60  ASN A OD1 1 
ATOM   469  N ND2 . ASN A 1 60  ? -3.604  -15.970 -10.734 1.00 63.75  ? 60  ASN A ND2 1 
ATOM   470  N N   . VAL A 1 61  ? -2.407  -15.285 -5.804  1.00 47.68  ? 61  VAL A N   1 
ATOM   471  C CA  . VAL A 1 61  ? -1.732  -15.065 -4.539  1.00 43.64  ? 61  VAL A CA  1 
ATOM   472  C C   . VAL A 1 61  ? -0.920  -16.296 -4.131  1.00 43.06  ? 61  VAL A C   1 
ATOM   473  O O   . VAL A 1 61  ? 0.227   -16.178 -3.695  1.00 43.28  ? 61  VAL A O   1 
ATOM   474  C CB  . VAL A 1 61  ? -2.772  -14.642 -3.482  1.00 46.27  ? 61  VAL A CB  1 
ATOM   475  C CG1 . VAL A 1 61  ? -2.186  -14.676 -2.092  1.00 38.01  ? 61  VAL A CG1 1 
ATOM   476  C CG2 . VAL A 1 61  ? -3.290  -13.231 -3.796  1.00 38.87  ? 61  VAL A CG2 1 
ATOM   477  N N   . LYS A 1 62  ? -1.482  -17.493 -4.284  1.00 47.42  ? 62  LYS A N   1 
ATOM   478  C CA  . LYS A 1 62  ? -0.766  -18.705 -3.871  1.00 46.27  ? 62  LYS A CA  1 
ATOM   479  C C   . LYS A 1 62  ? 0.442   -18.985 -4.754  1.00 50.21  ? 62  LYS A C   1 
ATOM   480  O O   . LYS A 1 62  ? 1.456   -19.501 -4.266  1.00 50.50  ? 62  LYS A O   1 
ATOM   481  C CB  . LYS A 1 62  ? -1.705  -19.920 -3.865  1.00 41.78  ? 62  LYS A CB  1 
ATOM   482  C CG  . LYS A 1 62  ? -1.074  -21.230 -3.386  1.00 42.28  ? 62  LYS A CG  1 
ATOM   483  C CD  . LYS A 1 62  ? -0.614  -21.174 -1.938  1.00 46.58  ? 62  LYS A CD  1 
ATOM   484  C CE  . LYS A 1 62  ? -0.094  -22.519 -1.426  1.00 40.30  ? 62  LYS A CE  1 
ATOM   485  N NZ  . LYS A 1 62  ? -1.089  -23.185 -0.533  1.00 45.55  ? 62  LYS A NZ  1 
ATOM   486  N N   . ASN A 1 63  ? 0.349   -18.663 -6.048  1.00 47.75  ? 63  ASN A N   1 
ATOM   487  C CA  . ASN A 1 63  ? 1.461   -18.912 -6.960  1.00 46.98  ? 63  ASN A CA  1 
ATOM   488  C C   . ASN A 1 63  ? 2.614   -17.976 -6.661  1.00 44.40  ? 63  ASN A C   1 
ATOM   489  O O   . ASN A 1 63  ? 3.729   -18.418 -6.366  1.00 45.26  ? 63  ASN A O   1 
ATOM   490  C CB  . ASN A 1 63  ? 1.015   -18.710 -8.415  1.00 57.40  ? 63  ASN A CB  1 
ATOM   491  C CG  . ASN A 1 63  ? 0.020   -19.768 -8.901  1.00 55.46  ? 63  ASN A CG  1 
ATOM   492  O OD1 . ASN A 1 63  ? -0.088  -20.865 -8.338  1.00 52.44  ? 63  ASN A OD1 1 
ATOM   493  N ND2 . ASN A 1 63  ? -0.747  -19.413 -9.933  1.00 55.26  ? 63  ASN A ND2 1 
ATOM   494  N N   . TYR A 1 64  ? 2.335   -16.678 -6.642  1.00 49.22  ? 64  TYR A N   1 
ATOM   495  C CA  . TYR A 1 64  ? 3.357   -15.651 -6.741  1.00 50.01  ? 64  TYR A CA  1 
ATOM   496  C C   . TYR A 1 64  ? 3.717   -14.982 -5.410  1.00 50.56  ? 64  TYR A C   1 
ATOM   497  O O   . TYR A 1 64  ? 4.653   -14.175 -5.375  1.00 52.58  ? 64  TYR A O   1 
ATOM   498  C CB  . TYR A 1 64  ? 2.905   -14.597 -7.753  1.00 48.24  ? 64  TYR A CB  1 
ATOM   499  C CG  . TYR A 1 64  ? 2.687   -15.154 -9.148  1.00 62.93  ? 64  TYR A CG  1 
ATOM   500  C CD1 . TYR A 1 64  ? 3.173   -16.405 -9.499  1.00 66.31  ? 64  TYR A CD1 1 
ATOM   501  C CD2 . TYR A 1 64  ? 2.036   -14.408 -10.129 1.00 66.28  ? 64  TYR A CD2 1 
ATOM   502  C CE1 . TYR A 1 64  ? 2.987   -16.919 -10.770 1.00 74.93  ? 64  TYR A CE1 1 
ATOM   503  C CE2 . TYR A 1 64  ? 1.855   -14.905 -11.410 1.00 66.51  ? 64  TYR A CE2 1 
ATOM   504  C CZ  . TYR A 1 64  ? 2.331   -16.167 -11.724 1.00 75.66  ? 64  TYR A CZ  1 
ATOM   505  O OH  . TYR A 1 64  ? 2.162   -16.697 -12.988 1.00 72.76  ? 64  TYR A OH  1 
ATOM   506  N N   . LEU A 1 65  ? 3.045   -15.312 -4.311  1.00 41.13  ? 65  LEU A N   1 
ATOM   507  C CA  . LEU A 1 65  ? 3.308   -14.668 -3.031  1.00 40.36  ? 65  LEU A CA  1 
ATOM   508  C C   . LEU A 1 65  ? 3.779   -15.709 -2.038  1.00 37.58  ? 65  LEU A C   1 
ATOM   509  O O   . LEU A 1 65  ? 3.218   -16.807 -1.963  1.00 37.35  ? 65  LEU A O   1 
ATOM   510  C CB  . LEU A 1 65  ? 2.079   -13.952 -2.474  1.00 38.14  ? 65  LEU A CB  1 
ATOM   511  C CG  . LEU A 1 65  ? 1.842   -12.549 -3.002  1.00 34.43  ? 65  LEU A CG  1 
ATOM   512  C CD1 . LEU A 1 65  ? 0.785   -11.918 -2.164  1.00 34.54  ? 65  LEU A CD1 1 
ATOM   513  C CD2 . LEU A 1 65  ? 3.114   -11.746 -2.953  1.00 36.40  ? 65  LEU A CD2 1 
ATOM   514  N N   . SER A 1 66  ? 4.813   -15.359 -1.286  1.00 29.32  ? 66  SER A N   1 
ATOM   515  C CA  . SER A 1 66  ? 5.476   -16.294 -0.401  1.00 31.62  ? 66  SER A CA  1 
ATOM   516  C C   . SER A 1 66  ? 5.694   -15.640 0.957   1.00 35.08  ? 66  SER A C   1 
ATOM   517  O O   . SER A 1 66  ? 5.567   -14.420 1.104   1.00 29.04  ? 66  SER A O   1 
ATOM   518  C CB  . SER A 1 66  ? 6.808   -16.750 -1.026  1.00 35.03  ? 66  SER A CB  1 
ATOM   519  O OG  . SER A 1 66  ? 7.536   -17.612 -0.165  1.00 49.41  ? 66  SER A OG  1 
ATOM   520  N N   . LYS A 1 67  ? 6.059   -16.457 1.954   1.00 28.94  ? 67  LYS A N   1 
ATOM   521  C CA  . LYS A 1 67  ? 6.393   -15.904 3.255   1.00 26.52  ? 67  LYS A CA  1 
ATOM   522  C C   . LYS A 1 67  ? 7.497   -14.859 3.123   1.00 32.80  ? 67  LYS A C   1 
ATOM   523  O O   . LYS A 1 67  ? 8.509   -15.091 2.456   1.00 36.62  ? 67  LYS A O   1 
ATOM   524  C CB  . LYS A 1 67  ? 6.836   -17.011 4.194   1.00 29.03  ? 67  LYS A CB  1 
ATOM   525  C CG  . LYS A 1 67  ? 7.342   -16.551 5.572   1.00 30.52  ? 67  LYS A CG  1 
ATOM   526  C CD  . LYS A 1 67  ? 7.572   -17.778 6.479   1.00 33.68  ? 67  LYS A CD  1 
ATOM   527  C CE  . LYS A 1 67  ? 8.846   -17.696 7.284   1.00 34.87  ? 67  LYS A CE  1 
ATOM   528  N NZ  . LYS A 1 67  ? 8.568   -17.290 8.682   1.00 50.37  ? 67  LYS A NZ  1 
ATOM   529  N N   . GLY A 1 68  ? 7.295   -13.710 3.772   1.00 29.35  ? 68  GLY A N   1 
ATOM   530  C CA  . GLY A 1 68  ? 8.238   -12.616 3.785   1.00 24.53  ? 68  GLY A CA  1 
ATOM   531  C C   . GLY A 1 68  ? 8.159   -11.660 2.620   1.00 28.12  ? 68  GLY A C   1 
ATOM   532  O O   . GLY A 1 68  ? 8.921   -10.683 2.592   1.00 30.92  ? 68  GLY A O   1 
ATOM   533  N N   . SER A 1 69  ? 7.285   -11.896 1.648   1.00 23.63  ? 69  SER A N   1 
ATOM   534  C CA  . SER A 1 69  ? 7.223   -10.958 0.540   1.00 29.65  ? 69  SER A CA  1 
ATOM   535  C C   . SER A 1 69  ? 6.383   -9.741  0.891   1.00 27.19  ? 69  SER A C   1 
ATOM   536  O O   . SER A 1 69  ? 5.417   -9.823  1.649   1.00 24.85  ? 69  SER A O   1 
ATOM   537  C CB  . SER A 1 69  ? 6.724   -11.618 -0.744  1.00 29.91  ? 69  SER A CB  1 
ATOM   538  O OG  . SER A 1 69  ? 5.729   -12.557 -0.511  1.00 33.56  ? 69  SER A OG  1 
ATOM   539  N N   . LEU A 1 70  ? 6.793   -8.591  0.353   1.00 27.35  ? 70  LEU A N   1 
ATOM   540  C CA  . LEU A 1 70  ? 6.067   -7.346  0.550   1.00 24.78  ? 70  LEU A CA  1 
ATOM   541  C C   . LEU A 1 70  ? 4.883   -7.304  -0.400  1.00 25.67  ? 70  LEU A C   1 
ATOM   542  O O   . LEU A 1 70  ? 5.034   -7.468  -1.617  1.00 30.71  ? 70  LEU A O   1 
ATOM   543  C CB  . LEU A 1 70  ? 6.976   -6.146  0.285   1.00 27.32  ? 70  LEU A CB  1 
ATOM   544  C CG  . LEU A 1 70  ? 6.509   -4.769  0.749   1.00 25.18  ? 70  LEU A CG  1 
ATOM   545  C CD1 . LEU A 1 70  ? 6.595   -4.667  2.264   1.00 26.29  ? 70  LEU A CD1 1 
ATOM   546  C CD2 . LEU A 1 70  ? 7.331   -3.704  0.129   1.00 28.90  ? 70  LEU A CD2 1 
ATOM   547  N N   . ALA A 1 71  ? 3.702   -7.075  0.136   1.00 22.96  ? 71  ALA A N   1 
ATOM   548  C CA  . ALA A 1 71  ? 2.543   -7.051  -0.730  1.00 26.36  ? 71  ALA A CA  1 
ATOM   549  C C   . ALA A 1 71  ? 1.673   -5.879  -0.340  1.00 24.42  ? 71  ALA A C   1 
ATOM   550  O O   . ALA A 1 71  ? 1.613   -5.491  0.823   1.00 26.09  ? 71  ALA A O   1 
ATOM   551  C CB  . ALA A 1 71  ? 1.748   -8.350  -0.663  1.00 26.91  ? 71  ALA A CB  1 
ATOM   552  N N   . GLY A 1 72  ? 1.040   -5.292  -1.343  1.00 25.25  ? 72  GLY A N   1 
ATOM   553  C CA  . GLY A 1 72  ? 0.058   -4.243  -1.139  1.00 29.52  ? 72  GLY A CA  1 
ATOM   554  C C   . GLY A 1 72  ? -1.352  -4.806  -1.309  1.00 26.95  ? 72  GLY A C   1 
ATOM   555  O O   . GLY A 1 72  ? -1.574  -5.694  -2.115  1.00 29.07  ? 72  GLY A O   1 
ATOM   556  N N   . VAL A 1 73  ? -2.263  -4.294  -0.516  1.00 24.81  ? 73  VAL A N   1 
ATOM   557  C CA  . VAL A 1 73  ? -3.603  -4.844  -0.437  1.00 22.09  ? 73  VAL A CA  1 
ATOM   558  C C   . VAL A 1 73  ? -4.576  -3.688  -0.448  1.00 20.25  ? 73  VAL A C   1 
ATOM   559  O O   . VAL A 1 73  ? -4.300  -2.636  0.131   1.00 24.12  ? 73  VAL A O   1 
ATOM   560  C CB  . VAL A 1 73  ? -3.757  -5.720  0.827   1.00 23.05  ? 73  VAL A CB  1 
ATOM   561  C CG1 . VAL A 1 73  ? -5.188  -6.007  1.104   1.00 22.92  ? 73  VAL A CG1 1 
ATOM   562  C CG2 . VAL A 1 73  ? -3.007  -7.028  0.645   1.00 21.89  ? 73  VAL A CG2 1 
ATOM   563  N N   . ASP A 1 74  ? -5.696  -3.877  -1.126  1.00 22.14  ? 74  ASP A N   1 
ATOM   564  C CA  . ASP A 1 74  ? -6.742  -2.876  -1.273  1.00 23.15  ? 74  ASP A CA  1 
ATOM   565  C C   . ASP A 1 74  ? -8.080  -3.585  -1.111  1.00 28.24  ? 74  ASP A C   1 
ATOM   566  O O   . ASP A 1 74  ? -8.336  -4.574  -1.806  1.00 27.97  ? 74  ASP A O   1 
ATOM   567  C CB  . ASP A 1 74  ? -6.606  -2.216  -2.653  1.00 28.69  ? 74  ASP A CB  1 
ATOM   568  C CG  . ASP A 1 74  ? -7.691  -1.192  -2.947  1.00 43.66  ? 74  ASP A CG  1 
ATOM   569  O OD1 . ASP A 1 74  ? -8.569  -0.949  -2.084  1.00 47.22  ? 74  ASP A OD1 1 
ATOM   570  O OD2 . ASP A 1 74  ? -7.669  -0.625  -4.073  1.00 53.29  ? 74  ASP A OD2 1 
ATOM   571  N N   . GLY A 1 75  ? -8.934  -3.120  -0.209  1.00 22.76  ? 75  GLY A N   1 
ATOM   572  C CA  . GLY A 1 75  ? -10.166 -3.842  -0.015  1.00 21.44  ? 75  GLY A CA  1 
ATOM   573  C C   . GLY A 1 75  ? -11.116 -3.230  0.975   1.00 20.99  ? 75  GLY A C   1 
ATOM   574  O O   . GLY A 1 75  ? -11.146 -2.019  1.182   1.00 21.25  ? 75  GLY A O   1 
ATOM   575  N N   . ARG A 1 76  ? -11.972 -4.100  1.490   1.00 19.72  ? 76  ARG A N   1 
ATOM   576  C CA  . ARG A 1 76  ? -13.029 -3.794  2.430   1.00 15.91  ? 76  ARG A CA  1 
ATOM   577  C C   . ARG A 1 76  ? -12.711 -4.470  3.752   1.00 19.91  ? 76  ARG A C   1 
ATOM   578  O O   . ARG A 1 76  ? -12.098 -5.532  3.792   1.00 21.66  ? 76  ARG A O   1 
ATOM   579  C CB  . ARG A 1 76  ? -14.368 -4.335  1.929   1.00 24.37  ? 76  ARG A CB  1 
ATOM   580  C CG  . ARG A 1 76  ? -15.188 -3.495  0.982   1.00 32.31  ? 76  ARG A CG  1 
ATOM   581  C CD  . ARG A 1 76  ? -16.669 -4.016  0.901   1.00 43.21  ? 76  ARG A CD  1 
ATOM   582  N NE  . ARG A 1 76  ? -17.469 -3.843  2.139   1.00 42.88  ? 76  ARG A NE  1 
ATOM   583  C CZ  . ARG A 1 76  ? -18.346 -2.847  2.389   1.00 48.61  ? 76  ARG A CZ  1 
ATOM   584  N NH1 . ARG A 1 76  ? -18.586 -1.861  1.501   1.00 40.15  ? 76  ARG A NH1 1 
ATOM   585  N NH2 . ARG A 1 76  ? -19.002 -2.829  3.564   1.00 43.48  ? 76  ARG A NH2 1 
ATOM   586  N N   . LEU A 1 77  ? -13.212 -3.911  4.823   1.00 20.35  ? 77  LEU A N   1 
ATOM   587  C CA  . LEU A 1 77  ? -13.127 -4.515  6.141   1.00 17.26  ? 77  LEU A CA  1 
ATOM   588  C C   . LEU A 1 77  ? -14.423 -5.268  6.403   1.00 22.79  ? 77  LEU A C   1 
ATOM   589  O O   . LEU A 1 77  ? -15.500 -4.683  6.279   1.00 25.77  ? 77  LEU A O   1 
ATOM   590  C CB  . LEU A 1 77  ? -12.949 -3.397  7.144   1.00 19.89  ? 77  LEU A CB  1 
ATOM   591  C CG  . LEU A 1 77  ? -12.057 -3.473  8.345   1.00 29.76  ? 77  LEU A CG  1 
ATOM   592  C CD1 . LEU A 1 77  ? -10.619 -3.856  7.958   1.00 26.30  ? 77  LEU A CD1 1 
ATOM   593  C CD2 . LEU A 1 77  ? -12.148 -2.098  8.966   1.00 21.29  ? 77  LEU A CD2 1 
ATOM   594  N N   . GLN A 1 78  ? -14.348 -6.564  6.701   1.00 20.84  ? 78  GLN A N   1 
ATOM   595  C CA  . GLN A 1 78  ? -15.568 -7.323  6.958   1.00 21.36  ? 78  GLN A CA  1 
ATOM   596  C C   . GLN A 1 78  ? -15.477 -8.125  8.240   1.00 22.26  ? 78  GLN A C   1 
ATOM   597  O O   . GLN A 1 78  ? -14.394 -8.423  8.729   1.00 26.38  ? 78  GLN A O   1 
ATOM   598  C CB  . GLN A 1 78  ? -15.915 -8.235  5.808   1.00 24.64  ? 78  GLN A CB  1 
ATOM   599  C CG  . GLN A 1 78  ? -16.638 -7.475  4.732   1.00 33.20  ? 78  GLN A CG  1 
ATOM   600  C CD  . GLN A 1 78  ? -16.852 -8.314  3.490   1.00 39.78  ? 78  GLN A CD  1 
ATOM   601  O OE1 . GLN A 1 78  ? -16.885 -9.547  3.564   1.00 36.17  ? 78  GLN A OE1 1 
ATOM   602  N NE2 . GLN A 1 78  ? -16.983 -7.653  2.336   1.00 38.59  ? 78  GLN A NE2 1 
ATOM   603  N N   . THR A 1 79  ? -16.642 -8.437  8.799   1.00 19.79  ? 79  THR A N   1 
ATOM   604  C CA  . THR A 1 79  ? -16.758 -9.140  10.070  1.00 22.83  ? 79  THR A CA  1 
ATOM   605  C C   . THR A 1 79  ? -17.586 -10.417 9.906   1.00 18.93  ? 79  THR A C   1 
ATOM   606  O O   . THR A 1 79  ? -18.476 -10.487 9.064   1.00 26.74  ? 79  THR A O   1 
ATOM   607  C CB  . THR A 1 79  ? -17.357 -8.218  11.172  1.00 24.60  ? 79  THR A CB  1 
ATOM   608  O OG1 . THR A 1 79  ? -18.568 -7.619  10.718  1.00 28.12  ? 79  THR A OG1 1 
ATOM   609  C CG2 . THR A 1 79  ? -16.425 -7.092  11.506  1.00 22.73  ? 79  THR A CG2 1 
ATOM   610  N N   . ARG A 1 80  ? -17.211 -11.464 10.622  1.00 20.93  ? 80  ARG A N   1 
ATOM   611  C CA  . ARG A 1 80  ? -17.937 -12.730 10.648  1.00 25.04  ? 80  ARG A CA  1 
ATOM   612  C C   . ARG A 1 80  ? -18.140 -13.180 12.096  1.00 27.15  ? 80  ARG A C   1 
ATOM   613  O O   . ARG A 1 80  ? -17.403 -12.782 12.995  1.00 25.20  ? 80  ARG A O   1 
ATOM   614  C CB  . ARG A 1 80  ? -17.200 -13.856 9.875   1.00 22.99  ? 80  ARG A CB  1 
ATOM   615  C CG  . ARG A 1 80  ? -17.089 -13.670 8.381   1.00 26.66  ? 80  ARG A CG  1 
ATOM   616  C CD  . ARG A 1 80  ? -15.839 -14.316 7.781   1.00 23.90  ? 80  ARG A CD  1 
ATOM   617  N NE  . ARG A 1 80  ? -15.314 -15.357 8.643   1.00 27.81  ? 80  ARG A NE  1 
ATOM   618  C CZ  . ARG A 1 80  ? -14.037 -15.717 8.727   1.00 25.72  ? 80  ARG A CZ  1 
ATOM   619  N NH1 . ARG A 1 80  ? -13.110 -15.137 7.996   1.00 23.77  ? 80  ARG A NH1 1 
ATOM   620  N NH2 . ARG A 1 80  ? -13.691 -16.671 9.560   1.00 30.13  ? 80  ARG A NH2 1 
ATOM   621  N N   . ASN A 1 81  ? -19.101 -14.080 12.305  1.00 26.68  ? 81  ASN A N   1 
ATOM   622  C CA  . ASN A 1 81  ? -19.252 -14.804 13.565  1.00 23.87  ? 81  ASN A CA  1 
ATOM   623  C C   . ASN A 1 81  ? -19.509 -16.253 13.232  1.00 22.65  ? 81  ASN A C   1 
ATOM   624  O O   . ASN A 1 81  ? -20.435 -16.549 12.485  1.00 28.06  ? 81  ASN A O   1 
ATOM   625  C CB  . ASN A 1 81  ? -20.449 -14.329 14.379  1.00 24.20  ? 81  ASN A CB  1 
ATOM   626  C CG  . ASN A 1 81  ? -20.210 -13.048 15.057  1.00 34.24  ? 81  ASN A CG  1 
ATOM   627  O OD1 . ASN A 1 81  ? -19.377 -12.960 15.949  1.00 47.49  ? 81  ASN A OD1 1 
ATOM   628  N ND2 . ASN A 1 81  ? -20.928 -12.018 14.640  1.00 36.61  ? 81  ASN A ND2 1 
ATOM   629  N N   . TYR A 1 82  ? -18.768 -17.157 13.837  1.00 23.11  ? 82  TYR A N   1 
ATOM   630  C CA  . TYR A 1 82  ? -19.037 -18.564 13.643  1.00 22.47  ? 82  TYR A CA  1 
ATOM   631  C C   . TYR A 1 82  ? -18.896 -19.265 14.975  1.00 25.32  ? 82  TYR A C   1 
ATOM   632  O O   . TYR A 1 82  ? -18.662 -18.640 16.008  1.00 26.91  ? 82  TYR A O   1 
ATOM   633  C CB  . TYR A 1 82  ? -18.136 -19.183 12.582  1.00 21.53  ? 82  TYR A CB  1 
ATOM   634  C CG  . TYR A 1 82  ? -16.666 -19.146 12.854  1.00 26.62  ? 82  TYR A CG  1 
ATOM   635  C CD1 . TYR A 1 82  ? -15.917 -18.001 12.585  1.00 28.59  ? 82  TYR A CD1 1 
ATOM   636  C CD2 . TYR A 1 82  ? -16.005 -20.253 13.327  1.00 28.65  ? 82  TYR A CD2 1 
ATOM   637  C CE1 . TYR A 1 82  ? -14.571 -17.960 12.796  1.00 24.21  ? 82  TYR A CE1 1 
ATOM   638  C CE2 . TYR A 1 82  ? -14.657 -20.217 13.552  1.00 32.74  ? 82  TYR A CE2 1 
ATOM   639  C CZ  . TYR A 1 82  ? -13.944 -19.071 13.284  1.00 31.17  ? 82  TYR A CZ  1 
ATOM   640  O OH  . TYR A 1 82  ? -12.589 -19.054 13.507  1.00 38.40  ? 82  TYR A OH  1 
ATOM   641  N N   . GLU A 1 83  ? -19.074 -20.572 14.949  1.00 25.88  ? 83  GLU A N   1 
ATOM   642  C CA  . GLU A 1 83  ? -18.798 -21.418 16.091  1.00 28.04  ? 83  GLU A CA  1 
ATOM   643  C C   . GLU A 1 83  ? -17.595 -22.277 15.761  1.00 31.00  ? 83  GLU A C   1 
ATOM   644  O O   . GLU A 1 83  ? -17.548 -22.889 14.685  1.00 27.28  ? 83  GLU A O   1 
ATOM   645  C CB  . GLU A 1 83  ? -20.006 -22.288 16.437  1.00 28.72  ? 83  GLU A CB  1 
ATOM   646  C CG  . GLU A 1 83  ? -21.170 -21.509 17.064  1.00 29.54  ? 83  GLU A CG  1 
ATOM   647  C CD  . GLU A 1 83  ? -20.934 -21.155 18.526  1.00 34.80  ? 83  GLU A CD  1 
ATOM   648  O OE1 . GLU A 1 83  ? -21.680 -20.324 19.105  1.00 31.41  ? 83  GLU A OE1 1 
ATOM   649  O OE2 . GLU A 1 83  ? -19.986 -21.722 19.102  1.00 42.11  ? 83  GLU A OE2 1 
ATOM   650  N N   . ASN A 1 84  ? -16.612 -22.292 16.665  1.00 33.41  ? 84  ASN A N   1 
ATOM   651  C CA  . ASN A 1 84  ? -15.484 -23.202 16.512  1.00 35.81  ? 84  ASN A CA  1 
ATOM   652  C C   . ASN A 1 84  ? -15.887 -24.588 17.003  1.00 33.99  ? 84  ASN A C   1 
ATOM   653  O O   . ASN A 1 84  ? -17.001 -24.803 17.488  1.00 31.99  ? 84  ASN A O   1 
ATOM   654  C CB  . ASN A 1 84  ? -14.230 -22.677 17.222  1.00 31.10  ? 84  ASN A CB  1 
ATOM   655  C CG  . ASN A 1 84  ? -14.404 -22.504 18.714  1.00 39.80  ? 84  ASN A CG  1 
ATOM   656  O OD1 . ASN A 1 84  ? -15.401 -22.902 19.300  1.00 45.15  ? 84  ASN A OD1 1 
ATOM   657  N ND2 . ASN A 1 84  ? -13.409 -21.905 19.343  1.00 42.88  ? 84  ASN A ND2 1 
ATOM   658  N N   . LYS A 1 85  ? -14.970 -25.546 16.859  1.00 39.22  ? 85  LYS A N   1 
ATOM   659  C CA  . LYS A 1 85  ? -15.300 -26.943 17.127  1.00 42.09  ? 85  LYS A CA  1 
ATOM   660  C C   . LYS A 1 85  ? -15.557 -27.214 18.601  1.00 39.80  ? 85  LYS A C   1 
ATOM   661  O O   . LYS A 1 85  ? -16.003 -28.312 18.935  1.00 44.68  ? 85  LYS A O   1 
ATOM   662  C CB  . LYS A 1 85  ? -14.191 -27.861 16.598  1.00 44.11  ? 85  LYS A CB  1 
ATOM   663  C CG  . LYS A 1 85  ? -14.345 -28.221 15.117  1.00 51.03  ? 85  LYS A CG  1 
ATOM   664  C CD  . LYS A 1 85  ? -12.990 -28.224 14.401  1.00 64.90  ? 85  LYS A CD  1 
ATOM   665  C CE  . LYS A 1 85  ? -13.081 -28.666 12.932  1.00 65.69  ? 85  LYS A CE  1 
ATOM   666  N NZ  . LYS A 1 85  ? -12.099 -27.935 12.057  1.00 62.82  ? 85  LYS A NZ  1 
ATOM   667  N N   . ASP A 1 86  ? -15.318 -26.233 19.472  1.00 43.48  ? 86  ASP A N   1 
ATOM   668  C CA  . ASP A 1 86  ? -15.539 -26.346 20.906  1.00 42.12  ? 86  ASP A CA  1 
ATOM   669  C C   . ASP A 1 86  ? -16.830 -25.691 21.354  1.00 42.30  ? 86  ASP A C   1 
ATOM   670  O O   . ASP A 1 86  ? -17.163 -25.754 22.539  1.00 46.64  ? 86  ASP A O   1 
ATOM   671  C CB  . ASP A 1 86  ? -14.376 -25.706 21.673  1.00 52.57  ? 86  ASP A CB  1 
ATOM   672  C CG  . ASP A 1 86  ? -13.221 -26.677 21.934  1.00 68.54  ? 86  ASP A CG  1 
ATOM   673  O OD1 . ASP A 1 86  ? -13.472 -27.904 22.009  1.00 69.84  ? 86  ASP A OD1 1 
ATOM   674  O OD2 . ASP A 1 86  ? -12.067 -26.205 22.089  1.00 73.77  ? 86  ASP A OD2 1 
ATOM   675  N N   . GLY A 1 87  ? -17.529 -25.006 20.460  1.00 38.11  ? 87  GLY A N   1 
ATOM   676  C CA  . GLY A 1 87  ? -18.748 -24.341 20.853  1.00 34.28  ? 87  GLY A CA  1 
ATOM   677  C C   . GLY A 1 87  ? -18.595 -22.960 21.429  1.00 33.07  ? 87  GLY A C   1 
ATOM   678  O O   . GLY A 1 87  ? -19.466 -22.527 22.184  1.00 36.02  ? 87  GLY A O   1 
ATOM   679  N N   . GLN A 1 88  ? -17.515 -22.257 21.113  1.00 36.69  ? 88  GLN A N   1 
ATOM   680  C CA  . GLN A 1 88  ? -17.369 -20.853 21.469  1.00 40.01  ? 88  GLN A CA  1 
ATOM   681  C C   . GLN A 1 88  ? -17.657 -19.993 20.250  1.00 35.48  ? 88  GLN A C   1 
ATOM   682  O O   . GLN A 1 88  ? -17.339 -20.370 19.117  1.00 31.24  ? 88  GLN A O   1 
ATOM   683  C CB  . GLN A 1 88  ? -15.971 -20.541 21.994  1.00 43.56  ? 88  GLN A CB  1 
ATOM   684  C CG  . GLN A 1 88  ? -15.470 -21.505 23.062  1.00 58.79  ? 88  GLN A CG  1 
ATOM   685  C CD  . GLN A 1 88  ? -13.963 -21.787 22.962  1.00 67.30  ? 88  GLN A CD  1 
ATOM   686  O OE1 . GLN A 1 88  ? -13.251 -21.188 22.148  1.00 60.78  ? 88  GLN A OE1 1 
ATOM   687  N NE2 . GLN A 1 88  ? -13.481 -22.722 23.785  1.00 68.29  ? 88  GLN A NE2 1 
ATOM   688  N N   . ARG A 1 89  ? -18.295 -18.857 20.491  1.00 28.97  ? 89  ARG A N   1 
ATOM   689  C CA  . ARG A 1 89  ? -18.485 -17.869 19.447  1.00 32.63  ? 89  ARG A CA  1 
ATOM   690  C C   . ARG A 1 89  ? -17.137 -17.242 19.069  1.00 34.66  ? 89  ARG A C   1 
ATOM   691  O O   . ARG A 1 89  ? -16.305 -16.958 19.931  1.00 43.83  ? 89  ARG A O   1 
ATOM   692  C CB  . ARG A 1 89  ? -19.475 -16.815 19.937  1.00 32.45  ? 89  ARG A CB  1 
ATOM   693  C CG  . ARG A 1 89  ? -20.129 -15.988 18.857  1.00 39.40  ? 89  ARG A CG  1 
ATOM   694  C CD  . ARG A 1 89  ? -21.120 -14.997 19.452  1.00 44.01  ? 89  ARG A CD  1 
ATOM   695  N NE  . ARG A 1 89  ? -20.881 -13.661 18.916  1.00 59.64  ? 89  ARG A NE  1 
ATOM   696  C CZ  . ARG A 1 89  ? -19.839 -12.892 19.244  1.00 61.48  ? 89  ARG A CZ  1 
ATOM   697  N NH1 . ARG A 1 89  ? -18.935 -13.326 20.122  1.00 57.29  ? 89  ARG A NH1 1 
ATOM   698  N NH2 . ARG A 1 89  ? -19.689 -11.686 18.690  1.00 54.38  ? 89  ARG A NH2 1 
ATOM   699  N N   . VAL A 1 90  ? -16.901 -17.047 17.774  1.00 31.36  ? 90  VAL A N   1 
ATOM   700  C CA  . VAL A 1 90  ? -15.666 -16.425 17.299  1.00 29.79  ? 90  VAL A CA  1 
ATOM   701  C C   . VAL A 1 90  ? -16.032 -15.222 16.435  1.00 29.91  ? 90  VAL A C   1 
ATOM   702  O O   . VAL A 1 90  ? -16.785 -15.364 15.469  1.00 29.71  ? 90  VAL A O   1 
ATOM   703  C CB  . VAL A 1 90  ? -14.794 -17.414 16.511  1.00 28.72  ? 90  VAL A CB  1 
ATOM   704  C CG1 . VAL A 1 90  ? -13.573 -16.736 16.006  1.00 30.61  ? 90  VAL A CG1 1 
ATOM   705  C CG2 . VAL A 1 90  ? -14.397 -18.554 17.372  1.00 28.63  ? 90  VAL A CG2 1 
ATOM   706  N N   . PHE A 1 91  ? -15.570 -14.035 16.821  1.00 27.47  ? 91  PHE A N   1 
ATOM   707  C CA  . PHE A 1 91  ? -15.783 -12.821 16.041  1.00 27.99  ? 91  PHE A CA  1 
ATOM   708  C C   . PHE A 1 91  ? -14.490 -12.468 15.299  1.00 26.59  ? 91  PHE A C   1 
ATOM   709  O O   . PHE A 1 91  ? -13.425 -12.413 15.905  1.00 35.57  ? 91  PHE A O   1 
ATOM   710  C CB  . PHE A 1 91  ? -16.253 -11.676 16.946  1.00 30.62  ? 91  PHE A CB  1 
ATOM   711  C CG  . PHE A 1 91  ? -16.391 -10.346 16.229  1.00 38.00  ? 91  PHE A CG  1 
ATOM   712  C CD1 . PHE A 1 91  ? -17.580 -10.006 15.578  1.00 36.95  ? 91  PHE A CD1 1 
ATOM   713  C CD2 . PHE A 1 91  ? -15.325 -9.441  16.186  1.00 34.34  ? 91  PHE A CD2 1 
ATOM   714  C CE1 . PHE A 1 91  ? -17.703 -8.795  14.901  1.00 29.54  ? 91  PHE A CE1 1 
ATOM   715  C CE2 . PHE A 1 91  ? -15.442 -8.232  15.523  1.00 35.54  ? 91  PHE A CE2 1 
ATOM   716  C CZ  . PHE A 1 91  ? -16.635 -7.907  14.881  1.00 33.64  ? 91  PHE A CZ  1 
ATOM   717  N N   . VAL A 1 92  ? -14.568 -12.281 13.990  1.00 27.20  ? 92  VAL A N   1 
ATOM   718  C CA  . VAL A 1 92  ? -13.400 -12.024 13.149  1.00 27.95  ? 92  VAL A CA  1 
ATOM   719  C C   . VAL A 1 92  ? -13.551 -10.687 12.445  1.00 25.96  ? 92  VAL A C   1 
ATOM   720  O O   . VAL A 1 92  ? -14.643 -10.343 11.983  1.00 25.18  ? 92  VAL A O   1 
ATOM   721  C CB  . VAL A 1 92  ? -13.202 -13.140 12.093  1.00 26.97  ? 92  VAL A CB  1 
ATOM   722  C CG1 . VAL A 1 92  ? -12.005 -12.837 11.190  1.00 25.55  ? 92  VAL A CG1 1 
ATOM   723  C CG2 . VAL A 1 92  ? -13.011 -14.460 12.767  1.00 27.48  ? 92  VAL A CG2 1 
ATOM   724  N N   . THR A 1 93  ? -12.452 -9.948  12.328  1.00 22.34  ? 93  THR A N   1 
ATOM   725  C CA  . THR A 1 93  ? -12.401 -8.819  11.405  1.00 26.56  ? 93  THR A CA  1 
ATOM   726  C C   . THR A 1 93  ? -11.272 -9.096  10.420  1.00 25.66  ? 93  THR A C   1 
ATOM   727  O O   . THR A 1 93  ? -10.127 -9.328  10.831  1.00 28.06  ? 93  THR A O   1 
ATOM   728  C CB  . THR A 1 93  ? -12.208 -7.469  12.119  1.00 28.86  ? 93  THR A CB  1 
ATOM   729  O OG1 . THR A 1 93  ? -13.294 -7.214  13.026  1.00 31.60  ? 93  THR A OG1 1 
ATOM   730  C CG2 . THR A 1 93  ? -12.187 -6.327  11.093  1.00 26.66  ? 93  THR A CG2 1 
ATOM   731  N N   . GLU A 1 94  ? -11.597 -9.093  9.129   1.00 20.78  ? 94  GLU A N   1 
ATOM   732  C CA  . GLU A 1 94  ? -10.632 -9.388  8.082   1.00 23.41  ? 94  GLU A CA  1 
ATOM   733  C C   . GLU A 1 94  ? -10.729 -8.337  6.997   1.00 22.43  ? 94  GLU A C   1 
ATOM   734  O O   . GLU A 1 94  ? -11.725 -7.626  6.882   1.00 26.17  ? 94  GLU A O   1 
ATOM   735  C CB  . GLU A 1 94  ? -10.874 -10.730 7.446   1.00 24.64  ? 94  GLU A CB  1 
ATOM   736  C CG  . GLU A 1 94  ? -12.213 -10.708 6.781   1.00 31.44  ? 94  GLU A CG  1 
ATOM   737  C CD  . GLU A 1 94  ? -12.882 -12.052 6.761   1.00 41.96  ? 94  GLU A CD  1 
ATOM   738  O OE1 . GLU A 1 94  ? -14.032 -12.108 6.253   1.00 48.41  ? 94  GLU A OE1 1 
ATOM   739  O OE2 . GLU A 1 94  ? -12.250 -13.039 7.236   1.00 46.12  ? 94  GLU A OE2 1 
ATOM   740  N N   . VAL A 1 95  ? -9.682  -8.254  6.201   1.00 18.63  ? 95  VAL A N   1 
ATOM   741  C CA  . VAL A 1 95  ? -9.681  -7.434  5.005   1.00 20.27  ? 95  VAL A CA  1 
ATOM   742  C C   . VAL A 1 95  ? -10.005 -8.333  3.823   1.00 19.71  ? 95  VAL A C   1 
ATOM   743  O O   . VAL A 1 95  ? -9.327  -9.338  3.601   1.00 23.27  ? 95  VAL A O   1 
ATOM   744  C CB  . VAL A 1 95  ? -8.327  -6.741  4.811   1.00 17.95  ? 95  VAL A CB  1 
ATOM   745  C CG1 . VAL A 1 95  ? -8.304  -6.019  3.495   1.00 15.21  ? 95  VAL A CG1 1 
ATOM   746  C CG2 . VAL A 1 95  ? -8.077  -5.786  5.924   1.00 19.32  ? 95  VAL A CG2 1 
ATOM   747  N N   . VAL A 1 96  ? -11.059 -8.015  3.094   1.00 15.41  ? 96  VAL A N   1 
ATOM   748  C CA  . VAL A 1 96  ? -11.375 -8.718  1.864   1.00 20.08  ? 96  VAL A CA  1 
ATOM   749  C C   . VAL A 1 96  ? -10.751 -7.945  0.707   1.00 23.96  ? 96  VAL A C   1 
ATOM   750  O O   . VAL A 1 96  ? -11.237 -6.872  0.326   1.00 22.21  ? 96  VAL A O   1 
ATOM   751  C CB  . VAL A 1 96  ? -12.885 -8.868  1.680   1.00 17.41  ? 96  VAL A CB  1 
ATOM   752  C CG1 . VAL A 1 96  ? -13.151 -9.613  0.410   1.00 14.66  ? 96  VAL A CG1 1 
ATOM   753  C CG2 . VAL A 1 96  ? -13.459 -9.599  2.843   1.00 22.15  ? 96  VAL A CG2 1 
ATOM   754  N N   . ALA A 1 97  ? -9.714  -8.513  0.104   1.00 20.52  ? 97  ALA A N   1 
ATOM   755  C CA  . ALA A 1 97  ? -8.937  -7.796  -0.901  1.00 25.03  ? 97  ALA A CA  1 
ATOM   756  C C   . ALA A 1 97  ? -9.644  -7.756  -2.252  1.00 24.92  ? 97  ALA A C   1 
ATOM   757  O O   . ALA A 1 97  ? -10.130 -8.775  -2.728  1.00 25.72  ? 97  ALA A O   1 
ATOM   758  C CB  . ALA A 1 97  ? -7.560  -8.428  -1.056  1.00 26.72  ? 97  ALA A CB  1 
ATOM   759  N N   . ASP A 1 98  ? -9.756  -6.551  -2.826  1.00 33.29  ? 98  ASP A N   1 
ATOM   760  C CA  . ASP A 1 98  ? -10.168 -6.345  -4.214  1.00 29.95  ? 98  ASP A CA  1 
ATOM   761  C C   . ASP A 1 98  ? -8.997  -6.548  -5.158  1.00 36.38  ? 98  ASP A C   1 
ATOM   762  O O   . ASP A 1 98  ? -9.169  -7.055  -6.268  1.00 40.49  ? 98  ASP A O   1 
ATOM   763  C CB  . ASP A 1 98  ? -10.638 -4.888  -4.432  1.00 32.90  ? 98  ASP A CB  1 
ATOM   764  C CG  . ASP A 1 98  ? -12.118 -4.644  -4.129  1.00 52.38  ? 98  ASP A CG  1 
ATOM   765  O OD1 . ASP A 1 98  ? -12.655 -5.169  -3.120  1.00 56.33  ? 98  ASP A OD1 1 
ATOM   766  O OD2 . ASP A 1 98  ? -12.732 -3.855  -4.895  1.00 54.90  ? 98  ASP A OD2 1 
ATOM   767  N N   . SER A 1 99  ? -7.804  -6.155  -4.731  1.00 30.22  ? 99  SER A N   1 
ATOM   768  C CA  . SER A 1 99  ? -6.602  -6.365  -5.512  1.00 36.01  ? 99  SER A CA  1 
ATOM   769  C C   . SER A 1 99  ? -5.449  -6.563  -4.541  1.00 34.76  ? 99  SER A C   1 
ATOM   770  O O   . SER A 1 99  ? -5.434  -5.983  -3.453  1.00 33.02  ? 99  SER A O   1 
ATOM   771  C CB  . SER A 1 99  ? -6.317  -5.216  -6.491  1.00 36.42  ? 99  SER A CB  1 
ATOM   772  O OG  . SER A 1 99  ? -6.268  -3.966  -5.845  1.00 43.01  ? 99  SER A OG  1 
ATOM   773  N N   . VAL A 1 100 ? -4.524  -7.432  -4.930  1.00 33.32  ? 100 VAL A N   1 
ATOM   774  C CA  . VAL A 1 100 ? -3.293  -7.689  -4.209  1.00 27.87  ? 100 VAL A CA  1 
ATOM   775  C C   . VAL A 1 100 ? -2.174  -7.479  -5.209  1.00 34.50  ? 100 VAL A C   1 
ATOM   776  O O   . VAL A 1 100 ? -2.176  -8.109  -6.267  1.00 42.98  ? 100 VAL A O   1 
ATOM   777  C CB  . VAL A 1 100 ? -3.256  -9.124  -3.668  1.00 29.41  ? 100 VAL A CB  1 
ATOM   778  C CG1 . VAL A 1 100 ? -1.909  -9.415  -3.063  1.00 28.91  ? 100 VAL A CG1 1 
ATOM   779  C CG2 . VAL A 1 100 ? -4.387  -9.378  -2.713  1.00 25.74  ? 100 VAL A CG2 1 
ATOM   780  N N   . GLN A 1 101 ? -1.215  -6.622  -4.861  1.00 36.77  ? 101 GLN A N   1 
ATOM   781  C CA  . GLN A 1 101 ? -0.111  -6.224  -5.723  1.00 30.87  ? 101 GLN A CA  1 
ATOM   782  C C   . GLN A 1 101 ? 1.186   -6.739  -5.128  1.00 27.36  ? 101 GLN A C   1 
ATOM   783  O O   . GLN A 1 101 ? 1.401   -6.607  -3.928  1.00 32.02  ? 101 GLN A O   1 
ATOM   784  C CB  . GLN A 1 101 ? -0.084  -4.700  -5.864  1.00 39.56  ? 101 GLN A CB  1 
ATOM   785  C CG  . GLN A 1 101 ? 1.224   -4.116  -6.462  1.00 53.90  ? 101 GLN A CG  1 
ATOM   786  C CD  . GLN A 1 101 ? 1.272   -2.562  -6.510  1.00 53.90  ? 101 GLN A CD  1 
ATOM   787  O OE1 . GLN A 1 101 ? 0.630   -1.860  -5.714  1.00 58.10  ? 101 GLN A OE1 1 
ATOM   788  N NE2 . GLN A 1 101 ? 2.045   -2.036  -7.452  1.00 52.40  ? 101 GLN A NE2 1 
ATOM   789  N N   . PHE A 1 102 ? 2.039   -7.343  -5.949  1.00 32.55  ? 102 PHE A N   1 
ATOM   790  C CA  . PHE A 1 102 ? 3.324   -7.843  -5.471  1.00 36.51  ? 102 PHE A CA  1 
ATOM   791  C C   . PHE A 1 102 ? 4.338   -6.713  -5.573  1.00 34.92  ? 102 PHE A C   1 
ATOM   792  O O   . PHE A 1 102 ? 4.541   -6.164  -6.655  1.00 37.10  ? 102 PHE A O   1 
ATOM   793  C CB  . PHE A 1 102 ? 3.831   -9.052  -6.253  1.00 34.53  ? 102 PHE A CB  1 
ATOM   794  C CG  . PHE A 1 102 ? 5.273   -9.416  -5.919  1.00 41.35  ? 102 PHE A CG  1 
ATOM   795  C CD1 . PHE A 1 102 ? 6.348   -8.750  -6.529  1.00 44.54  ? 102 PHE A CD1 1 
ATOM   796  C CD2 . PHE A 1 102 ? 5.563   -10.411 -4.994  1.00 40.28  ? 102 PHE A CD2 1 
ATOM   797  C CE1 . PHE A 1 102 ? 7.678   -9.061  -6.217  1.00 40.64  ? 102 PHE A CE1 1 
ATOM   798  C CE2 . PHE A 1 102 ? 6.892   -10.742 -4.683  1.00 40.53  ? 102 PHE A CE2 1 
ATOM   799  C CZ  . PHE A 1 102 ? 7.947   -10.064 -5.300  1.00 41.27  ? 102 PHE A CZ  1 
ATOM   800  N N   . LEU A 1 103 ? 4.919   -6.322  -4.443  1.00 34.40  ? 103 LEU A N   1 
ATOM   801  C CA  . LEU A 1 103 ? 5.856   -5.203  -4.423  1.00 35.53  ? 103 LEU A CA  1 
ATOM   802  C C   . LEU A 1 103 ? 7.337   -5.605  -4.454  1.00 40.78  ? 103 LEU A C   1 
ATOM   803  O O   . LEU A 1 103 ? 8.031   -5.307  -5.432  1.00 44.66  ? 103 LEU A O   1 
ATOM   804  C CB  . LEU A 1 103 ? 5.548   -4.325  -3.214  1.00 33.24  ? 103 LEU A CB  1 
ATOM   805  C CG  . LEU A 1 103 ? 4.168   -3.694  -3.400  1.00 37.13  ? 103 LEU A CG  1 
ATOM   806  C CD1 . LEU A 1 103 ? 3.696   -2.881  -2.189  1.00 28.14  ? 103 LEU A CD1 1 
ATOM   807  C CD2 . LEU A 1 103 ? 4.140   -2.845  -4.669  1.00 37.28  ? 103 LEU A CD2 1 
ATOM   808  N N   . GLU A 1 104 ? 7.849   -6.214  -3.380  1.00 37.64  ? 104 GLU A N   1 
ATOM   809  C CA  . GLU A 1 104 ? 9.232   -6.659  -3.261  1.00 44.56  ? 104 GLU A CA  1 
ATOM   810  C C   . GLU A 1 104 ? 9.328   -8.108  -2.770  1.00 50.22  ? 104 GLU A C   1 
ATOM   811  O O   . GLU A 1 104 ? 8.476   -8.568  -2.003  1.00 43.90  ? 104 GLU A O   1 
ATOM   812  C CB  . GLU A 1 104 ? 10.035  -5.791  -2.282  1.00 49.15  ? 104 GLU A CB  1 
ATOM   813  C CG  . GLU A 1 104 ? 9.919   -4.311  -2.494  1.00 56.23  ? 104 GLU A CG  1 
ATOM   814  C CD  . GLU A 1 104 ? 10.755  -3.829  -3.651  1.00 63.75  ? 104 GLU A CD  1 
ATOM   815  O OE1 . GLU A 1 104 ? 10.147  -3.439  -4.672  1.00 57.65  ? 104 GLU A OE1 1 
ATOM   816  O OE2 . GLU A 1 104 ? 12.008  -3.843  -3.534  1.00 72.69  ? 104 GLU A OE2 1 
ATOM   817  N N   . PRO A 1 105 ? 10.369  -8.840  -3.211  1.00 57.62  ? 105 PRO A N   1 
ATOM   818  C CA  . PRO A 1 105 ? 10.536  -10.226 -2.742  1.00 47.69  ? 105 PRO A CA  1 
ATOM   819  C C   . PRO A 1 105 ? 10.829  -10.316 -1.248  1.00 49.15  ? 105 PRO A C   1 
ATOM   820  O O   . PRO A 1 105 ? 10.820  -9.314  -0.522  1.00 47.70  ? 105 PRO A O   1 
ATOM   821  C CB  . PRO A 1 105 ? 11.710  -10.729 -3.587  1.00 49.66  ? 105 PRO A CB  1 
ATOM   822  C CG  . PRO A 1 105 ? 12.504  -9.504  -3.873  1.00 53.95  ? 105 PRO A CG  1 
ATOM   823  C CD  . PRO A 1 105 ? 11.503  -8.400  -4.043  1.00 55.16  ? 105 PRO A CD  1 
ATOM   824  N N   . LYS A 1 106 ? 11.135  -11.532 -0.795  1.00 52.38  ? 106 LYS A N   1 
ATOM   825  C CA  . LYS A 1 106 ? 11.518  -11.744 0.594   1.00 45.10  ? 106 LYS A CA  1 
ATOM   826  C C   . LYS A 1 106 ? 12.735  -10.898 0.968   1.00 57.82  ? 106 LYS A C   1 
ATOM   827  O O   . LYS A 1 106 ? 12.630  -9.991  1.795   1.00 69.30  ? 106 LYS A O   1 
ATOM   828  C CB  . LYS A 1 106 ? 11.755  -13.237 0.840   1.00 45.83  ? 106 LYS A CB  1 
ATOM   829  C CG  . LYS A 1 106 ? 12.561  -13.614 2.073   1.00 47.23  ? 106 LYS A CG  1 
ATOM   830  C CD  . LYS A 1 106 ? 11.924  -13.190 3.372   1.00 48.43  ? 106 LYS A CD  1 
ATOM   831  C CE  . LYS A 1 106 ? 12.784  -13.629 4.568   1.00 53.27  ? 106 LYS A CE  1 
ATOM   832  N NZ  . LYS A 1 106 ? 11.985  -14.324 5.630   1.00 52.74  ? 106 LYS A NZ  1 
ATOM   833  N N   . ASN A 1 107 ? 13.917  -11.162 0.408   1.00 54.51  ? 107 ASN A N   1 
ATOM   834  C CA  . ASN A 1 107 ? 15.147  -10.480 0.909   1.00 57.70  ? 107 ASN A CA  1 
ATOM   835  C C   . ASN A 1 107 ? 15.626  -9.332  0.010   1.00 68.04  ? 107 ASN A C   1 
ATOM   836  O O   . ASN A 1 107 ? 16.764  -9.373  -0.444  1.00 69.35  ? 107 ASN A O   1 
ATOM   837  C CB  . ASN A 1 107 ? 16.288  -11.489 1.020   1.00 63.25  ? 107 ASN A CB  1 
ATOM   838  C CG  . ASN A 1 107 ? 16.361  -12.232 2.328   1.00 63.02  ? 107 ASN A CG  1 
ATOM   839  O OD1 . ASN A 1 107 ? 15.800  -13.305 2.465   1.00 53.36  ? 107 ASN A OD1 1 
ATOM   840  N ND2 . ASN A 1 107 ? 17.124  -11.702 3.263   1.00 67.37  ? 107 ASN A ND2 1 
ATOM   841  N N   . ASN A 1 108 ? 14.850  -8.265  -0.126  1.00 71.08  ? 108 ASN A N   1 
ATOM   842  C CA  . ASN A 1 108 ? 15.233  -7.164  -1.045  1.00 72.77  ? 108 ASN A CA  1 
ATOM   843  C C   . ASN A 1 108 ? 16.155  -6.119  -0.406  1.00 80.01  ? 108 ASN A C   1 
ATOM   844  O O   . ASN A 1 108 ? 16.622  -5.268  -1.151  1.00 85.56  ? 108 ASN A O   1 
ATOM   845  C CB  . ASN A 1 108 ? 13.997  -6.386  -1.476  1.00 72.23  ? 108 ASN A CB  1 
ATOM   846  C CG  . ASN A 1 108 ? 13.200  -5.955  -0.272  1.00 68.32  ? 108 ASN A CG  1 
ATOM   847  O OD1 . ASN A 1 108 ? 12.871  -6.785  0.563   1.00 62.69  ? 108 ASN A OD1 1 
ATOM   848  N ND2 . ASN A 1 108 ? 12.920  -4.670  -0.159  1.00 61.65  ? 108 ASN A ND2 1 
ATOM   849  N N   . ASN A 1 109 ? 16.398  -6.124  0.901   1.00 77.58  ? 109 ASN A N   1 
ATOM   850  C CA  . ASN A 1 109 ? 17.264  -5.025  1.403   1.00 81.09  ? 109 ASN A CA  1 
ATOM   851  C C   . ASN A 1 109 ? 18.695  -5.521  1.575   1.00 91.44  ? 109 ASN A C   1 
ATOM   852  O O   . ASN A 1 109 ? 19.496  -4.772  2.156   1.00 96.76  ? 109 ASN A O   1 
ATOM   853  C CB  . ASN A 1 109 ? 16.724  -4.321  2.648   1.00 74.93  ? 109 ASN A CB  1 
ATOM   854  C CG  . ASN A 1 109 ? 16.506  -2.834  2.443   1.00 88.53  ? 109 ASN A CG  1 
ATOM   855  O OD1 . ASN A 1 109 ? 15.727  -2.422  1.592   1.00 88.06  ? 109 ASN A OD1 1 
ATOM   856  N ND2 . ASN A 1 109 ? 17.187  -2.012  3.223   1.00 84.58  ? 109 ASN A ND2 1 
ATOM   857  N N   . GLN A 1 110 ? 18.979  -6.742  1.111   1.00 91.56  ? 110 GLN A N   1 
ATOM   858  C CA  . GLN A 1 110 ? 20.350  -7.307  1.176   1.00 91.44  ? 110 GLN A CA  1 
ATOM   859  C C   . GLN A 1 110 ? 20.717  -7.741  -0.239  1.00 91.68  ? 110 GLN A C   1 
ATOM   860  O O   . GLN A 1 110 ? 21.907  -7.690  -0.579  1.00 95.93  ? 110 GLN A O   1 
ATOM   861  C CB  . GLN A 1 110 ? 20.478  -8.418  2.215   1.00 84.56  ? 110 GLN A CB  1 
ATOM   862  C CG  . GLN A 1 110 ? 19.713  -9.678  1.862   1.00 90.50  ? 110 GLN A CG  1 
ATOM   863  C CD  . GLN A 1 110 ? 20.600  -10.707 1.215   1.00 94.24  ? 110 GLN A CD  1 
ATOM   864  O OE1 . GLN A 1 110 ? 21.109  -10.506 0.120   1.00 96.32  ? 110 GLN A OE1 1 
ATOM   865  N NE2 . GLN A 1 110 ? 20.784  -11.824 1.895   1.00 90.34  ? 110 GLN A NE2 1 
ATOM   866  N N   . GLN A 1 111 ? 19.717  -8.161  -1.012  1.00 87.16  ? 111 GLN A N   1 
ATOM   867  C CA  . GLN A 1 111 ? 19.929  -8.489  -2.415  1.00 86.10  ? 111 GLN A CA  1 
ATOM   868  C C   . GLN A 1 111 ? 20.036  -7.242  -3.287  1.00 86.92  ? 111 GLN A C   1 
ATOM   869  O O   . GLN A 1 111 ? 20.665  -7.303  -4.347  1.00 98.74  ? 111 GLN A O   1 
ATOM   870  C CB  . GLN A 1 111 ? 18.802  -9.397  -2.941  1.00 79.08  ? 111 GLN A CB  1 
ATOM   871  C CG  . GLN A 1 111 ? 17.568  -8.634  -3.467  1.00 85.18  ? 111 GLN A CG  1 
ATOM   872  C CD  . GLN A 1 111 ? 16.424  -9.522  -3.978  1.00 87.23  ? 111 GLN A CD  1 
ATOM   873  O OE1 . GLN A 1 111 ? 16.281  -10.689 -3.582  1.00 83.16  ? 111 GLN A OE1 1 
ATOM   874  N NE2 . GLN A 1 111 ? 15.582  -8.948  -4.844  1.00 80.01  ? 111 GLN A NE2 1 
ATOM   875  N N   . GLN A 1 112 ? 19.448  -6.120  -2.872  1.00 83.26  ? 112 GLN A N   1 
ATOM   876  C CA  . GLN A 1 112 ? 19.556  -4.870  -3.627  1.00 84.34  ? 112 GLN A CA  1 
ATOM   877  C C   . GLN A 1 112 ? 20.473  -3.909  -2.863  1.00 83.90  ? 112 GLN A C   1 
ATOM   878  O O   . GLN A 1 112 ? 20.263  -2.694  -2.853  1.00 83.47  ? 112 GLN A O   1 
ATOM   879  C CB  . GLN A 1 112 ? 18.171  -4.241  -3.871  1.00 78.47  ? 112 GLN A CB  1 
ATOM   880  C CG  . GLN A 1 112 ? 17.263  -5.037  -4.824  1.00 83.12  ? 112 GLN A CG  1 
ATOM   881  C CD  . GLN A 1 112 ? 15.764  -4.802  -4.583  1.00 92.02  ? 112 GLN A CD  1 
ATOM   882  O OE1 . GLN A 1 112 ? 15.363  -3.791  -3.986  1.00 90.85  ? 112 GLN A OE1 1 
ATOM   883  N NE2 . GLN A 1 112 ? 14.931  -5.744  -5.048  1.00 87.51  ? 112 GLN A NE2 1 
ATOM   884  N N   . MET B 1 1   ? -13.981 17.331  6.589   1.00 37.18  ? 1   MET B N   1 
ATOM   885  C CA  . MET B 1 1   ? -14.556 16.184  5.894   1.00 35.94  ? 1   MET B CA  1 
ATOM   886  C C   . MET B 1 1   ? -13.468 15.222  5.421   1.00 35.41  ? 1   MET B C   1 
ATOM   887  O O   . MET B 1 1   ? -12.306 15.608  5.251   1.00 38.73  ? 1   MET B O   1 
ATOM   888  C CB  . MET B 1 1   ? -15.393 16.644  4.712   1.00 34.78  ? 1   MET B CB  1 
ATOM   889  C CG  . MET B 1 1   ? -16.382 17.747  5.027   1.00 43.59  ? 1   MET B CG  1 
ATOM   890  S SD  . MET B 1 1   ? -17.076 18.572  3.562   1.00 60.30  ? 1   MET B SD  1 
ATOM   891  C CE  . MET B 1 1   ? -18.680 19.074  4.205   1.00 50.68  ? 1   MET B CE  1 
ATOM   892  N N   . LEU B 1 2   ? -13.844 13.969  5.213   1.00 26.55  ? 2   LEU B N   1 
ATOM   893  C CA  . LEU B 1 2   ? -12.861 12.970  4.835   1.00 27.55  ? 2   LEU B CA  1 
ATOM   894  C C   . LEU B 1 2   ? -12.246 13.281  3.481   1.00 27.21  ? 2   LEU B C   1 
ATOM   895  O O   . LEU B 1 2   ? -12.922 13.709  2.545   1.00 28.42  ? 2   LEU B O   1 
ATOM   896  C CB  . LEU B 1 2   ? -13.486 11.580  4.816   1.00 27.61  ? 2   LEU B CB  1 
ATOM   897  C CG  . LEU B 1 2   ? -14.104 11.156  6.144   1.00 30.87  ? 2   LEU B CG  1 
ATOM   898  C CD1 . LEU B 1 2   ? -14.596 9.787   5.969   1.00 30.68  ? 2   LEU B CD1 1 
ATOM   899  C CD2 . LEU B 1 2   ? -13.125 11.216  7.328   1.00 35.43  ? 2   LEU B CD2 1 
ATOM   900  N N   . ASN B 1 3   ? -10.938 13.068  3.398   1.00 27.91  ? 3   ASN B N   1 
ATOM   901  C CA  . ASN B 1 3   ? -10.161 13.354  2.198   1.00 25.60  ? 3   ASN B CA  1 
ATOM   902  C C   . ASN B 1 3   ? -8.891  12.532  2.379   1.00 22.25  ? 3   ASN B C   1 
ATOM   903  O O   . ASN B 1 3   ? -8.058  12.861  3.218   1.00 29.65  ? 3   ASN B O   1 
ATOM   904  C CB  . ASN B 1 3   ? -9.869  14.833  2.042   1.00 23.25  ? 3   ASN B CB  1 
ATOM   905  C CG  . ASN B 1 3   ? -9.066  15.153  0.804   1.00 24.31  ? 3   ASN B CG  1 
ATOM   906  O OD1 . ASN B 1 3   ? -8.311  14.343  0.288   1.00 23.30  ? 3   ASN B OD1 1 
ATOM   907  N ND2 . ASN B 1 3   ? -9.221  16.363  0.328   1.00 29.59  ? 3   ASN B ND2 1 
ATOM   908  N N   . ARG B 1 4   ? -8.803  11.433  1.671   1.00 21.25  ? 4   ARG B N   1 
ATOM   909  C CA  . ARG B 1 4   ? -7.676  10.547  1.839   1.00 21.02  ? 4   ARG B CA  1 
ATOM   910  C C   . ARG B 1 4   ? -7.280  10.006  0.470   1.00 20.94  ? 4   ARG B C   1 
ATOM   911  O O   . ARG B 1 4   ? -8.139  9.668   -0.336  1.00 23.41  ? 4   ARG B O   1 
ATOM   912  C CB  . ARG B 1 4   ? -8.052  9.459   2.833   1.00 16.92  ? 4   ARG B CB  1 
ATOM   913  C CG  . ARG B 1 4   ? -6.897  8.682   3.321   1.00 28.54  ? 4   ARG B CG  1 
ATOM   914  C CD  . ARG B 1 4   ? -5.864  9.569   3.966   1.00 35.70  ? 4   ARG B CD  1 
ATOM   915  N NE  . ARG B 1 4   ? -6.332  10.105  5.235   1.00 41.26  ? 4   ARG B NE  1 
ATOM   916  C CZ  . ARG B 1 4   ? -5.568  10.790  6.077   1.00 41.62  ? 4   ARG B CZ  1 
ATOM   917  N NH1 . ARG B 1 4   ? -4.295  11.024  5.768   1.00 41.08  ? 4   ARG B NH1 1 
ATOM   918  N NH2 . ARG B 1 4   ? -6.077  11.223  7.228   1.00 36.66  ? 4   ARG B NH2 1 
ATOM   919  N N   . VAL B 1 5   ? -5.991  9.980   0.190   1.00 17.03  ? 5   VAL B N   1 
ATOM   920  C CA  . VAL B 1 5   ? -5.448  9.447   -1.046  1.00 16.92  ? 5   VAL B CA  1 
ATOM   921  C C   . VAL B 1 5   ? -4.354  8.486   -0.660  1.00 21.18  ? 5   VAL B C   1 
ATOM   922  O O   . VAL B 1 5   ? -3.530  8.819   0.191   1.00 28.79  ? 5   VAL B O   1 
ATOM   923  C CB  . VAL B 1 5   ? -4.847  10.555  -1.943  1.00 21.46  ? 5   VAL B CB  1 
ATOM   924  C CG1 . VAL B 1 5   ? -4.386  9.980   -3.282  1.00 19.09  ? 5   VAL B CG1 1 
ATOM   925  C CG2 . VAL B 1 5   ? -5.813  11.690  -2.138  1.00 23.94  ? 5   VAL B CG2 1 
ATOM   926  N N   . VAL B 1 6   ? -4.307  7.313   -1.279  1.00 18.88  ? 6   VAL B N   1 
ATOM   927  C CA  . VAL B 1 6   ? -3.171  6.418   -1.083  1.00 18.43  ? 6   VAL B CA  1 
ATOM   928  C C   . VAL B 1 6   ? -2.683  5.968   -2.441  1.00 21.58  ? 6   VAL B C   1 
ATOM   929  O O   . VAL B 1 6   ? -3.482  5.552   -3.281  1.00 23.46  ? 6   VAL B O   1 
ATOM   930  C CB  . VAL B 1 6   ? -3.497  5.196   -0.212  1.00 22.63  ? 6   VAL B CB  1 
ATOM   931  C CG1 . VAL B 1 6   ? -2.253  4.374   -0.073  1.00 20.38  ? 6   VAL B CG1 1 
ATOM   932  C CG2 . VAL B 1 6   ? -4.019  5.587   1.173   1.00 16.61  ? 6   VAL B CG2 1 
ATOM   933  N N   . LEU B 1 7   ? -1.379  6.055   -2.657  1.00 22.52  ? 7   LEU B N   1 
ATOM   934  C CA  . LEU B 1 7   ? -0.788  5.799   -3.953  1.00 23.45  ? 7   LEU B CA  1 
ATOM   935  C C   . LEU B 1 7   ? 0.459   4.954   -3.814  1.00 24.75  ? 7   LEU B C   1 
ATOM   936  O O   . LEU B 1 7   ? 1.190   5.055   -2.833  1.00 25.99  ? 7   LEU B O   1 
ATOM   937  C CB  . LEU B 1 7   ? -0.406  7.107   -4.669  1.00 22.49  ? 7   LEU B CB  1 
ATOM   938  C CG  . LEU B 1 7   ? -1.624  7.979   -4.948  1.00 24.37  ? 7   LEU B CG  1 
ATOM   939  C CD1 . LEU B 1 7   ? -1.277  9.434   -5.162  1.00 24.69  ? 7   LEU B CD1 1 
ATOM   940  C CD2 . LEU B 1 7   ? -2.373  7.402   -6.127  1.00 31.14  ? 7   LEU B CD2 1 
ATOM   941  N N   . VAL B 1 8   ? 0.722   4.156   -4.841  1.00 24.09  ? 8   VAL B N   1 
ATOM   942  C CA  . VAL B 1 8   ? 2.013   3.512   -5.011  1.00 28.80  ? 8   VAL B CA  1 
ATOM   943  C C   . VAL B 1 8   ? 2.426   3.666   -6.468  1.00 28.28  ? 8   VAL B C   1 
ATOM   944  O O   . VAL B 1 8   ? 1.671   3.297   -7.365  1.00 34.55  ? 8   VAL B O   1 
ATOM   945  C CB  . VAL B 1 8   ? 1.979   2.031   -4.607  1.00 32.73  ? 8   VAL B CB  1 
ATOM   946  C CG1 . VAL B 1 8   ? 3.219   1.306   -5.133  1.00 32.78  ? 8   VAL B CG1 1 
ATOM   947  C CG2 . VAL B 1 8   ? 1.881   1.911   -3.098  1.00 25.87  ? 8   VAL B CG2 1 
ATOM   948  N N   . GLY B 1 9   ? 3.586   4.255   -6.707  1.00 27.76  ? 9   GLY B N   1 
ATOM   949  C CA  . GLY B 1 9   ? 4.077   4.423   -8.055  1.00 30.50  ? 9   GLY B CA  1 
ATOM   950  C C   . GLY B 1 9   ? 5.575   4.626   -8.068  1.00 34.90  ? 9   GLY B C   1 
ATOM   951  O O   . GLY B 1 9   ? 6.259   4.417   -7.065  1.00 36.54  ? 9   GLY B O   1 
ATOM   952  N N   . ARG B 1 10  ? 6.087   5.023   -9.228  1.00 33.92  ? 10  ARG B N   1 
ATOM   953  C CA  . ARG B 1 10  ? 7.499   5.327   -9.388  1.00 33.12  ? 10  ARG B CA  1 
ATOM   954  C C   . ARG B 1 10  ? 7.673   6.794   -9.760  1.00 35.20  ? 10  ARG B C   1 
ATOM   955  O O   . ARG B 1 10  ? 6.806   7.396   -10.407 1.00 34.15  ? 10  ARG B O   1 
ATOM   956  C CB  . ARG B 1 10  ? 8.123   4.436   -10.433 1.00 29.53  ? 10  ARG B CB  1 
ATOM   957  C CG  . ARG B 1 10  ? 7.675   3.025   -10.288 1.00 37.78  ? 10  ARG B CG  1 
ATOM   958  C CD  . ARG B 1 10  ? 8.315   2.124   -11.316 1.00 36.34  ? 10  ARG B CD  1 
ATOM   959  N NE  . ARG B 1 10  ? 9.520   1.544   -10.762 1.00 37.73  ? 10  ARG B NE  1 
ATOM   960  C CZ  . ARG B 1 10  ? 9.591   0.301   -10.325 1.00 43.24  ? 10  ARG B CZ  1 
ATOM   961  N NH1 . ARG B 1 10  ? 8.513   -0.481  -10.388 1.00 44.50  ? 10  ARG B NH1 1 
ATOM   962  N NH2 . ARG B 1 10  ? 10.732  -0.152  -9.821  1.00 45.81  ? 10  ARG B NH2 1 
ATOM   963  N N   . LEU B 1 11  ? 8.774   7.384   -9.301  1.00 31.90  ? 11  LEU B N   1 
ATOM   964  C CA  . LEU B 1 11  ? 9.055   8.774   -9.641  1.00 35.14  ? 11  LEU B CA  1 
ATOM   965  C C   . LEU B 1 11  ? 9.516   8.897   -11.097 1.00 38.12  ? 11  LEU B C   1 
ATOM   966  O O   . LEU B 1 11  ? 10.297  8.080   -11.601 1.00 34.80  ? 11  LEU B O   1 
ATOM   967  C CB  . LEU B 1 11  ? 10.107  9.362   -8.694  1.00 35.47  ? 11  LEU B CB  1 
ATOM   968  C CG  . LEU B 1 11  ? 9.753   9.670   -7.232  1.00 38.44  ? 11  LEU B CG  1 
ATOM   969  C CD1 . LEU B 1 11  ? 9.648   8.409   -6.399  1.00 38.39  ? 11  LEU B CD1 1 
ATOM   970  C CD2 . LEU B 1 11  ? 10.767  10.593  -6.596  1.00 39.69  ? 11  LEU B CD2 1 
ATOM   971  N N   . THR B 1 12  ? 9.021   9.923   -11.763 1.00 38.80  ? 12  THR B N   1 
ATOM   972  C CA  . THR B 1 12  ? 9.323   10.180  -13.142 1.00 39.63  ? 12  THR B CA  1 
ATOM   973  C C   . THR B 1 12  ? 10.624  10.914  -13.324 1.00 46.14  ? 12  THR B C   1 
ATOM   974  O O   . THR B 1 12  ? 11.289  10.751  -14.314 1.00 53.82  ? 12  THR B O   1 
ATOM   975  C CB  . THR B 1 12  ? 8.216   10.990  -13.758 1.00 43.64  ? 12  THR B CB  1 
ATOM   976  O OG1 . THR B 1 12  ? 8.209   12.274  -13.168 1.00 47.50  ? 12  THR B OG1 1 
ATOM   977  C CG2 . THR B 1 12  ? 6.957   10.359  -13.448 1.00 41.23  ? 12  THR B CG2 1 
ATOM   978  N N   . LYS B 1 13  ? 10.967  11.728  -12.350 1.00 47.10  ? 13  LYS B N   1 
ATOM   979  C CA  . LYS B 1 13  ? 12.199  12.473  -12.330 1.00 44.45  ? 13  LYS B CA  1 
ATOM   980  C C   . LYS B 1 13  ? 12.752  12.468  -10.935 1.00 45.99  ? 13  LYS B C   1 
ATOM   981  O O   . LYS B 1 13  ? 12.217  11.857  -10.049 1.00 47.74  ? 13  LYS B O   1 
ATOM   982  C CB  . LYS B 1 13  ? 11.942  13.897  -12.704 1.00 44.66  ? 13  LYS B CB  1 
ATOM   983  C CG  . LYS B 1 13  ? 11.690  14.128  -14.159 1.00 51.23  ? 13  LYS B CG  1 
ATOM   984  C CD  . LYS B 1 13  ? 10.904  15.400  -14.312 1.00 65.56  ? 13  LYS B CD  1 
ATOM   985  C CE  . LYS B 1 13  ? 9.924   15.534  -13.167 1.00 70.49  ? 13  LYS B CE  1 
ATOM   986  N NZ  . LYS B 1 13  ? 8.578   16.002  -13.616 1.00 65.16  ? 13  LYS B NZ  1 
ATOM   987  N N   . ASP B 1 14  ? 13.831  13.183  -10.726 1.00 47.04  ? 14  ASP B N   1 
ATOM   988  C CA  . ASP B 1 14  ? 14.422  13.216  -9.414  1.00 46.60  ? 14  ASP B CA  1 
ATOM   989  C C   . ASP B 1 14  ? 13.645  14.156  -8.556  1.00 46.51  ? 14  ASP B C   1 
ATOM   990  O O   . ASP B 1 14  ? 13.144  15.139  -9.026  1.00 48.39  ? 14  ASP B O   1 
ATOM   991  C CB  . ASP B 1 14  ? 15.852  13.691  -9.490  1.00 51.87  ? 14  ASP B CB  1 
ATOM   992  C CG  . ASP B 1 14  ? 16.803  12.614  -9.906  1.00 61.14  ? 14  ASP B CG  1 
ATOM   993  O OD1 . ASP B 1 14  ? 16.428  11.449  -9.914  1.00 59.37  ? 14  ASP B OD1 1 
ATOM   994  O OD2 . ASP B 1 14  ? 17.950  12.941  -10.230 1.00 70.57  ? 14  ASP B OD2 1 
ATOM   995  N N   . PRO B 1 15  ? 13.526  13.841  -7.282  1.00 43.21  ? 15  PRO B N   1 
ATOM   996  C CA  . PRO B 1 15  ? 12.773  14.727  -6.391  1.00 39.00  ? 15  PRO B CA  1 
ATOM   997  C C   . PRO B 1 15  ? 13.441  16.096  -6.301  1.00 41.25  ? 15  PRO B C   1 
ATOM   998  O O   . PRO B 1 15  ? 14.659  16.209  -6.254  1.00 44.04  ? 15  PRO B O   1 
ATOM   999  C CB  . PRO B 1 15  ? 12.815  13.995  -5.051  1.00 39.64  ? 15  PRO B CB  1 
ATOM   1000 C CG  . PRO B 1 15  ? 13.913  12.943  -5.201  1.00 39.57  ? 15  PRO B CG  1 
ATOM   1001 C CD  . PRO B 1 15  ? 13.964  12.592  -6.633  1.00 36.07  ? 15  PRO B CD  1 
ATOM   1002 N N   . GLU B 1 16  ? 12.635  17.142  -6.268  1.00 43.83  ? 16  GLU B N   1 
ATOM   1003 C CA  . GLU B 1 16  ? 13.083  18.516  -6.087  1.00 45.25  ? 16  GLU B CA  1 
ATOM   1004 C C   . GLU B 1 16  ? 12.876  18.983  -4.653  1.00 47.99  ? 16  GLU B C   1 
ATOM   1005 O O   . GLU B 1 16  ? 11.963  18.521  -3.968  1.00 46.99  ? 16  GLU B O   1 
ATOM   1006 C CB  . GLU B 1 16  ? 12.332  19.428  -7.027  1.00 51.00  ? 16  GLU B CB  1 
ATOM   1007 C CG  . GLU B 1 16  ? 12.180  18.883  -8.423  1.00 64.06  ? 16  GLU B CG  1 
ATOM   1008 C CD  . GLU B 1 16  ? 11.936  19.964  -9.493  1.00 80.51  ? 16  GLU B CD  1 
ATOM   1009 O OE1 . GLU B 1 16  ? 10.806  20.027  -10.039 1.00 83.32  ? 16  GLU B OE1 1 
ATOM   1010 O OE2 . GLU B 1 16  ? 12.858  20.765  -9.742  1.00 80.28  ? 16  GLU B OE2 1 
ATOM   1011 N N   . LEU B 1 17  ? 13.748  19.886  -4.182  1.00 50.19  ? 17  LEU B N   1 
ATOM   1012 C CA  . LEU B 1 17  ? 13.617  20.405  -2.816  1.00 46.08  ? 17  LEU B CA  1 
ATOM   1013 C C   . LEU B 1 17  ? 13.889  21.906  -2.719  1.00 47.04  ? 17  LEU B C   1 
ATOM   1014 O O   . LEU B 1 17  ? 15.028  22.339  -2.838  1.00 56.38  ? 17  LEU B O   1 
ATOM   1015 C CB  . LEU B 1 17  ? 14.554  19.658  -1.872  1.00 42.93  ? 17  LEU B CB  1 
ATOM   1016 C CG  . LEU B 1 17  ? 14.363  19.902  -0.367  1.00 46.41  ? 17  LEU B CG  1 
ATOM   1017 C CD1 . LEU B 1 17  ? 14.938  18.755  0.381   1.00 45.31  ? 17  LEU B CD1 1 
ATOM   1018 C CD2 . LEU B 1 17  ? 14.979  21.194  0.150   1.00 50.48  ? 17  LEU B CD2 1 
ATOM   1019 N N   . ARG B 1 18  ? 12.840  22.628  -2.350  1.00 46.36  ? 18  ARG B N   1 
ATOM   1020 C CA  . ARG B 1 18  ? 12.848  24.089  -2.123  1.00 45.92  ? 18  ARG B CA  1 
ATOM   1021 C C   . ARG B 1 18  ? 12.510  24.361  -0.657  1.00 50.40  ? 18  ARG B C   1 
ATOM   1022 O O   . ARG B 1 18  ? 12.349  23.418  0.106   1.00 52.20  ? 18  ARG B O   1 
ATOM   1023 C CB  . ARG B 1 18  ? 11.803  24.734  -3.030  1.00 49.25  ? 18  ARG B CB  1 
ATOM   1024 C CG  . ARG B 1 18  ? 12.270  24.930  -4.464  1.00 67.83  ? 18  ARG B CG  1 
ATOM   1025 C CD  . ARG B 1 18  ? 11.626  24.019  -5.489  1.00 76.52  ? 18  ARG B CD  1 
ATOM   1026 N NE  . ARG B 1 18  ? 10.838  24.743  -6.472  1.00 84.66  ? 18  ARG B NE  1 
ATOM   1027 C CZ  . ARG B 1 18  ? 11.168  24.894  -7.747  1.00 95.04  ? 18  ARG B CZ  1 
ATOM   1028 N NH1 . ARG B 1 18  ? 12.286  24.369  -8.215  1.00 89.93  ? 18  ARG B NH1 1 
ATOM   1029 N NH2 . ARG B 1 18  ? 10.378  25.575  -8.553  1.00 91.74  ? 18  ARG B NH2 1 
ATOM   1030 N N   . SER B 1 19  ? 12.415  25.632  -0.292  1.00 54.03  ? 19  SER B N   1 
ATOM   1031 C CA  . SER B 1 19  ? 12.087  26.080  1.060   1.00 48.47  ? 19  SER B CA  1 
ATOM   1032 C C   . SER B 1 19  ? 11.150  27.280  1.028   1.00 49.94  ? 19  SER B C   1 
ATOM   1033 O O   . SER B 1 19  ? 11.115  28.051  0.060   1.00 50.56  ? 19  SER B O   1 
ATOM   1034 C CB  . SER B 1 19  ? 13.337  26.494  1.836   1.00 44.90  ? 19  SER B CB  1 
ATOM   1035 O OG  . SER B 1 19  ? 13.883  25.399  2.523   1.00 48.79  ? 19  SER B OG  1 
ATOM   1036 N N   . THR B 1 20  ? 10.447  27.434  2.082   1.00 47.25  ? 20  THR B N   1 
ATOM   1037 C CA  . THR B 1 20  ? 9.550   28.556  2.198   1.00 50.55  ? 20  THR B CA  1 
ATOM   1038 C C   . THR B 1 20  ? 10.225  29.688  2.966   1.00 55.30  ? 20  THR B C   1 
ATOM   1039 O O   . THR B 1 20  ? 11.166  29.451  3.733   1.00 55.59  ? 20  THR B O   1 
ATOM   1040 C CB  . THR B 1 20  ? 8.259   28.136  2.912   1.00 51.15  ? 20  THR B CB  1 
ATOM   1041 O OG1 . THR B 1 20  ? 8.420   28.220  4.338   1.00 54.53  ? 20  THR B OG1 1 
ATOM   1042 C CG2 . THR B 1 20  ? 7.910   26.726  2.553   1.00 49.56  ? 20  THR B CG2 1 
ATOM   1043 N N   . PRO B 1 21  ? 9.832   30.943  2.741   1.00 48.96  ? 21  PRO B N   1 
ATOM   1044 C CA  . PRO B 1 21  ? 10.403  32.029  3.552   1.00 50.20  ? 21  PRO B CA  1 
ATOM   1045 C C   . PRO B 1 21  ? 10.214  31.824  5.048   1.00 51.91  ? 21  PRO B C   1 
ATOM   1046 O O   . PRO B 1 21  ? 10.986  32.388  5.836   1.00 49.24  ? 21  PRO B O   1 
ATOM   1047 C CB  . PRO B 1 21  ? 9.660   33.268  3.047   1.00 56.34  ? 21  PRO B CB  1 
ATOM   1048 C CG  . PRO B 1 21  ? 9.092   32.863  1.702   1.00 54.69  ? 21  PRO B CG  1 
ATOM   1049 C CD  . PRO B 1 21  ? 8.790   31.418  1.815   1.00 47.14  ? 21  PRO B CD  1 
ATOM   1050 N N   . ASN B 1 22  ? 9.209   31.036  5.462   1.00 51.80  ? 22  ASN B N   1 
ATOM   1051 C CA  . ASN B 1 22  ? 9.090   30.560  6.839   1.00 49.84  ? 22  ASN B CA  1 
ATOM   1052 C C   . ASN B 1 22  ? 10.106  29.474  7.200   1.00 53.67  ? 22  ASN B C   1 
ATOM   1053 O O   . ASN B 1 22  ? 10.199  29.110  8.375   1.00 58.30  ? 22  ASN B O   1 
ATOM   1054 C CB  . ASN B 1 22  ? 7.672   30.051  7.100   1.00 52.99  ? 22  ASN B CB  1 
ATOM   1055 C CG  . ASN B 1 22  ? 7.184   30.388  8.505   1.00 64.38  ? 22  ASN B CG  1 
ATOM   1056 O OD1 . ASN B 1 22  ? 7.735   31.281  9.166   1.00 62.20  ? 22  ASN B OD1 1 
ATOM   1057 N ND2 . ASN B 1 22  ? 6.150   29.673  8.974   1.00 67.36  ? 22  ASN B ND2 1 
ATOM   1058 N N   . GLY B 1 23  ? 10.875  28.959  6.247   1.00 51.49  ? 23  GLY B N   1 
ATOM   1059 C CA  . GLY B 1 23  ? 11.929  28.013  6.563   1.00 55.62  ? 23  GLY B CA  1 
ATOM   1060 C C   . GLY B 1 23  ? 11.539  26.548  6.556   1.00 55.93  ? 23  GLY B C   1 
ATOM   1061 O O   . GLY B 1 23  ? 12.274  25.724  7.111   1.00 53.24  ? 23  GLY B O   1 
ATOM   1062 N N   . VAL B 1 24  ? 10.451  26.182  5.885   1.00 54.39  ? 24  VAL B N   1 
ATOM   1063 C CA  . VAL B 1 24  ? 9.959   24.811  5.865   1.00 48.41  ? 24  VAL B CA  1 
ATOM   1064 C C   . VAL B 1 24  ? 10.347  24.183  4.539   1.00 44.86  ? 24  VAL B C   1 
ATOM   1065 O O   . VAL B 1 24  ? 10.142  24.779  3.478   1.00 45.73  ? 24  VAL B O   1 
ATOM   1066 C CB  . VAL B 1 24  ? 8.432   24.775  6.058   1.00 50.20  ? 24  VAL B CB  1 
ATOM   1067 C CG1 . VAL B 1 24  ? 7.916   23.337  6.003   1.00 54.04  ? 24  VAL B CG1 1 
ATOM   1068 C CG2 . VAL B 1 24  ? 8.044   25.427  7.365   1.00 49.01  ? 24  VAL B CG2 1 
ATOM   1069 N N   . ASN B 1 25  ? 10.856  22.957  4.587   1.00 44.02  ? 25  ASN B N   1 
ATOM   1070 C CA  . ASN B 1 25  ? 11.284  22.284  3.365   1.00 47.61  ? 25  ASN B CA  1 
ATOM   1071 C C   . ASN B 1 25  ? 10.075  21.738  2.621   1.00 46.78  ? 25  ASN B C   1 
ATOM   1072 O O   . ASN B 1 25  ? 9.169   21.161  3.223   1.00 45.56  ? 25  ASN B O   1 
ATOM   1073 C CB  . ASN B 1 25  ? 12.231  21.128  3.682   1.00 48.17  ? 25  ASN B CB  1 
ATOM   1074 C CG  . ASN B 1 25  ? 13.654  21.553  3.759   1.00 50.80  ? 25  ASN B CG  1 
ATOM   1075 O OD1 . ASN B 1 25  ? 14.074  22.439  3.036   1.00 57.71  ? 25  ASN B OD1 1 
ATOM   1076 N ND2 . ASN B 1 25  ? 14.421  20.909  4.625   1.00 52.29  ? 25  ASN B ND2 1 
ATOM   1077 N N   . VAL B 1 26  ? 10.076  21.919  1.306   1.00 41.14  ? 26  VAL B N   1 
ATOM   1078 C CA  . VAL B 1 26  ? 8.974   21.519  0.454   1.00 35.42  ? 26  VAL B CA  1 
ATOM   1079 C C   . VAL B 1 26  ? 9.549   20.608  -0.621  1.00 37.66  ? 26  VAL B C   1 
ATOM   1080 O O   . VAL B 1 26  ? 10.146  21.076  -1.595  1.00 45.08  ? 26  VAL B O   1 
ATOM   1081 C CB  . VAL B 1 26  ? 8.261   22.731  -0.152  1.00 39.94  ? 26  VAL B CB  1 
ATOM   1082 C CG1 . VAL B 1 26  ? 7.227   22.296  -1.191  1.00 38.19  ? 26  VAL B CG1 1 
ATOM   1083 C CG2 . VAL B 1 26  ? 7.613   23.549  0.947   1.00 38.08  ? 26  VAL B CG2 1 
ATOM   1084 N N   . GLY B 1 27  ? 9.346   19.303  -0.470  1.00 35.41  ? 27  GLY B N   1 
ATOM   1085 C CA  . GLY B 1 27  ? 9.765   18.350  -1.479  1.00 38.41  ? 27  GLY B CA  1 
ATOM   1086 C C   . GLY B 1 27  ? 8.631   18.077  -2.453  1.00 37.11  ? 27  GLY B C   1 
ATOM   1087 O O   . GLY B 1 27  ? 7.467   18.013  -2.066  1.00 37.61  ? 27  GLY B O   1 
ATOM   1088 N N   . THR B 1 28  ? 8.982   17.937  -3.727  1.00 35.11  ? 28  THR B N   1 
ATOM   1089 C CA  . THR B 1 28  ? 7.995   17.632  -4.749  1.00 34.85  ? 28  THR B CA  1 
ATOM   1090 C C   . THR B 1 28  ? 8.502   16.528  -5.658  1.00 34.19  ? 28  THR B C   1 
ATOM   1091 O O   . THR B 1 28  ? 9.703   16.387  -5.877  1.00 39.55  ? 28  THR B O   1 
ATOM   1092 C CB  . THR B 1 28  ? 7.656   18.866  -5.590  1.00 39.20  ? 28  THR B CB  1 
ATOM   1093 O OG1 . THR B 1 28  ? 8.750   19.157  -6.479  1.00 50.72  ? 28  THR B OG1 1 
ATOM   1094 C CG2 . THR B 1 28  ? 7.384   20.053  -4.712  1.00 36.31  ? 28  THR B CG2 1 
ATOM   1095 N N   . PHE B 1 29  ? 7.571   15.734  -6.170  1.00 29.61  ? 29  PHE B N   1 
ATOM   1096 C CA  . PHE B 1 29  ? 7.911   14.759  -7.190  1.00 30.52  ? 29  PHE B CA  1 
ATOM   1097 C C   . PHE B 1 29  ? 6.644   14.305  -7.878  1.00 31.09  ? 29  PHE B C   1 
ATOM   1098 O O   . PHE B 1 29  ? 5.541   14.487  -7.375  1.00 33.24  ? 29  PHE B O   1 
ATOM   1099 C CB  . PHE B 1 29  ? 8.669   13.555  -6.631  1.00 33.88  ? 29  PHE B CB  1 
ATOM   1100 C CG  . PHE B 1 29  ? 7.937   12.804  -5.558  1.00 35.91  ? 29  PHE B CG  1 
ATOM   1101 C CD1 . PHE B 1 29  ? 6.951   11.887  -5.877  1.00 37.32  ? 29  PHE B CD1 1 
ATOM   1102 C CD2 . PHE B 1 29  ? 8.273   12.975  -4.226  1.00 33.39  ? 29  PHE B CD2 1 
ATOM   1103 C CE1 . PHE B 1 29  ? 6.288   11.180  -4.885  1.00 37.74  ? 29  PHE B CE1 1 
ATOM   1104 C CE2 . PHE B 1 29  ? 7.615   12.260  -3.229  1.00 36.94  ? 29  PHE B CE2 1 
ATOM   1105 C CZ  . PHE B 1 29  ? 6.623   11.361  -3.557  1.00 29.97  ? 29  PHE B CZ  1 
ATOM   1106 N N   . THR B 1 30  ? 6.816   13.734  -9.052  1.00 35.61  ? 30  THR B N   1 
ATOM   1107 C CA  . THR B 1 30  ? 5.702   13.157  -9.783  1.00 39.23  ? 30  THR B CA  1 
ATOM   1108 C C   . THR B 1 30  ? 5.757   11.637  -9.705  1.00 36.40  ? 30  THR B C   1 
ATOM   1109 O O   . THR B 1 30  ? 6.821   11.034  -9.874  1.00 42.37  ? 30  THR B O   1 
ATOM   1110 C CB  . THR B 1 30  ? 5.707   13.634  -11.227 1.00 43.64  ? 30  THR B CB  1 
ATOM   1111 O OG1 . THR B 1 30  ? 5.753   15.063  -11.218 1.00 52.22  ? 30  THR B OG1 1 
ATOM   1112 C CG2 . THR B 1 30  ? 4.429   13.196  -11.913 1.00 41.68  ? 30  THR B CG2 1 
ATOM   1113 N N   . LEU B 1 31  ? 4.619   11.028  -9.430  1.00 33.38  ? 31  LEU B N   1 
ATOM   1114 C CA  . LEU B 1 31  ? 4.512   9.585   -9.293  1.00 37.38  ? 31  LEU B CA  1 
ATOM   1115 C C   . LEU B 1 31  ? 3.750   9.026   -10.486 1.00 33.74  ? 31  LEU B C   1 
ATOM   1116 O O   . LEU B 1 31  ? 2.653   9.494   -10.793 1.00 34.13  ? 31  LEU B O   1 
ATOM   1117 C CB  . LEU B 1 31  ? 3.799   9.227   -7.983  1.00 32.19  ? 31  LEU B CB  1 
ATOM   1118 C CG  . LEU B 1 31  ? 4.223   8.022   -7.161  1.00 29.79  ? 31  LEU B CG  1 
ATOM   1119 C CD1 . LEU B 1 31  ? 5.658   8.178   -6.730  1.00 34.90  ? 31  LEU B CD1 1 
ATOM   1120 C CD2 . LEU B 1 31  ? 3.335   7.937   -5.958  1.00 28.87  ? 31  LEU B CD2 1 
ATOM   1121 N N   . ALA B 1 32  ? 4.333   8.041   -11.162 1.00 32.07  ? 32  ALA B N   1 
ATOM   1122 C CA  . ALA B 1 32  ? 3.643   7.341   -12.240 1.00 32.77  ? 32  ALA B CA  1 
ATOM   1123 C C   . ALA B 1 32  ? 2.965   6.112   -11.651 1.00 33.29  ? 32  ALA B C   1 
ATOM   1124 O O   . ALA B 1 32  ? 3.646   5.206   -11.162 1.00 37.53  ? 32  ALA B O   1 
ATOM   1125 C CB  . ALA B 1 32  ? 4.612   6.936   -13.348 1.00 27.60  ? 32  ALA B CB  1 
ATOM   1126 N N   . VAL B 1 33  ? 1.633   6.079   -11.692 1.00 29.92  ? 33  VAL B N   1 
ATOM   1127 C CA  . VAL B 1 33  ? 0.864   5.027   -11.042 1.00 31.35  ? 33  VAL B CA  1 
ATOM   1128 C C   . VAL B 1 33  ? 0.205   4.203   -12.129 1.00 34.15  ? 33  VAL B C   1 
ATOM   1129 O O   . VAL B 1 33  ? -0.819  4.603   -12.693 1.00 35.13  ? 33  VAL B O   1 
ATOM   1130 C CB  . VAL B 1 33  ? -0.190  5.589   -10.079 1.00 29.06  ? 33  VAL B CB  1 
ATOM   1131 C CG1 . VAL B 1 33  ? -0.594  4.539   -9.075  1.00 29.21  ? 33  VAL B CG1 1 
ATOM   1132 C CG2 . VAL B 1 33  ? 0.314   6.817   -9.392  1.00 28.87  ? 33  VAL B CG2 1 
ATOM   1133 N N   . ASN B 1 34  ? 0.739   3.020   -12.374 1.00 34.20  ? 34  ASN B N   1 
ATOM   1134 C CA  . ASN B 1 34  ? 0.122   2.130   -13.341 1.00 38.14  ? 34  ASN B CA  1 
ATOM   1135 C C   . ASN B 1 34  ? -1.266  1.714   -12.891 1.00 38.65  ? 34  ASN B C   1 
ATOM   1136 O O   . ASN B 1 34  ? -1.500  1.456   -11.715 1.00 40.90  ? 34  ASN B O   1 
ATOM   1137 C CB  . ASN B 1 34  ? 0.999   0.911   -13.553 1.00 41.77  ? 34  ASN B CB  1 
ATOM   1138 C CG  . ASN B 1 34  ? 2.152   1.209   -14.451 1.00 45.98  ? 34  ASN B CG  1 
ATOM   1139 O OD1 . ASN B 1 34  ? 2.077   0.988   -15.646 1.00 58.18  ? 34  ASN B OD1 1 
ATOM   1140 N ND2 . ASN B 1 34  ? 3.210   1.773   -13.892 1.00 49.90  ? 34  ASN B ND2 1 
ATOM   1141 N N   . ARG B 1 35  ? -2.198  1.690   -13.838 1.00 45.80  ? 35  ARG B N   1 
ATOM   1142 C CA  . ARG B 1 35  ? -3.536  1.183   -13.571 1.00 43.86  ? 35  ARG B CA  1 
ATOM   1143 C C   . ARG B 1 35  ? -3.461  -0.318  -13.331 1.00 46.71  ? 35  ARG B C   1 
ATOM   1144 O O   . ARG B 1 35  ? -2.674  -1.023  -13.965 1.00 47.82  ? 35  ARG B O   1 
ATOM   1145 C CB  . ARG B 1 35  ? -4.481  1.505   -14.727 1.00 37.99  ? 35  ARG B CB  1 
ATOM   1146 C CG  . ARG B 1 35  ? -5.154  2.844   -14.625 1.00 39.58  ? 35  ARG B CG  1 
ATOM   1147 C CD  . ARG B 1 35  ? -4.695  3.730   -15.741 1.00 44.89  ? 35  ARG B CD  1 
ATOM   1148 N NE  . ARG B 1 35  ? -5.275  5.074   -15.751 1.00 52.17  ? 35  ARG B NE  1 
ATOM   1149 C CZ  . ARG B 1 35  ? -6.195  5.490   -16.615 1.00 53.37  ? 35  ARG B CZ  1 
ATOM   1150 N NH1 . ARG B 1 35  ? -6.661  4.662   -17.535 1.00 48.52  ? 35  ARG B NH1 1 
ATOM   1151 N NH2 . ARG B 1 35  ? -6.653  6.737   -16.559 1.00 54.38  ? 35  ARG B NH2 1 
ATOM   1152 N N   . THR B 1 36  ? -4.204  -0.801  -12.337 1.00 52.53  ? 36  THR B N   1 
ATOM   1153 C CA  . THR B 1 36  ? -4.144  -2.229  -12.048 1.00 53.52  ? 36  THR B CA  1 
ATOM   1154 C C   . THR B 1 36  ? -4.837  -3.032  -13.151 1.00 51.62  ? 36  THR B C   1 
ATOM   1155 O O   . THR B 1 36  ? -4.288  -4.021  -13.648 1.00 48.29  ? 36  THR B O   1 
ATOM   1156 C CB  . THR B 1 36  ? -4.720  -2.506  -10.639 1.00 57.96  ? 36  THR B CB  1 
ATOM   1157 O OG1 . THR B 1 36  ? -6.150  -2.613  -10.669 1.00 59.92  ? 36  THR B OG1 1 
ATOM   1158 C CG2 . THR B 1 36  ? -4.338  -1.378  -9.654  1.00 42.76  ? 36  THR B CG2 1 
ATOM   1159 N N   . PHE B 1 37  ? -6.024  -2.609  -13.571 1.00 53.66  ? 37  PHE B N   1 
ATOM   1160 C CA  . PHE B 1 37  ? -6.765  -3.276  -14.635 1.00 54.77  ? 37  PHE B CA  1 
ATOM   1161 C C   . PHE B 1 37  ? -6.485  -2.601  -15.985 1.00 50.46  ? 37  PHE B C   1 
ATOM   1162 O O   . PHE B 1 37  ? -6.367  -1.377  -16.064 1.00 52.65  ? 37  PHE B O   1 
ATOM   1163 C CB  . PHE B 1 37  ? -8.259  -3.295  -14.282 1.00 55.64  ? 37  PHE B CB  1 
ATOM   1164 C CG  . PHE B 1 37  ? -8.540  -3.931  -12.935 1.00 60.14  ? 37  PHE B CG  1 
ATOM   1165 C CD1 . PHE B 1 37  ? -8.314  -5.288  -12.730 1.00 61.25  ? 37  PHE B CD1 1 
ATOM   1166 C CD2 . PHE B 1 37  ? -8.978  -3.163  -11.857 1.00 60.72  ? 37  PHE B CD2 1 
ATOM   1167 C CE1 . PHE B 1 37  ? -8.544  -5.872  -11.477 1.00 65.61  ? 37  PHE B CE1 1 
ATOM   1168 C CE2 . PHE B 1 37  ? -9.204  -3.739  -10.603 1.00 56.93  ? 37  PHE B CE2 1 
ATOM   1169 C CZ  . PHE B 1 37  ? -8.988  -5.093  -10.415 1.00 61.45  ? 37  PHE B CZ  1 
ATOM   1170 N N   . THR B 1 38  ? -6.381  -3.396  -17.048 1.00 51.51  ? 38  THR B N   1 
ATOM   1171 C CA  . THR B 1 38  ? -6.183  -2.828  -18.383 1.00 54.69  ? 38  THR B CA  1 
ATOM   1172 C C   . THR B 1 38  ? -7.461  -2.168  -18.902 1.00 54.66  ? 38  THR B C   1 
ATOM   1173 O O   . THR B 1 38  ? -8.557  -2.354  -18.366 1.00 50.94  ? 38  THR B O   1 
ATOM   1174 C CB  . THR B 1 38  ? -5.750  -3.900  -19.380 1.00 54.76  ? 38  THR B CB  1 
ATOM   1175 O OG1 . THR B 1 38  ? -6.797  -4.870  -19.525 1.00 55.00  ? 38  THR B OG1 1 
ATOM   1176 C CG2 . THR B 1 38  ? -4.478  -4.592  -18.915 1.00 56.20  ? 38  THR B CG2 1 
ATOM   1177 N N   . ASN B 1 39  ? -7.312  -1.377  -19.963 1.00 57.07  ? 39  ASN B N   1 
ATOM   1178 C CA  . ASN B 1 39  ? -8.482  -0.712  -20.521 1.00 61.67  ? 39  ASN B CA  1 
ATOM   1179 C C   . ASN B 1 39  ? -9.139  -1.573  -21.609 1.00 60.81  ? 39  ASN B C   1 
ATOM   1180 O O   . ASN B 1 39  ? -8.694  -2.684  -21.923 1.00 57.54  ? 39  ASN B O   1 
ATOM   1181 C CB  . ASN B 1 39  ? -8.132  0.692   -21.033 1.00 59.08  ? 39  ASN B CB  1 
ATOM   1182 C CG  . ASN B 1 39  ? -7.125  0.691   -22.160 1.00 61.96  ? 39  ASN B CG  1 
ATOM   1183 O OD1 . ASN B 1 39  ? -6.803  -0.344  -22.735 1.00 62.03  ? 39  ASN B OD1 1 
ATOM   1184 N ND2 . ASN B 1 39  ? -6.627  1.878   -22.492 1.00 63.55  ? 39  ASN B ND2 1 
ATOM   1185 N N   . ALA B 1 40  ? -10.229 -1.039  -22.180 1.00 61.14  ? 40  ALA B N   1 
ATOM   1186 C CA  . ALA B 1 40  ? -11.015 -1.775  -23.165 1.00 59.20  ? 40  ALA B CA  1 
ATOM   1187 C C   . ALA B 1 40  ? -10.146 -2.338  -24.273 1.00 60.75  ? 40  ALA B C   1 
ATOM   1188 O O   . ALA B 1 40  ? -10.495 -3.362  -24.867 1.00 60.70  ? 40  ALA B O   1 
ATOM   1189 C CB  . ALA B 1 40  ? -12.109 -0.881  -23.749 1.00 51.76  ? 40  ALA B CB  1 
ATOM   1190 N N   . GLN B 1 41  ? -9.052  -1.653  -24.602 1.00 61.49  ? 41  GLN B N   1 
ATOM   1191 C CA  . GLN B 1 41  ? -8.106  -2.110  -25.606 1.00 58.31  ? 41  GLN B CA  1 
ATOM   1192 C C   . GLN B 1 41  ? -7.092  -3.112  -25.036 1.00 62.49  ? 41  GLN B C   1 
ATOM   1193 O O   . GLN B 1 41  ? -6.380  -3.761  -25.813 1.00 59.02  ? 41  GLN B O   1 
ATOM   1194 C CB  . GLN B 1 41  ? -7.362  -0.924  -26.229 1.00 60.15  ? 41  GLN B CB  1 
ATOM   1195 C CG  . GLN B 1 41  ? -8.223  0.035   -27.064 1.00 53.75  ? 41  GLN B CG  1 
ATOM   1196 C CD  . GLN B 1 41  ? -9.128  0.944   -26.232 1.00 52.89  ? 41  GLN B CD  1 
ATOM   1197 O OE1 . GLN B 1 41  ? -10.277 0.618   -25.951 1.00 53.81  ? 41  GLN B OE1 1 
ATOM   1198 N NE2 . GLN B 1 41  ? -8.601  2.088   -25.826 1.00 52.80  ? 41  GLN B NE2 1 
ATOM   1199 N N   . GLY B 1 42  ? -6.935  -3.206  -23.701 1.00 58.40  ? 42  GLY B N   1 
ATOM   1200 C CA  . GLY B 1 42  ? -5.968  -4.118  -23.147 1.00 54.63  ? 42  GLY B CA  1 
ATOM   1201 C C   . GLY B 1 42  ? -4.631  -3.473  -22.775 1.00 62.02  ? 42  GLY B C   1 
ATOM   1202 O O   . GLY B 1 42  ? -3.702  -4.201  -22.413 1.00 59.93  ? 42  GLY B O   1 
ATOM   1203 N N   . GLU B 1 43  ? -4.496  -2.181  -22.984 1.00 58.66  ? 43  GLU B N   1 
ATOM   1204 C CA  . GLU B 1 43  ? -3.177  -1.574  -22.725 1.00 60.72  ? 43  GLU B CA  1 
ATOM   1205 C C   . GLU B 1 43  ? -3.111  -1.169  -21.259 1.00 60.86  ? 43  GLU B C   1 
ATOM   1206 O O   . GLU B 1 43  ? -4.162  -1.036  -20.637 1.00 54.54  ? 43  GLU B O   1 
ATOM   1207 C CB  . GLU B 1 43  ? -2.951  -0.424  -23.703 1.00 71.93  ? 43  GLU B CB  1 
ATOM   1208 C CG  . GLU B 1 43  ? -3.946  -0.415  -24.849 1.00 80.35  ? 43  GLU B CG  1 
ATOM   1209 C CD  . GLU B 1 43  ? -3.591  0.422   -26.059 1.00 83.98  ? 43  GLU B CD  1 
ATOM   1210 O OE1 . GLU B 1 43  ? -2.602  0.092   -26.737 1.00 84.96  ? 43  GLU B OE1 1 
ATOM   1211 O OE2 . GLU B 1 43  ? -4.317  1.388   -26.328 1.00 100.84 ? 43  GLU B OE2 1 
ATOM   1212 N N   . ARG B 1 44  ? -1.909  -1.058  -20.710 1.00 59.11  ? 44  ARG B N   1 
ATOM   1213 C CA  . ARG B 1 44  ? -1.845  -0.605  -19.328 1.00 57.25  ? 44  ARG B CA  1 
ATOM   1214 C C   . ARG B 1 44  ? -1.548  0.880   -19.296 1.00 61.06  ? 44  ARG B C   1 
ATOM   1215 O O   . ARG B 1 44  ? -0.463  1.323   -19.690 1.00 73.33  ? 44  ARG B O   1 
ATOM   1216 C CB  . ARG B 1 44  ? -0.819  -1.388  -18.513 1.00 59.67  ? 44  ARG B CB  1 
ATOM   1217 C CG  . ARG B 1 44  ? -1.112  -1.468  -17.002 1.00 60.72  ? 44  ARG B CG  1 
ATOM   1218 C CD  . ARG B 1 44  ? -0.187  -2.443  -16.178 1.00 61.64  ? 44  ARG B CD  1 
ATOM   1219 N NE  . ARG B 1 44  ? -0.439  -3.852  -16.487 1.00 65.51  ? 44  ARG B NE  1 
ATOM   1220 C CZ  . ARG B 1 44  ? -1.545  -4.517  -16.163 1.00 61.08  ? 44  ARG B CZ  1 
ATOM   1221 N NH1 . ARG B 1 44  ? -2.521  -3.916  -15.499 1.00 54.81  ? 44  ARG B NH1 1 
ATOM   1222 N NH2 . ARG B 1 44  ? -1.674  -5.791  -16.511 1.00 64.61  ? 44  ARG B NH2 1 
ATOM   1223 N N   . GLU B 1 45  ? -2.438  1.651   -18.693 1.00 54.45  ? 45  GLU B N   1 
ATOM   1224 C CA  . GLU B 1 45  ? -2.120  3.085   -18.560 1.00 56.64  ? 45  GLU B CA  1 
ATOM   1225 C C   . GLU B 1 45  ? -1.652  3.367   -17.133 1.00 53.65  ? 45  GLU B C   1 
ATOM   1226 O O   . GLU B 1 45  ? -1.977  2.602   -16.241 1.00 53.16  ? 45  GLU B O   1 
ATOM   1227 C CB  . GLU B 1 45  ? -3.352  3.941   -18.823 1.00 57.36  ? 45  GLU B CB  1 
ATOM   1228 C CG  . GLU B 1 45  ? -4.025  3.664   -20.146 1.00 77.03  ? 45  GLU B CG  1 
ATOM   1229 C CD  . GLU B 1 45  ? -4.991  4.757   -20.560 1.00 83.84  ? 45  GLU B CD  1 
ATOM   1230 O OE1 . GLU B 1 45  ? -6.059  4.434   -21.135 1.00 81.34  ? 45  GLU B OE1 1 
ATOM   1231 O OE2 . GLU B 1 45  ? -4.676  5.934   -20.295 1.00 81.58  ? 45  GLU B OE2 1 
ATOM   1232 N N   . ALA B 1 46  ? -0.847  4.406   -16.981 1.00 47.35  ? 46  ALA B N   1 
ATOM   1233 C CA  . ALA B 1 46  ? -0.414  4.971   -15.719 1.00 46.35  ? 46  ALA B CA  1 
ATOM   1234 C C   . ALA B 1 46  ? -0.962  6.376   -15.633 1.00 43.67  ? 46  ALA B C   1 
ATOM   1235 O O   . ALA B 1 46  ? -1.364  6.940   -16.635 1.00 43.83  ? 46  ALA B O   1 
ATOM   1236 C CB  . ALA B 1 46  ? 1.163   4.995   -15.647 1.00 42.27  ? 46  ALA B CB  1 
ATOM   1237 N N   . ASP B 1 47  ? -1.106  6.860   -14.419 1.00 42.55  ? 47  ASP B N   1 
ATOM   1238 C CA  . ASP B 1 47  ? -1.453  8.218   -14.119 1.00 37.45  ? 47  ASP B CA  1 
ATOM   1239 C C   . ASP B 1 47  ? -0.215  8.840   -13.505 1.00 39.80  ? 47  ASP B C   1 
ATOM   1240 O O   . ASP B 1 47  ? 0.650   8.146   -12.944 1.00 34.09  ? 47  ASP B O   1 
ATOM   1241 C CB  . ASP B 1 47  ? -2.654  8.277   -13.179 1.00 36.00  ? 47  ASP B CB  1 
ATOM   1242 C CG  . ASP B 1 47  ? -3.806  7.416   -13.618 1.00 47.89  ? 47  ASP B CG  1 
ATOM   1243 O OD1 . ASP B 1 47  ? -4.539  7.897   -14.502 1.00 48.67  ? 47  ASP B OD1 1 
ATOM   1244 O OD2 . ASP B 1 47  ? -3.942  6.270   -13.115 1.00 49.10  ? 47  ASP B OD2 1 
ATOM   1245 N N   . PHE B 1 48  ? -0.096  10.145  -13.706 1.00 41.52  ? 48  PHE B N   1 
ATOM   1246 C CA  . PHE B 1 48  ? 1.058   10.926  -13.264 1.00 38.79  ? 48  PHE B CA  1 
ATOM   1247 C C   . PHE B 1 48  ? 0.581   11.948  -12.231 1.00 38.00  ? 48  PHE B C   1 
ATOM   1248 O O   . PHE B 1 48  ? -0.005  12.984  -12.560 1.00 43.51  ? 48  PHE B O   1 
ATOM   1249 C CB  . PHE B 1 48  ? 1.758   11.570  -14.444 1.00 44.16  ? 48  PHE B CB  1 
ATOM   1250 C CG  . PHE B 1 48  ? 2.305   10.578  -15.405 1.00 44.56  ? 48  PHE B CG  1 
ATOM   1251 C CD1 . PHE B 1 48  ? 1.515   10.052  -16.410 1.00 45.07  ? 48  PHE B CD1 1 
ATOM   1252 C CD2 . PHE B 1 48  ? 3.601   10.113  -15.268 1.00 45.12  ? 48  PHE B CD2 1 
ATOM   1253 C CE1 . PHE B 1 48  ? 2.036   9.107   -17.272 1.00 41.96  ? 48  PHE B CE1 1 
ATOM   1254 C CE2 . PHE B 1 48  ? 4.120   9.183   -16.137 1.00 37.28  ? 48  PHE B CE2 1 
ATOM   1255 C CZ  . PHE B 1 48  ? 3.350   8.682   -17.127 1.00 36.59  ? 48  PHE B CZ  1 
ATOM   1256 N N   . ILE B 1 49  ? 0.791   11.615  -10.977 1.00 36.52  ? 49  ILE B N   1 
ATOM   1257 C CA  . ILE B 1 49  ? 0.297   12.396  -9.853  1.00 37.88  ? 49  ILE B CA  1 
ATOM   1258 C C   . ILE B 1 49  ? 1.418   13.242  -9.279  1.00 34.39  ? 49  ILE B C   1 
ATOM   1259 O O   . ILE B 1 49  ? 2.535   12.758  -9.088  1.00 31.85  ? 49  ILE B O   1 
ATOM   1260 C CB  . ILE B 1 49  ? -0.300  11.472  -8.781  1.00 38.02  ? 49  ILE B CB  1 
ATOM   1261 C CG1 . ILE B 1 49  ? -1.209  10.436  -9.444  1.00 36.93  ? 49  ILE B CG1 1 
ATOM   1262 C CG2 . ILE B 1 49  ? -1.055  12.296  -7.772  1.00 34.54  ? 49  ILE B CG2 1 
ATOM   1263 C CD1 . ILE B 1 49  ? -2.393  11.070  -10.146 1.00 36.49  ? 49  ILE B CD1 1 
ATOM   1264 N N   . ASN B 1 50  ? 1.112   14.503  -8.985  1.00 37.79  ? 50  ASN B N   1 
ATOM   1265 C CA  . ASN B 1 50  ? 2.040   15.414  -8.326  1.00 35.87  ? 50  ASN B CA  1 
ATOM   1266 C C   . ASN B 1 50  ? 1.905   15.279  -6.818  1.00 33.57  ? 50  ASN B C   1 
ATOM   1267 O O   . ASN B 1 50  ? 0.851   15.602  -6.260  1.00 37.83  ? 50  ASN B O   1 
ATOM   1268 C CB  . ASN B 1 50  ? 1.746   16.850  -8.741  1.00 34.62  ? 50  ASN B CB  1 
ATOM   1269 C CG  . ASN B 1 50  ? 1.974   17.082  -10.207 1.00 44.43  ? 50  ASN B CG  1 
ATOM   1270 O OD1 . ASN B 1 50  ? 2.867   16.489  -10.822 1.00 45.01  ? 50  ASN B OD1 1 
ATOM   1271 N ND2 . ASN B 1 50  ? 1.140   17.926  -10.793 1.00 51.37  ? 50  ASN B ND2 1 
ATOM   1272 N N   . VAL B 1 51  ? 2.977   14.853  -6.160  1.00 28.70  ? 51  VAL B N   1 
ATOM   1273 C CA  . VAL B 1 51  ? 3.024   14.704  -4.712  1.00 30.18  ? 51  VAL B CA  1 
ATOM   1274 C C   . VAL B 1 51  ? 3.854   15.823  -4.098  1.00 30.91  ? 51  VAL B C   1 
ATOM   1275 O O   . VAL B 1 51  ? 4.867   16.242  -4.664  1.00 32.41  ? 51  VAL B O   1 
ATOM   1276 C CB  . VAL B 1 51  ? 3.611   13.335  -4.333  1.00 32.02  ? 51  VAL B CB  1 
ATOM   1277 C CG1 . VAL B 1 51  ? 3.855   13.251  -2.825  1.00 30.29  ? 51  VAL B CG1 1 
ATOM   1278 C CG2 . VAL B 1 51  ? 2.692   12.241  -4.795  1.00 29.11  ? 51  VAL B CG2 1 
ATOM   1279 N N   . VAL B 1 52  ? 3.419   16.299  -2.936  1.00 31.78  ? 52  VAL B N   1 
ATOM   1280 C CA  . VAL B 1 52  ? 4.110   17.322  -2.161  1.00 30.64  ? 52  VAL B CA  1 
ATOM   1281 C C   . VAL B 1 52  ? 4.321   16.795  -0.747  1.00 31.58  ? 52  VAL B C   1 
ATOM   1282 O O   . VAL B 1 52  ? 3.394   16.253  -0.141  1.00 36.43  ? 52  VAL B O   1 
ATOM   1283 C CB  . VAL B 1 52  ? 3.294   18.631  -2.143  1.00 32.47  ? 52  VAL B CB  1 
ATOM   1284 C CG1 . VAL B 1 52  ? 3.879   19.607  -1.159  1.00 36.88  ? 52  VAL B CG1 1 
ATOM   1285 C CG2 . VAL B 1 52  ? 3.228   19.235  -3.537  1.00 35.28  ? 52  VAL B CG2 1 
ATOM   1286 N N   . VAL B 1 53  ? 5.518   16.957  -0.206  1.00 28.71  ? 53  VAL B N   1 
ATOM   1287 C CA  . VAL B 1 53  ? 5.787   16.512  1.155   1.00 34.09  ? 53  VAL B CA  1 
ATOM   1288 C C   . VAL B 1 53  ? 6.599   17.588  1.877   1.00 33.70  ? 53  VAL B C   1 
ATOM   1289 O O   . VAL B 1 53  ? 7.280   18.389  1.243   1.00 33.64  ? 53  VAL B O   1 
ATOM   1290 C CB  . VAL B 1 53  ? 6.482   15.139  1.119   1.00 31.88  ? 53  VAL B CB  1 
ATOM   1291 C CG1 . VAL B 1 53  ? 7.704   15.211  0.298   1.00 36.12  ? 53  VAL B CG1 1 
ATOM   1292 C CG2 . VAL B 1 53  ? 6.801   14.651  2.526   1.00 42.91  ? 53  VAL B CG2 1 
ATOM   1293 N N   . PHE B 1 54  ? 6.467   17.666  3.204   1.00 32.77  ? 54  PHE B N   1 
ATOM   1294 C CA  . PHE B 1 54  ? 7.037   18.776  3.966   1.00 34.52  ? 54  PHE B CA  1 
ATOM   1295 C C   . PHE B 1 54  ? 8.034   18.320  5.025   1.00 39.55  ? 54  PHE B C   1 
ATOM   1296 O O   . PHE B 1 54  ? 8.183   17.136  5.325   1.00 43.50  ? 54  PHE B O   1 
ATOM   1297 C CB  . PHE B 1 54  ? 5.954   19.612  4.657   1.00 36.39  ? 54  PHE B CB  1 
ATOM   1298 C CG  . PHE B 1 54  ? 4.925   20.141  3.720   1.00 37.59  ? 54  PHE B CG  1 
ATOM   1299 C CD1 . PHE B 1 54  ? 5.276   21.012  2.721   1.00 39.81  ? 54  PHE B CD1 1 
ATOM   1300 C CD2 . PHE B 1 54  ? 3.611   19.746  3.821   1.00 38.19  ? 54  PHE B CD2 1 
ATOM   1301 C CE1 . PHE B 1 54  ? 4.332   21.484  1.847   1.00 45.74  ? 54  PHE B CE1 1 
ATOM   1302 C CE2 . PHE B 1 54  ? 2.672   20.207  2.947   1.00 36.48  ? 54  PHE B CE2 1 
ATOM   1303 C CZ  . PHE B 1 54  ? 3.028   21.078  1.962   1.00 40.71  ? 54  PHE B CZ  1 
ATOM   1304 N N   . LYS B 1 55  ? 8.727   19.312  5.569   1.00 46.90  ? 55  LYS B N   1 
ATOM   1305 C CA  . LYS B 1 55  ? 9.635   19.234  6.735   1.00 46.45  ? 55  LYS B CA  1 
ATOM   1306 C C   . LYS B 1 55  ? 10.658  18.115  6.500   1.00 46.79  ? 55  LYS B C   1 
ATOM   1307 O O   . LYS B 1 55  ? 11.236  18.006  5.409   1.00 46.95  ? 55  LYS B O   1 
ATOM   1308 C CB  . LYS B 1 55  ? 8.807   19.124  8.014   1.00 40.01  ? 55  LYS B CB  1 
ATOM   1309 C CG  . LYS B 1 55  ? 7.623   20.092  8.019   1.00 37.99  ? 55  LYS B CG  1 
ATOM   1310 C CD  . LYS B 1 55  ? 7.157   20.516  9.391   1.00 40.85  ? 55  LYS B CD  1 
ATOM   1311 C CE  . LYS B 1 55  ? 5.905   21.404  9.270   1.00 49.55  ? 55  LYS B CE  1 
ATOM   1312 N NZ  . LYS B 1 55  ? 5.435   21.967  10.571  1.00 48.79  ? 55  LYS B NZ  1 
ATOM   1313 N N   . LYS B 1 56  ? 10.926  17.280  7.496   1.00 47.99  ? 56  LYS B N   1 
ATOM   1314 C CA  . LYS B 1 56  ? 12.043  16.356  7.392   1.00 46.64  ? 56  LYS B CA  1 
ATOM   1315 C C   . LYS B 1 56  ? 11.751  15.206  6.453   1.00 49.32  ? 56  LYS B C   1 
ATOM   1316 O O   . LYS B 1 56  ? 12.686  14.609  5.912   1.00 53.59  ? 56  LYS B O   1 
ATOM   1317 C CB  . LYS B 1 56  ? 12.400  15.789  8.763   1.00 57.04  ? 56  LYS B CB  1 
ATOM   1318 C CG  . LYS B 1 56  ? 13.258  16.688  9.628   1.00 68.14  ? 56  LYS B CG  1 
ATOM   1319 C CD  . LYS B 1 56  ? 13.679  15.970  10.919  1.00 71.10  ? 56  LYS B CD  1 
ATOM   1320 C CE  . LYS B 1 56  ? 12.557  15.938  11.953  1.00 67.99  ? 56  LYS B CE  1 
ATOM   1321 N NZ  . LYS B 1 56  ? 12.385  14.561  12.501  1.00 73.95  ? 56  LYS B NZ  1 
ATOM   1322 N N   . GLN B 1 57  ? 10.480  14.865  6.249   1.00 47.76  ? 57  GLN B N   1 
ATOM   1323 C CA  . GLN B 1 57  ? 10.177  13.847  5.255   1.00 46.18  ? 57  GLN B CA  1 
ATOM   1324 C C   . GLN B 1 57  ? 10.622  14.275  3.874   1.00 45.96  ? 57  GLN B C   1 
ATOM   1325 O O   . GLN B 1 57  ? 11.096  13.441  3.091   1.00 44.18  ? 57  GLN B O   1 
ATOM   1326 C CB  . GLN B 1 57  ? 8.696   13.511  5.285   1.00 45.35  ? 57  GLN B CB  1 
ATOM   1327 C CG  . GLN B 1 57  ? 8.477   12.025  5.157   1.00 52.44  ? 57  GLN B CG  1 
ATOM   1328 C CD  . GLN B 1 57  ? 7.210   11.573  5.821   1.00 52.44  ? 57  GLN B CD  1 
ATOM   1329 O OE1 . GLN B 1 57  ? 6.446   12.389  6.362   1.00 43.93  ? 57  GLN B OE1 1 
ATOM   1330 N NE2 . GLN B 1 57  ? 6.952   10.265  5.759   1.00 52.35  ? 57  GLN B NE2 1 
ATOM   1331 N N   . ALA B 1 58  ? 10.539  15.577  3.584   1.00 44.53  ? 58  ALA B N   1 
ATOM   1332 C CA  . ALA B 1 58  ? 10.966  16.084  2.285   1.00 41.94  ? 58  ALA B CA  1 
ATOM   1333 C C   . ALA B 1 58  ? 12.461  15.910  2.109   1.00 43.12  ? 58  ALA B C   1 
ATOM   1334 O O   . ALA B 1 58  ? 12.948  15.749  0.984   1.00 45.31  ? 58  ALA B O   1 
ATOM   1335 C CB  . ALA B 1 58  ? 10.585  17.552  2.140   1.00 43.19  ? 58  ALA B CB  1 
ATOM   1336 N N   . GLU B 1 59  ? 13.195  15.899  3.208   1.00 43.77  ? 59  GLU B N   1 
ATOM   1337 C CA  . GLU B 1 59  ? 14.625  15.730  3.095   1.00 44.47  ? 59  GLU B CA  1 
ATOM   1338 C C   . GLU B 1 59  ? 14.951  14.278  2.852   1.00 45.98  ? 59  GLU B C   1 
ATOM   1339 O O   . GLU B 1 59  ? 15.823  13.965  2.035   1.00 50.55  ? 59  GLU B O   1 
ATOM   1340 C CB  . GLU B 1 59  ? 15.307  16.205  4.367   1.00 48.53  ? 59  GLU B CB  1 
ATOM   1341 C CG  . GLU B 1 59  ? 15.393  17.698  4.490   1.00 56.63  ? 59  GLU B CG  1 
ATOM   1342 C CD  . GLU B 1 59  ? 16.000  18.107  5.806   1.00 70.61  ? 59  GLU B CD  1 
ATOM   1343 O OE1 . GLU B 1 59  ? 16.177  17.214  6.665   1.00 67.39  ? 59  GLU B OE1 1 
ATOM   1344 O OE2 . GLU B 1 59  ? 16.296  19.312  5.986   1.00 81.42  ? 59  GLU B OE2 1 
ATOM   1345 N N   . ASN B 1 60  ? 14.242  13.377  3.526   1.00 43.78  ? 60  ASN B N   1 
ATOM   1346 C CA  . ASN B 1 60  ? 14.420  11.965  3.245   1.00 43.61  ? 60  ASN B CA  1 
ATOM   1347 C C   . ASN B 1 60  ? 13.910  11.593  1.877   1.00 41.40  ? 60  ASN B C   1 
ATOM   1348 O O   . ASN B 1 60  ? 14.397  10.625  1.296   1.00 46.06  ? 60  ASN B O   1 
ATOM   1349 C CB  . ASN B 1 60  ? 13.738  11.143  4.318   1.00 42.45  ? 60  ASN B CB  1 
ATOM   1350 C CG  . ASN B 1 60  ? 14.265  11.470  5.664   1.00 46.65  ? 60  ASN B CG  1 
ATOM   1351 O OD1 . ASN B 1 60  ? 15.476  11.639  5.823   1.00 46.62  ? 60  ASN B OD1 1 
ATOM   1352 N ND2 . ASN B 1 60  ? 13.372  11.645  6.640   1.00 44.50  ? 60  ASN B ND2 1 
ATOM   1353 N N   . VAL B 1 61  ? 13.019  12.388  1.300   1.00 38.88  ? 61  VAL B N   1 
ATOM   1354 C CA  . VAL B 1 61  ? 12.662  12.120  -0.082  1.00 37.72  ? 61  VAL B CA  1 
ATOM   1355 C C   . VAL B 1 61  ? 13.819  12.490  -0.989  1.00 40.44  ? 61  VAL B C   1 
ATOM   1356 O O   . VAL B 1 61  ? 14.197  11.719  -1.873  1.00 43.87  ? 61  VAL B O   1 
ATOM   1357 C CB  . VAL B 1 61  ? 11.379  12.868  -0.478  1.00 37.06  ? 61  VAL B CB  1 
ATOM   1358 C CG1 . VAL B 1 61  ? 11.297  12.967  -1.964  1.00 32.63  ? 61  VAL B CG1 1 
ATOM   1359 C CG2 . VAL B 1 61  ? 10.133  12.171  0.067   1.00 32.26  ? 61  VAL B CG2 1 
ATOM   1360 N N   . LYS B 1 62  ? 14.471  13.627  -0.716  1.00 47.72  ? 62  LYS B N   1 
ATOM   1361 C CA  . LYS B 1 62  ? 15.596  14.059  -1.549  1.00 49.20  ? 62  LYS B CA  1 
ATOM   1362 C C   . LYS B 1 62  ? 16.797  13.123  -1.414  1.00 46.98  ? 62  LYS B C   1 
ATOM   1363 O O   . LYS B 1 62  ? 17.473  12.831  -2.406  1.00 48.34  ? 62  LYS B O   1 
ATOM   1364 C CB  . LYS B 1 62  ? 15.990  15.498  -1.192  1.00 46.07  ? 62  LYS B CB  1 
ATOM   1365 C CG  . LYS B 1 62  ? 17.128  16.106  -2.043  1.00 51.31  ? 62  LYS B CG  1 
ATOM   1366 C CD  . LYS B 1 62  ? 16.736  16.427  -3.486  1.00 50.45  ? 62  LYS B CD  1 
ATOM   1367 C CE  . LYS B 1 62  ? 17.922  17.014  -4.262  1.00 52.03  ? 62  LYS B CE  1 
ATOM   1368 N NZ  . LYS B 1 62  ? 17.808  16.831  -5.745  1.00 49.58  ? 62  LYS B NZ  1 
ATOM   1369 N N   . ASN B 1 63  ? 17.057  12.607  -0.212  1.00 46.86  ? 63  ASN B N   1 
ATOM   1370 C CA  . ASN B 1 63  ? 18.223  11.748  -0.028  1.00 51.84  ? 63  ASN B CA  1 
ATOM   1371 C C   . ASN B 1 63  ? 18.035  10.392  -0.701  1.00 54.21  ? 63  ASN B C   1 
ATOM   1372 O O   . ASN B 1 63  ? 18.883  9.962   -1.493  1.00 61.19  ? 63  ASN B O   1 
ATOM   1373 C CB  . ASN B 1 63  ? 18.542  11.580  1.464   1.00 56.30  ? 63  ASN B CB  1 
ATOM   1374 C CG  . ASN B 1 63  ? 19.333  12.773  2.048   1.00 63.29  ? 63  ASN B CG  1 
ATOM   1375 O OD1 . ASN B 1 63  ? 19.272  13.898  1.538   1.00 54.28  ? 63  ASN B OD1 1 
ATOM   1376 N ND2 . ASN B 1 63  ? 20.099  12.512  3.108   1.00 72.65  ? 63  ASN B ND2 1 
ATOM   1377 N N   . TYR B 1 64  ? 16.926  9.708   -0.414  1.00 55.89  ? 64  TYR B N   1 
ATOM   1378 C CA  . TYR B 1 64  ? 16.794  8.282   -0.693  1.00 50.14  ? 64  TYR B CA  1 
ATOM   1379 C C   . TYR B 1 64  ? 15.950  7.959   -1.919  1.00 48.50  ? 64  TYR B C   1 
ATOM   1380 O O   . TYR B 1 64  ? 15.845  6.780   -2.269  1.00 55.27  ? 64  TYR B O   1 
ATOM   1381 C CB  . TYR B 1 64  ? 16.188  7.568   0.519   1.00 50.54  ? 64  TYR B CB  1 
ATOM   1382 C CG  . TYR B 1 64  ? 16.914  7.830   1.827   1.00 63.34  ? 64  TYR B CG  1 
ATOM   1383 C CD1 . TYR B 1 64  ? 18.290  8.051   1.850   1.00 69.10  ? 64  TYR B CD1 1 
ATOM   1384 C CD2 . TYR B 1 64  ? 16.223  7.871   3.039   1.00 58.94  ? 64  TYR B CD2 1 
ATOM   1385 C CE1 . TYR B 1 64  ? 18.964  8.290   3.043   1.00 71.62  ? 64  TYR B CE1 1 
ATOM   1386 C CE2 . TYR B 1 64  ? 16.886  8.114   4.238   1.00 63.51  ? 64  TYR B CE2 1 
ATOM   1387 C CZ  . TYR B 1 64  ? 18.259  8.320   4.233   1.00 72.54  ? 64  TYR B CZ  1 
ATOM   1388 O OH  . TYR B 1 64  ? 18.940  8.564   5.411   1.00 74.94  ? 64  TYR B OH  1 
ATOM   1389 N N   . LEU B 1 65  ? 15.357  8.954   -2.584  1.00 38.24  ? 65  LEU B N   1 
ATOM   1390 C CA  . LEU B 1 65  ? 14.462  8.706   -3.709  1.00 39.00  ? 65  LEU B CA  1 
ATOM   1391 C C   . LEU B 1 65  ? 15.027  9.320   -4.968  1.00 42.38  ? 65  LEU B C   1 
ATOM   1392 O O   . LEU B 1 65  ? 15.469  10.468  -4.964  1.00 48.80  ? 65  LEU B O   1 
ATOM   1393 C CB  . LEU B 1 65  ? 13.053  9.257   -3.474  1.00 37.59  ? 65  LEU B CB  1 
ATOM   1394 C CG  . LEU B 1 65  ? 12.175  8.455   -2.505  1.00 35.50  ? 65  LEU B CG  1 
ATOM   1395 C CD1 . LEU B 1 65  ? 10.772  8.928   -2.608  1.00 27.38  ? 65  LEU B CD1 1 
ATOM   1396 C CD2 . LEU B 1 65  ? 12.266  6.953   -2.755  1.00 32.43  ? 65  LEU B CD2 1 
ATOM   1397 N N   . SER B 1 66  ? 14.994  8.553   -6.038  1.00 41.08  ? 66  SER B N   1 
ATOM   1398 C CA  . SER B 1 66  ? 15.588  8.911   -7.302  1.00 40.56  ? 66  SER B CA  1 
ATOM   1399 C C   . SER B 1 66  ? 14.578  8.585   -8.386  1.00 47.00  ? 66  SER B C   1 
ATOM   1400 O O   . SER B 1 66  ? 13.564  7.932   -8.131  1.00 44.64  ? 66  SER B O   1 
ATOM   1401 C CB  . SER B 1 66  ? 16.869  8.128   -7.519  1.00 47.42  ? 66  SER B CB  1 
ATOM   1402 O OG  . SER B 1 66  ? 16.631  6.774   -7.158  1.00 52.93  ? 66  SER B OG  1 
ATOM   1403 N N   . LYS B 1 67  ? 14.873  9.016   -9.610  1.00 46.47  ? 67  LYS B N   1 
ATOM   1404 C CA  . LYS B 1 67  ? 14.020  8.659   -10.731 1.00 43.84  ? 67  LYS B CA  1 
ATOM   1405 C C   . LYS B 1 67  ? 13.850  7.152   -10.769 1.00 39.26  ? 67  LYS B C   1 
ATOM   1406 O O   . LYS B 1 67  ? 14.798  6.406   -10.534 1.00 44.52  ? 67  LYS B O   1 
ATOM   1407 C CB  . LYS B 1 67  ? 14.608  9.142   -12.057 1.00 50.11  ? 67  LYS B CB  1 
ATOM   1408 C CG  . LYS B 1 67  ? 13.670  8.934   -13.250 1.00 50.84  ? 67  LYS B CG  1 
ATOM   1409 C CD  . LYS B 1 67  ? 14.317  9.147   -14.612 1.00 52.97  ? 67  LYS B CD  1 
ATOM   1410 C CE  . LYS B 1 67  ? 14.813  7.836   -15.247 1.00 62.91  ? 67  LYS B CE  1 
ATOM   1411 N NZ  . LYS B 1 67  ? 15.593  8.072   -16.523 1.00 66.67  ? 67  LYS B NZ  1 
ATOM   1412 N N   . GLY B 1 68  ? 12.612  6.709   -10.969 1.00 35.86  ? 68  GLY B N   1 
ATOM   1413 C CA  . GLY B 1 68  ? 12.344  5.297   -11.050 1.00 36.05  ? 68  GLY B CA  1 
ATOM   1414 C C   . GLY B 1 68  ? 12.195  4.597   -9.729  1.00 37.93  ? 68  GLY B C   1 
ATOM   1415 O O   . GLY B 1 68  ? 11.926  3.390   -9.724  1.00 34.34  ? 68  GLY B O   1 
ATOM   1416 N N   . SER B 1 69  ? 12.336  5.307   -8.611  1.00 36.91  ? 69  SER B N   1 
ATOM   1417 C CA  . SER B 1 69  ? 12.220  4.674   -7.307  1.00 34.40  ? 69  SER B CA  1 
ATOM   1418 C C   . SER B 1 69  ? 10.749  4.457   -6.980  1.00 32.71  ? 69  SER B C   1 
ATOM   1419 O O   . SER B 1 69  ? 9.904   5.304   -7.272  1.00 33.56  ? 69  SER B O   1 
ATOM   1420 C CB  . SER B 1 69  ? 12.862  5.551   -6.230  1.00 41.55  ? 69  SER B CB  1 
ATOM   1421 O OG  . SER B 1 69  ? 14.269  5.669   -6.384  1.00 47.92  ? 69  SER B OG  1 
ATOM   1422 N N   . LEU B 1 70  ? 10.455  3.311   -6.385  1.00 31.95  ? 70  LEU B N   1 
ATOM   1423 C CA  . LEU B 1 70  ? 9.108   2.926   -6.008  1.00 29.17  ? 70  LEU B CA  1 
ATOM   1424 C C   . LEU B 1 70  ? 8.768   3.514   -4.651  1.00 30.42  ? 70  LEU B C   1 
ATOM   1425 O O   . LEU B 1 70  ? 9.540   3.381   -3.698  1.00 35.27  ? 70  LEU B O   1 
ATOM   1426 C CB  . LEU B 1 70  ? 8.990   1.408   -5.985  1.00 30.58  ? 70  LEU B CB  1 
ATOM   1427 C CG  . LEU B 1 70  ? 7.611   0.775   -6.026  1.00 33.33  ? 70  LEU B CG  1 
ATOM   1428 C CD1 . LEU B 1 70  ? 6.877   1.102   -7.307  1.00 30.58  ? 70  LEU B CD1 1 
ATOM   1429 C CD2 . LEU B 1 70  ? 7.763   -0.732  -5.867  1.00 35.44  ? 70  LEU B CD2 1 
ATOM   1430 N N   . ALA B 1 71  ? 7.632   4.191   -4.570  1.00 27.97  ? 71  ALA B N   1 
ATOM   1431 C CA  . ALA B 1 71  ? 7.266   4.872   -3.346  1.00 26.48  ? 71  ALA B CA  1 
ATOM   1432 C C   . ALA B 1 71  ? 5.780   4.720   -3.099  1.00 31.33  ? 71  ALA B C   1 
ATOM   1433 O O   . ALA B 1 71  ? 4.992   4.656   -4.039  1.00 33.10  ? 71  ALA B O   1 
ATOM   1434 C CB  . ALA B 1 71  ? 7.615   6.356   -3.403  1.00 26.67  ? 71  ALA B CB  1 
ATOM   1435 N N   . GLY B 1 72  ? 5.416   4.636   -1.823  1.00 32.53  ? 72  GLY B N   1 
ATOM   1436 C CA  . GLY B 1 72  ? 4.030   4.718   -1.383  1.00 27.65  ? 72  GLY B CA  1 
ATOM   1437 C C   . GLY B 1 72  ? 3.788   6.077   -0.761  1.00 26.01  ? 72  GLY B C   1 
ATOM   1438 O O   . GLY B 1 72  ? 4.677   6.637   -0.131  1.00 29.93  ? 72  GLY B O   1 
ATOM   1439 N N   . VAL B 1 73  ? 2.595   6.617   -0.951  1.00 23.28  ? 73  VAL B N   1 
ATOM   1440 C CA  . VAL B 1 73  ? 2.272   7.957   -0.494  1.00 23.71  ? 73  VAL B CA  1 
ATOM   1441 C C   . VAL B 1 73  ? 0.913   7.896   0.166   1.00 25.89  ? 73  VAL B C   1 
ATOM   1442 O O   . VAL B 1 73  ? 0.011   7.218   -0.324  1.00 29.52  ? 73  VAL B O   1 
ATOM   1443 C CB  . VAL B 1 73  ? 2.283   8.983   -1.649  1.00 25.45  ? 73  VAL B CB  1 
ATOM   1444 C CG1 . VAL B 1 73  ? 1.709   10.308  -1.221  1.00 22.82  ? 73  VAL B CG1 1 
ATOM   1445 C CG2 . VAL B 1 73  ? 3.677   9.181   -2.130  1.00 26.83  ? 73  VAL B CG2 1 
ATOM   1446 N N   . ASP B 1 74  ? 0.756   8.633   1.254   1.00 30.33  ? 74  ASP B N   1 
ATOM   1447 C CA  . ASP B 1 74  ? -0.483  8.683   2.017   1.00 28.22  ? 74  ASP B CA  1 
ATOM   1448 C C   . ASP B 1 74  ? -0.732  10.142  2.362   1.00 29.56  ? 74  ASP B C   1 
ATOM   1449 O O   . ASP B 1 74  ? 0.137   10.794  2.945   1.00 28.59  ? 74  ASP B O   1 
ATOM   1450 C CB  . ASP B 1 74  ? -0.365  7.817   3.286   1.00 30.75  ? 74  ASP B CB  1 
ATOM   1451 C CG  . ASP B 1 74  ? -1.545  7.993   4.257   1.00 46.67  ? 74  ASP B CG  1 
ATOM   1452 O OD1 . ASP B 1 74  ? -2.646  7.509   3.920   1.00 48.50  ? 74  ASP B OD1 1 
ATOM   1453 O OD2 . ASP B 1 74  ? -1.373  8.590   5.365   1.00 52.88  ? 74  ASP B OD2 1 
ATOM   1454 N N   . GLY B 1 75  ? -1.899  10.657  2.002   1.00 25.53  ? 75  GLY B N   1 
ATOM   1455 C CA  . GLY B 1 75  ? -2.169  12.044  2.271   1.00 25.25  ? 75  GLY B CA  1 
ATOM   1456 C C   . GLY B 1 75  ? -3.537  12.512  1.831   1.00 26.32  ? 75  GLY B C   1 
ATOM   1457 O O   . GLY B 1 75  ? -4.488  11.743  1.710   1.00 26.24  ? 75  GLY B O   1 
ATOM   1458 N N   . ARG B 1 76  ? -3.608  13.808  1.606   1.00 26.59  ? 76  ARG B N   1 
ATOM   1459 C CA  . ARG B 1 76  ? -4.818  14.523  1.274   1.00 25.68  ? 76  ARG B CA  1 
ATOM   1460 C C   . ARG B 1 76  ? -4.729  14.948  -0.175  1.00 28.89  ? 76  ARG B C   1 
ATOM   1461 O O   . ARG B 1 76  ? -3.646  15.051  -0.744  1.00 29.14  ? 76  ARG B O   1 
ATOM   1462 C CB  . ARG B 1 76  ? -4.965  15.776  2.138   1.00 32.92  ? 76  ARG B CB  1 
ATOM   1463 C CG  . ARG B 1 76  ? -5.740  15.656  3.414   1.00 32.16  ? 76  ARG B CG  1 
ATOM   1464 C CD  . ARG B 1 76  ? -6.000  17.057  3.993   1.00 42.51  ? 76  ARG B CD  1 
ATOM   1465 N NE  . ARG B 1 76  ? -7.325  17.585  3.625   1.00 43.58  ? 76  ARG B NE  1 
ATOM   1466 C CZ  . ARG B 1 76  ? -8.489  17.321  4.246   1.00 49.70  ? 76  ARG B CZ  1 
ATOM   1467 N NH1 . ARG B 1 76  ? -9.616  17.866  3.778   1.00 49.95  ? 76  ARG B NH1 1 
ATOM   1468 N NH2 . ARG B 1 76  ? -8.555  16.532  5.330   1.00 47.00  ? 76  ARG B NH2 1 
ATOM   1469 N N   . LEU B 1 77  ? -5.883  15.184  -0.764  1.00 31.10  ? 77  LEU B N   1 
ATOM   1470 C CA  . LEU B 1 77  ? -5.986  15.791  -2.081  1.00 30.03  ? 77  LEU B CA  1 
ATOM   1471 C C   . LEU B 1 77  ? -6.256  17.266  -1.884  1.00 34.49  ? 77  LEU B C   1 
ATOM   1472 O O   . LEU B 1 77  ? -7.274  17.628  -1.297  1.00 31.15  ? 77  LEU B O   1 
ATOM   1473 C CB  . LEU B 1 77  ? -7.127  15.164  -2.859  1.00 28.73  ? 77  LEU B CB  1 
ATOM   1474 C CG  . LEU B 1 77  ? -7.156  15.207  -4.365  1.00 27.94  ? 77  LEU B CG  1 
ATOM   1475 C CD1 . LEU B 1 77  ? -5.855  14.704  -4.923  1.00 28.95  ? 77  LEU B CD1 1 
ATOM   1476 C CD2 . LEU B 1 77  ? -8.288  14.334  -4.774  1.00 22.36  ? 77  LEU B CD2 1 
ATOM   1477 N N   . GLN B 1 78  ? -5.374  18.117  -2.391  1.00 41.86  ? 78  GLN B N   1 
ATOM   1478 C CA  . GLN B 1 78  ? -5.580  19.545  -2.227  1.00 42.46  ? 78  GLN B CA  1 
ATOM   1479 C C   . GLN B 1 78  ? -5.497  20.258  -3.563  1.00 45.95  ? 78  GLN B C   1 
ATOM   1480 O O   . GLN B 1 78  ? -4.822  19.808  -4.489  1.00 43.42  ? 78  GLN B O   1 
ATOM   1481 C CB  . GLN B 1 78  ? -4.587  20.119  -1.254  1.00 40.61  ? 78  GLN B CB  1 
ATOM   1482 C CG  . GLN B 1 78  ? -5.032  19.824  0.172   1.00 48.63  ? 78  GLN B CG  1 
ATOM   1483 C CD  . GLN B 1 78  ? -4.078  20.367  1.209   1.00 52.22  ? 78  GLN B CD  1 
ATOM   1484 O OE1 . GLN B 1 78  ? -3.285  21.279  0.915   1.00 50.35  ? 78  GLN B OE1 1 
ATOM   1485 N NE2 . GLN B 1 78  ? -4.149  19.817  2.437   1.00 46.68  ? 78  GLN B NE2 1 
ATOM   1486 N N   . THR B 1 79  ? -6.195  21.384  -3.636  1.00 51.00  ? 79  THR B N   1 
ATOM   1487 C CA  . THR B 1 79  ? -6.301  22.207  -4.832  1.00 55.68  ? 79  THR B CA  1 
ATOM   1488 C C   . THR B 1 79  ? -5.711  23.577  -4.525  1.00 56.91  ? 79  THR B C   1 
ATOM   1489 O O   . THR B 1 79  ? -5.978  24.162  -3.472  1.00 60.05  ? 79  THR B O   1 
ATOM   1490 C CB  . THR B 1 79  ? -7.763  22.366  -5.300  1.00 59.73  ? 79  THR B CB  1 
ATOM   1491 O OG1 . THR B 1 79  ? -8.514  23.090  -4.322  1.00 61.16  ? 79  THR B OG1 1 
ATOM   1492 C CG2 . THR B 1 79  ? -8.420  21.030  -5.526  1.00 50.53  ? 79  THR B CG2 1 
ATOM   1493 N N   . ARG B 1 80  ? -4.924  24.060  -5.485  1.00 62.78  ? 80  ARG B N   1 
ATOM   1494 C CA  . ARG B 1 80  ? -4.196  25.351  -5.435  1.00 70.93  ? 80  ARG B CA  1 
ATOM   1495 C C   . ARG B 1 80  ? -4.626  26.208  -6.620  1.00 75.75  ? 80  ARG B C   1 
ATOM   1496 O O   . ARG B 1 80  ? -5.194  25.670  -7.560  1.00 74.89  ? 80  ARG B O   1 
ATOM   1497 C CB  . ARG B 1 80  ? -2.702  25.103  -5.655  1.00 72.14  ? 80  ARG B CB  1 
ATOM   1498 C CG  . ARG B 1 80  ? -1.845  25.220  -4.408  1.00 73.30  ? 80  ARG B CG  1 
ATOM   1499 C CD  . ARG B 1 80  ? -0.372  25.203  -4.745  1.00 81.15  ? 80  ARG B CD  1 
ATOM   1500 N NE  . ARG B 1 80  ? 0.312   26.353  -4.172  1.00 92.59  ? 80  ARG B NE  1 
ATOM   1501 C CZ  . ARG B 1 80  ? 1.601   26.617  -4.318  1.00 87.88  ? 80  ARG B CZ  1 
ATOM   1502 N NH1 . ARG B 1 80  ? 2.117   27.699  -3.761  1.00 87.15  ? 80  ARG B NH1 1 
ATOM   1503 N NH2 . ARG B 1 80  ? 2.369   25.805  -5.017  1.00 83.15  ? 80  ARG B NH2 1 
ATOM   1504 N N   . ASN B 1 81  ? -4.276  27.492  -6.661  1.00 91.00  ? 81  ASN B N   1 
ATOM   1505 C CA  . ASN B 1 81  ? -4.712  28.254  -7.864  1.00 97.18  ? 81  ASN B CA  1 
ATOM   1506 C C   . ASN B 1 81  ? -3.840  29.469  -8.188  1.00 99.06  ? 81  ASN B C   1 
ATOM   1507 O O   . ASN B 1 81  ? -3.068  29.914  -7.321  1.00 91.54  ? 81  ASN B O   1 
ATOM   1508 C CB  . ASN B 1 81  ? -6.161  28.728  -7.770  1.00 92.02  ? 81  ASN B CB  1 
ATOM   1509 C CG  . ASN B 1 81  ? -6.909  28.473  -9.057  1.00 99.21  ? 81  ASN B CG  1 
ATOM   1510 O OD1 . ASN B 1 81  ? -6.321  28.040  -10.044 1.00 100.41 ? 81  ASN B OD1 1 
ATOM   1511 N ND2 . ASN B 1 81  ? -8.205  28.724  -9.052  1.00 103.19 ? 81  ASN B ND2 1 
ATOM   1512 N N   . TYR B 1 82  ? -3.964  29.915  -9.444  1.00 101.17 ? 82  TYR B N   1 
ATOM   1513 C CA  . TYR B 1 82  ? -3.358  31.156  -9.994  1.00 101.30 ? 82  TYR B CA  1 
ATOM   1514 C C   . TYR B 1 82  ? -4.516  32.032  -10.482 1.00 105.74 ? 82  TYR B C   1 
ATOM   1515 O O   . TYR B 1 82  ? -5.130  31.615  -11.490 1.00 102.74 ? 82  TYR B O   1 
ATOM   1516 C CB  . TYR B 1 82  ? -2.546  30.941  -11.270 1.00 103.36 ? 82  TYR B CB  1 
ATOM   1517 C CG  . TYR B 1 82  ? -2.393  32.241  -12.028 1.00 111.80 ? 82  TYR B CG  1 
ATOM   1518 C CD1 . TYR B 1 82  ? -1.681  33.292  -11.475 1.00 100.04 ? 82  TYR B CD1 1 
ATOM   1519 C CD2 . TYR B 1 82  ? -3.018  32.465  -13.245 1.00 110.85 ? 82  TYR B CD2 1 
ATOM   1520 C CE1 . TYR B 1 82  ? -1.548  34.506  -12.123 1.00 104.28 ? 82  TYR B CE1 1 
ATOM   1521 C CE2 . TYR B 1 82  ? -2.896  33.674  -13.909 1.00 107.89 ? 82  TYR B CE2 1 
ATOM   1522 C CZ  . TYR B 1 82  ? -2.160  34.700  -13.344 1.00 113.62 ? 82  TYR B CZ  1 
ATOM   1523 O OH  . TYR B 1 82  ? -2.017  35.910  -13.959 1.00 101.79 ? 82  TYR B OH  1 
ATOM   1524 N N   . VAL B 1 90  ? -5.317  28.730  -14.163 1.00 97.39  ? 90  VAL B N   1 
ATOM   1525 C CA  . VAL B 1 90  ? -4.518  27.483  -13.974 1.00 98.10  ? 90  VAL B CA  1 
ATOM   1526 C C   . VAL B 1 90  ? -4.902  26.866  -12.626 1.00 98.98  ? 90  VAL B C   1 
ATOM   1527 O O   . VAL B 1 90  ? -4.468  27.397  -11.589 1.00 94.26  ? 90  VAL B O   1 
ATOM   1528 C CB  . VAL B 1 90  ? -3.006  27.774  -14.052 1.00 98.42  ? 90  VAL B CB  1 
ATOM   1529 C CG1 . VAL B 1 90  ? -2.215  26.985  -13.023 1.00 93.22  ? 90  VAL B CG1 1 
ATOM   1530 C CG2 . VAL B 1 90  ? -2.444  27.542  -15.443 1.00 85.95  ? 90  VAL B CG2 1 
ATOM   1531 N N   . PHE B 1 91  ? -5.723  25.813  -12.642 1.00 98.47  ? 91  PHE B N   1 
ATOM   1532 C CA  . PHE B 1 91  ? -6.085  25.133  -11.372 1.00 94.29  ? 91  PHE B CA  1 
ATOM   1533 C C   . PHE B 1 91  ? -5.158  23.931  -11.223 1.00 80.39  ? 91  PHE B C   1 
ATOM   1534 O O   . PHE B 1 91  ? -5.023  23.168  -12.173 1.00 73.56  ? 91  PHE B O   1 
ATOM   1535 C CB  . PHE B 1 91  ? -7.564  24.751  -11.321 1.00 93.86  ? 91  PHE B CB  1 
ATOM   1536 C CG  . PHE B 1 91  ? -8.132  24.669  -9.925  1.00 98.56  ? 91  PHE B CG  1 
ATOM   1537 C CD1 . PHE B 1 91  ? -7.378  25.052  -8.829  1.00 90.69  ? 91  PHE B CD1 1 
ATOM   1538 C CD2 . PHE B 1 91  ? -9.417  24.202  -9.698  1.00 99.04  ? 91  PHE B CD2 1 
ATOM   1539 C CE1 . PHE B 1 91  ? -7.905  24.982  -7.550  1.00 81.35  ? 91  PHE B CE1 1 
ATOM   1540 C CE2 . PHE B 1 91  ? -9.939  24.131  -8.417  1.00 86.79  ? 91  PHE B CE2 1 
ATOM   1541 C CZ  . PHE B 1 91  ? -9.184  24.527  -7.346  1.00 77.87  ? 91  PHE B CZ  1 
ATOM   1542 N N   . VAL B 1 92  ? -4.532  23.795  -10.060 1.00 73.87  ? 92  VAL B N   1 
ATOM   1543 C CA  . VAL B 1 92  ? -3.582  22.670  -9.862  1.00 66.71  ? 92  VAL B CA  1 
ATOM   1544 C C   . VAL B 1 92  ? -4.059  21.787  -8.718  1.00 58.46  ? 92  VAL B C   1 
ATOM   1545 O O   . VAL B 1 92  ? -4.487  22.318  -7.717  1.00 56.58  ? 92  VAL B O   1 
ATOM   1546 C CB  . VAL B 1 92  ? -2.172  23.206  -9.579  1.00 66.37  ? 92  VAL B CB  1 
ATOM   1547 C CG1 . VAL B 1 92  ? -1.149  22.092  -9.466  1.00 61.73  ? 92  VAL B CG1 1 
ATOM   1548 C CG2 . VAL B 1 92  ? -1.753  24.202  -10.635 1.00 68.80  ? 92  VAL B CG2 1 
ATOM   1549 N N   . THR B 1 93  ? -3.995  20.477  -8.917  1.00 56.11  ? 93  THR B N   1 
ATOM   1550 C CA  . THR B 1 93  ? -4.323  19.515  -7.883  1.00 47.39  ? 93  THR B CA  1 
ATOM   1551 C C   . THR B 1 93  ? -3.091  18.680  -7.604  1.00 42.06  ? 93  THR B C   1 
ATOM   1552 O O   . THR B 1 93  ? -2.462  18.161  -8.529  1.00 43.03  ? 93  THR B O   1 
ATOM   1553 C CB  . THR B 1 93  ? -5.471  18.599  -8.287  1.00 44.53  ? 93  THR B CB  1 
ATOM   1554 O OG1 . THR B 1 93  ? -4.980  17.686  -9.269  1.00 57.46  ? 93  THR B OG1 1 
ATOM   1555 C CG2 . THR B 1 93  ? -6.644  19.389  -8.869  1.00 48.75  ? 93  THR B CG2 1 
ATOM   1556 N N   . GLU B 1 94  ? -2.736  18.589  -6.337  1.00 39.09  ? 94  GLU B N   1 
ATOM   1557 C CA  . GLU B 1 94  ? -1.618  17.795  -5.887  1.00 35.67  ? 94  GLU B CA  1 
ATOM   1558 C C   . GLU B 1 94  ? -2.091  16.939  -4.720  1.00 34.20  ? 94  GLU B C   1 
ATOM   1559 O O   . GLU B 1 94  ? -3.127  17.208  -4.109  1.00 41.64  ? 94  GLU B O   1 
ATOM   1560 C CB  . GLU B 1 94  ? -0.450  18.691  -5.483  1.00 39.87  ? 94  GLU B CB  1 
ATOM   1561 C CG  . GLU B 1 94  ? -0.837  19.819  -4.518  1.00 47.81  ? 94  GLU B CG  1 
ATOM   1562 C CD  . GLU B 1 94  ? -0.010  21.125  -4.693  1.00 63.70  ? 94  GLU B CD  1 
ATOM   1563 O OE1 . GLU B 1 94  ? 0.016   21.975  -3.750  1.00 63.32  ? 94  GLU B OE1 1 
ATOM   1564 O OE2 . GLU B 1 94  ? 0.608   21.303  -5.771  1.00 60.88  ? 94  GLU B OE2 1 
ATOM   1565 N N   . VAL B 1 95  ? -1.343  15.888  -4.431  1.00 27.65  ? 95  VAL B N   1 
ATOM   1566 C CA  . VAL B 1 95  ? -1.530  15.090  -3.229  1.00 24.63  ? 95  VAL B CA  1 
ATOM   1567 C C   . VAL B 1 95  ? -0.552  15.595  -2.174  1.00 29.53  ? 95  VAL B C   1 
ATOM   1568 O O   . VAL B 1 95  ? 0.668   15.552  -2.370  1.00 31.64  ? 95  VAL B O   1 
ATOM   1569 C CB  . VAL B 1 95  ? -1.313  13.601  -3.523  1.00 24.18  ? 95  VAL B CB  1 
ATOM   1570 C CG1 . VAL B 1 95  ? -1.135  12.811  -2.241  1.00 22.19  ? 95  VAL B CG1 1 
ATOM   1571 C CG2 . VAL B 1 95  ? -2.468  13.081  -4.318  1.00 21.40  ? 95  VAL B CG2 1 
ATOM   1572 N N   . VAL B 1 96  ? -1.070  16.050  -1.041  1.00 29.88  ? 96  VAL B N   1 
ATOM   1573 C CA  . VAL B 1 96  ? -0.222  16.494  0.057   1.00 28.82  ? 96  VAL B CA  1 
ATOM   1574 C C   . VAL B 1 96  ? 0.027   15.302  0.969   1.00 30.17  ? 96  VAL B C   1 
ATOM   1575 O O   . VAL B 1 96  ? -0.871  14.835  1.669   1.00 30.42  ? 96  VAL B O   1 
ATOM   1576 C CB  . VAL B 1 96  ? -0.849  17.662  0.819   1.00 29.78  ? 96  VAL B CB  1 
ATOM   1577 C CG1 . VAL B 1 96  ? -0.092  17.895  2.098   1.00 26.39  ? 96  VAL B CG1 1 
ATOM   1578 C CG2 . VAL B 1 96  ? -0.822  18.903  -0.049  1.00 34.67  ? 96  VAL B CG2 1 
ATOM   1579 N N   . ALA B 1 97  ? 1.250   14.803  0.946   1.00 31.22  ? 97  ALA B N   1 
ATOM   1580 C CA  . ALA B 1 97  ? 1.611   13.602  1.673   1.00 28.07  ? 97  ALA B CA  1 
ATOM   1581 C C   . ALA B 1 97  ? 1.884   13.908  3.141   1.00 28.95  ? 97  ALA B C   1 
ATOM   1582 O O   . ALA B 1 97  ? 2.783   14.688  3.469   1.00 33.74  ? 97  ALA B O   1 
ATOM   1583 C CB  . ALA B 1 97  ? 2.844   12.977  1.034   1.00 27.17  ? 97  ALA B CB  1 
ATOM   1584 N N   . ASP B 1 98  ? 1.131   13.278  4.027   1.00 33.15  ? 98  ASP B N   1 
ATOM   1585 C CA  . ASP B 1 98  ? 1.535   13.214  5.420   1.00 33.32  ? 98  ASP B CA  1 
ATOM   1586 C C   . ASP B 1 98  ? 2.451   12.033  5.684   1.00 35.51  ? 98  ASP B C   1 
ATOM   1587 O O   . ASP B 1 98  ? 3.196   12.059  6.662   1.00 42.29  ? 98  ASP B O   1 
ATOM   1588 C CB  . ASP B 1 98  ? 0.329   13.219  6.372   1.00 34.41  ? 98  ASP B CB  1 
ATOM   1589 C CG  . ASP B 1 98  ? -0.499  11.971  6.303   1.00 47.28  ? 98  ASP B CG  1 
ATOM   1590 O OD1 . ASP B 1 98  ? -1.084  11.717  5.233   1.00 52.87  ? 98  ASP B OD1 1 
ATOM   1591 O OD2 . ASP B 1 98  ? -0.607  11.261  7.331   1.00 56.00  ? 98  ASP B OD2 1 
ATOM   1592 N N   . SER B 1 99  ? 2.443   11.015  4.833   1.00 36.05  ? 99  SER B N   1 
ATOM   1593 C CA  . SER B 1 99  ? 3.335   9.884   5.019   1.00 34.15  ? 99  SER B CA  1 
ATOM   1594 C C   . SER B 1 99  ? 3.834   9.379   3.669   1.00 30.63  ? 99  SER B C   1 
ATOM   1595 O O   . SER B 1 99  ? 3.098   9.366   2.684   1.00 28.56  ? 99  SER B O   1 
ATOM   1596 C CB  . SER B 1 99  ? 2.607   8.777   5.801   1.00 33.56  ? 99  SER B CB  1 
ATOM   1597 O OG  . SER B 1 99  ? 3.182   7.493   5.606   1.00 42.04  ? 99  SER B OG  1 
ATOM   1598 N N   . VAL B 1 100 ? 5.098   8.984   3.629   1.00 28.91  ? 100 VAL B N   1 
ATOM   1599 C CA  . VAL B 1 100 ? 5.721   8.400   2.450   1.00 27.40  ? 100 VAL B CA  1 
ATOM   1600 C C   . VAL B 1 100 ? 6.462   7.131   2.841   1.00 27.98  ? 100 VAL B C   1 
ATOM   1601 O O   . VAL B 1 100 ? 7.220   7.133   3.814   1.00 35.44  ? 100 VAL B O   1 
ATOM   1602 C CB  . VAL B 1 100 ? 6.705   9.381   1.795   1.00 30.14  ? 100 VAL B CB  1 
ATOM   1603 C CG1 . VAL B 1 100 ? 7.476   8.663   0.717   1.00 28.10  ? 100 VAL B CG1 1 
ATOM   1604 C CG2 . VAL B 1 100 ? 5.983   10.589  1.241   1.00 27.48  ? 100 VAL B CG2 1 
ATOM   1605 N N   . GLN B 1 101 ? 6.274   6.059   2.083   1.00 28.46  ? 101 GLN B N   1 
ATOM   1606 C CA  . GLN B 1 101 ? 6.949   4.801   2.370   1.00 29.65  ? 101 GLN B CA  1 
ATOM   1607 C C   . GLN B 1 101 ? 7.950   4.491   1.255   1.00 33.83  ? 101 GLN B C   1 
ATOM   1608 O O   . GLN B 1 101 ? 7.606   4.532   0.067   1.00 30.89  ? 101 GLN B O   1 
ATOM   1609 C CB  . GLN B 1 101 ? 5.937   3.661   2.543   1.00 27.22  ? 101 GLN B CB  1 
ATOM   1610 C CG  . GLN B 1 101 ? 6.555   2.274   2.450   1.00 27.82  ? 101 GLN B CG  1 
ATOM   1611 C CD  . GLN B 1 101 ? 5.633   1.143   2.876   1.00 30.86  ? 101 GLN B CD  1 
ATOM   1612 O OE1 . GLN B 1 101 ? 4.440   1.330   3.093   1.00 30.93  ? 101 GLN B OE1 1 
ATOM   1613 N NE2 . GLN B 1 101 ? 6.192   -0.052  2.972   1.00 36.24  ? 101 GLN B NE2 1 
ATOM   1614 N N   . PHE B 1 102 ? 9.190   4.178   1.640   1.00 34.74  ? 102 PHE B N   1 
ATOM   1615 C CA  . PHE B 1 102 ? 10.251  3.872   0.681   1.00 38.89  ? 102 PHE B CA  1 
ATOM   1616 C C   . PHE B 1 102 ? 10.296  2.369   0.439   1.00 37.54  ? 102 PHE B C   1 
ATOM   1617 O O   . PHE B 1 102 ? 10.792  1.619   1.275   1.00 41.76  ? 102 PHE B O   1 
ATOM   1618 C CB  . PHE B 1 102 ? 11.598  4.386   1.189   1.00 34.39  ? 102 PHE B CB  1 
ATOM   1619 C CG  . PHE B 1 102 ? 11.561  5.803   1.658   1.00 34.79  ? 102 PHE B CG  1 
ATOM   1620 C CD1 . PHE B 1 102 ? 11.756  6.836   0.786   1.00 38.13  ? 102 PHE B CD1 1 
ATOM   1621 C CD2 . PHE B 1 102 ? 11.280  6.105   2.974   1.00 47.75  ? 102 PHE B CD2 1 
ATOM   1622 C CE1 . PHE B 1 102 ? 11.686  8.148   1.220   1.00 42.03  ? 102 PHE B CE1 1 
ATOM   1623 C CE2 . PHE B 1 102 ? 11.218  7.426   3.406   1.00 39.75  ? 102 PHE B CE2 1 
ATOM   1624 C CZ  . PHE B 1 102 ? 11.422  8.432   2.528   1.00 36.48  ? 102 PHE B CZ  1 
ATOM   1625 N N   . LEU B 1 103 ? 9.931   1.941   -0.754  1.00 34.88  ? 103 LEU B N   1 
ATOM   1626 C CA  . LEU B 1 103 ? 9.837   0.514   -0.994  1.00 38.07  ? 103 LEU B CA  1 
ATOM   1627 C C   . LEU B 1 103 ? 11.136  -0.086  -1.491  1.00 49.16  ? 103 LEU B C   1 
ATOM   1628 O O   . LEU B 1 103 ? 11.241  -1.311  -1.557  1.00 56.64  ? 103 LEU B O   1 
ATOM   1629 C CB  . LEU B 1 103 ? 8.715   0.238   -1.991  1.00 40.94  ? 103 LEU B CB  1 
ATOM   1630 C CG  . LEU B 1 103 ? 7.405   0.808   -1.452  1.00 36.80  ? 103 LEU B CG  1 
ATOM   1631 C CD1 . LEU B 1 103 ? 6.312   0.748   -2.464  1.00 33.08  ? 103 LEU B CD1 1 
ATOM   1632 C CD2 . LEU B 1 103 ? 7.005   0.021   -0.234  1.00 40.80  ? 103 LEU B CD2 1 
ATOM   1633 N N   . GLU B 1 104 ? 12.136  0.735   -1.783  1.00 59.33  ? 104 GLU B N   1 
ATOM   1634 C CA  . GLU B 1 104 ? 13.449  0.306   -2.236  1.00 66.87  ? 104 GLU B CA  1 
ATOM   1635 C C   . GLU B 1 104 ? 14.508  0.907   -1.322  1.00 74.11  ? 104 GLU B C   1 
ATOM   1636 O O   . GLU B 1 104 ? 14.333  2.022   -0.816  1.00 72.78  ? 104 GLU B O   1 
ATOM   1637 C CB  . GLU B 1 104 ? 13.725  0.740   -3.683  1.00 62.64  ? 104 GLU B CB  1 
ATOM   1638 C CG  . GLU B 1 104 ? 12.706  0.309   -4.727  1.00 56.13  ? 104 GLU B CG  1 
ATOM   1639 C CD  . GLU B 1 104 ? 12.933  1.031   -6.060  1.00 60.50  ? 104 GLU B CD  1 
ATOM   1640 O OE1 . GLU B 1 104 ? 12.212  0.757   -7.056  1.00 57.18  ? 104 GLU B OE1 1 
ATOM   1641 O OE2 . GLU B 1 104 ? 13.855  1.880   -6.110  1.00 64.58  ? 104 GLU B OE2 1 
ATOM   1642 N N   . PRO B 1 105 ? 15.649  0.215   -1.137  1.00 85.47  ? 105 PRO B N   1 
ATOM   1643 C CA  . PRO B 1 105 ? 16.706  0.617   -0.187  1.00 85.80  ? 105 PRO B CA  1 
ATOM   1644 C C   . PRO B 1 105 ? 17.215  2.064   -0.328  1.00 79.74  ? 105 PRO B C   1 
ATOM   1645 O O   . PRO B 1 105 ? 17.402  2.586   -1.426  1.00 78.24  ? 105 PRO B O   1 
ATOM   1646 C CB  . PRO B 1 105 ? 17.859  -0.358  -0.506  1.00 82.47  ? 105 PRO B CB  1 
ATOM   1647 C CG  . PRO B 1 105 ? 17.368  -1.258  -1.629  1.00 82.93  ? 105 PRO B CG  1 
ATOM   1648 C CD  . PRO B 1 105 ? 15.883  -1.131  -1.687  1.00 80.59  ? 105 PRO B CD  1 
HETATM 1649 N N1  . URF C 2 .   ? 4.461   12.787  -17.725 1.00 73.84  ? 301 URF B N1  1 
HETATM 1650 C C2  . URF C 2 .   ? 5.742   12.406  -17.484 1.00 78.28  ? 301 URF B C2  1 
HETATM 1651 N N3  . URF C 2 .   ? 6.373   13.097  -16.481 1.00 82.08  ? 301 URF B N3  1 
HETATM 1652 C C4  . URF C 2 .   ? 5.844   14.103  -15.708 1.00 84.34  ? 301 URF B C4  1 
HETATM 1653 C C5  . URF C 2 .   ? 4.477   14.425  -16.037 1.00 85.03  ? 301 URF B C5  1 
HETATM 1654 C C6  . URF C 2 .   ? 3.837   13.773  -17.013 1.00 81.54  ? 301 URF B C6  1 
HETATM 1655 O O2  . URF C 2 .   ? 6.300   11.520  -18.117 1.00 75.23  ? 301 URF B O2  1 
HETATM 1656 O O4  . URF C 2 .   ? 6.514   14.651  -14.840 1.00 73.36  ? 301 URF B O4  1 
HETATM 1657 F F5  . URF C 2 .   ? 3.887   15.409  -15.337 1.00 75.57  ? 301 URF B F5  1 
HETATM 1658 O O   . HOH D 3 .   ? -2.271  -24.370 1.615   1.00 46.27  ? 201 HOH A O   1 
HETATM 1659 O O   . HOH D 3 .   ? -7.413  -9.423  11.372  1.00 32.02  ? 202 HOH A O   1 
HETATM 1660 O O   . HOH D 3 .   ? 7.343   1.035   8.743   1.00 44.04  ? 203 HOH A O   1 
HETATM 1661 O O   . HOH D 3 .   ? 12.657  -16.895 7.215   1.00 50.43  ? 204 HOH A O   1 
HETATM 1662 O O   . HOH D 3 .   ? -13.558 -14.111 19.269  1.00 40.03  ? 205 HOH A O   1 
# 
loop_
_pdbx_poly_seq_scheme.asym_id 
_pdbx_poly_seq_scheme.entity_id 
_pdbx_poly_seq_scheme.seq_id 
_pdbx_poly_seq_scheme.mon_id 
_pdbx_poly_seq_scheme.ndb_seq_num 
_pdbx_poly_seq_scheme.pdb_seq_num 
_pdbx_poly_seq_scheme.auth_seq_num 
_pdbx_poly_seq_scheme.pdb_mon_id 
_pdbx_poly_seq_scheme.auth_mon_id 
_pdbx_poly_seq_scheme.pdb_strand_id 
_pdbx_poly_seq_scheme.pdb_ins_code 
_pdbx_poly_seq_scheme.hetero 
A 1 1   MET 1   1   1   MET MET A . n 
A 1 2   LEU 2   2   2   LEU LEU A . n 
A 1 3   ASN 3   3   3   ASN ASN A . n 
A 1 4   ARG 4   4   4   ARG ARG A . n 
A 1 5   VAL 5   5   5   VAL VAL A . n 
A 1 6   VAL 6   6   6   VAL VAL A . n 
A 1 7   LEU 7   7   7   LEU LEU A . n 
A 1 8   VAL 8   8   8   VAL VAL A . n 
A 1 9   GLY 9   9   9   GLY GLY A . n 
A 1 10  ARG 10  10  10  ARG ARG A . n 
A 1 11  LEU 11  11  11  LEU LEU A . n 
A 1 12  THR 12  12  12  THR THR A . n 
A 1 13  LYS 13  13  13  LYS LYS A . n 
A 1 14  ASP 14  14  14  ASP ASP A . n 
A 1 15  PRO 15  15  15  PRO PRO A . n 
A 1 16  GLU 16  16  16  GLU GLU A . n 
A 1 17  LEU 17  17  17  LEU LEU A . n 
A 1 18  ARG 18  18  18  ARG ARG A . n 
A 1 19  SER 19  19  19  SER SER A . n 
A 1 20  THR 20  20  20  THR THR A . n 
A 1 21  PRO 21  21  21  PRO PRO A . n 
A 1 22  ASN 22  22  22  ASN ASN A . n 
A 1 23  GLY 23  23  23  GLY GLY A . n 
A 1 24  VAL 24  24  24  VAL VAL A . n 
A 1 25  ASN 25  25  25  ASN ASN A . n 
A 1 26  VAL 26  26  26  VAL VAL A . n 
A 1 27  GLY 27  27  27  GLY GLY A . n 
A 1 28  THR 28  28  28  THR THR A . n 
A 1 29  PHE 29  29  29  PHE PHE A . n 
A 1 30  THR 30  30  30  THR THR A . n 
A 1 31  LEU 31  31  31  LEU LEU A . n 
A 1 32  ALA 32  32  32  ALA ALA A . n 
A 1 33  VAL 33  33  33  VAL VAL A . n 
A 1 34  ASN 34  34  34  ASN ASN A . n 
A 1 35  ARG 35  35  35  ARG ARG A . n 
A 1 36  THR 36  36  36  THR THR A . n 
A 1 37  PHE 37  37  37  PHE PHE A . n 
A 1 38  THR 38  38  38  THR THR A . n 
A 1 39  ASN 39  39  39  ASN ASN A . n 
A 1 40  ALA 40  40  40  ALA ALA A . n 
A 1 41  GLN 41  41  41  GLN GLN A . n 
A 1 42  GLY 42  42  42  GLY GLY A . n 
A 1 43  GLU 43  43  43  GLU GLU A . n 
A 1 44  ARG 44  44  44  ARG ARG A . n 
A 1 45  GLU 45  45  45  GLU GLU A . n 
A 1 46  ALA 46  46  46  ALA ALA A . n 
A 1 47  ASP 47  47  47  ASP ASP A . n 
A 1 48  PHE 48  48  48  PHE PHE A . n 
A 1 49  ILE 49  49  49  ILE ILE A . n 
A 1 50  ASN 50  50  50  ASN ASN A . n 
A 1 51  VAL 51  51  51  VAL VAL A . n 
A 1 52  VAL 52  52  52  VAL VAL A . n 
A 1 53  VAL 53  53  53  VAL VAL A . n 
A 1 54  PHE 54  54  54  PHE PHE A . n 
A 1 55  LYS 55  55  55  LYS LYS A . n 
A 1 56  LYS 56  56  56  LYS LYS A . n 
A 1 57  GLN 57  57  57  GLN GLN A . n 
A 1 58  ALA 58  58  58  ALA ALA A . n 
A 1 59  GLU 59  59  59  GLU GLU A . n 
A 1 60  ASN 60  60  60  ASN ASN A . n 
A 1 61  VAL 61  61  61  VAL VAL A . n 
A 1 62  LYS 62  62  62  LYS LYS A . n 
A 1 63  ASN 63  63  63  ASN ASN A . n 
A 1 64  TYR 64  64  64  TYR TYR A . n 
A 1 65  LEU 65  65  65  LEU LEU A . n 
A 1 66  SER 66  66  66  SER SER A . n 
A 1 67  LYS 67  67  67  LYS LYS A . n 
A 1 68  GLY 68  68  68  GLY GLY A . n 
A 1 69  SER 69  69  69  SER SER A . n 
A 1 70  LEU 70  70  70  LEU LEU A . n 
A 1 71  ALA 71  71  71  ALA ALA A . n 
A 1 72  GLY 72  72  72  GLY GLY A . n 
A 1 73  VAL 73  73  73  VAL VAL A . n 
A 1 74  ASP 74  74  74  ASP ASP A . n 
A 1 75  GLY 75  75  75  GLY GLY A . n 
A 1 76  ARG 76  76  76  ARG ARG A . n 
A 1 77  LEU 77  77  77  LEU LEU A . n 
A 1 78  GLN 78  78  78  GLN GLN A . n 
A 1 79  THR 79  79  79  THR THR A . n 
A 1 80  ARG 80  80  80  ARG ARG A . n 
A 1 81  ASN 81  81  81  ASN ASN A . n 
A 1 82  TYR 82  82  82  TYR TYR A . n 
A 1 83  GLU 83  83  83  GLU GLU A . n 
A 1 84  ASN 84  84  84  ASN ASN A . n 
A 1 85  LYS 85  85  85  LYS LYS A . n 
A 1 86  ASP 86  86  86  ASP ASP A . n 
A 1 87  GLY 87  87  87  GLY GLY A . n 
A 1 88  GLN 88  88  88  GLN GLN A . n 
A 1 89  ARG 89  89  89  ARG ARG A . n 
A 1 90  VAL 90  90  90  VAL VAL A . n 
A 1 91  PHE 91  91  91  PHE PHE A . n 
A 1 92  VAL 92  92  92  VAL VAL A . n 
A 1 93  THR 93  93  93  THR THR A . n 
A 1 94  GLU 94  94  94  GLU GLU A . n 
A 1 95  VAL 95  95  95  VAL VAL A . n 
A 1 96  VAL 96  96  96  VAL VAL A . n 
A 1 97  ALA 97  97  97  ALA ALA A . n 
A 1 98  ASP 98  98  98  ASP ASP A . n 
A 1 99  SER 99  99  99  SER SER A . n 
A 1 100 VAL 100 100 100 VAL VAL A . n 
A 1 101 GLN 101 101 101 GLN GLN A . n 
A 1 102 PHE 102 102 102 PHE PHE A . n 
A 1 103 LEU 103 103 103 LEU LEU A . n 
A 1 104 GLU 104 104 104 GLU GLU A . n 
A 1 105 PRO 105 105 105 PRO PRO A . n 
A 1 106 LYS 106 106 106 LYS LYS A . n 
A 1 107 ASN 107 107 107 ASN ASN A . n 
A 1 108 ASN 108 108 108 ASN ASN A . n 
A 1 109 ASN 109 109 109 ASN ASN A . n 
A 1 110 GLN 110 110 110 GLN GLN A . n 
A 1 111 GLN 111 111 111 GLN GLN A . n 
A 1 112 GLN 112 112 112 GLN GLN A . n 
A 1 113 HIS 113 113 ?   ?   ?   A . n 
A 1 114 HIS 114 114 ?   ?   ?   A . n 
A 1 115 HIS 115 115 ?   ?   ?   A . n 
A 1 116 HIS 116 116 ?   ?   ?   A . n 
A 1 117 HIS 117 117 ?   ?   ?   A . n 
A 1 118 HIS 118 118 ?   ?   ?   A . n 
B 1 1   MET 1   1   1   MET MET B . n 
B 1 2   LEU 2   2   2   LEU LEU B . n 
B 1 3   ASN 3   3   3   ASN ASN B . n 
B 1 4   ARG 4   4   4   ARG ARG B . n 
B 1 5   VAL 5   5   5   VAL VAL B . n 
B 1 6   VAL 6   6   6   VAL VAL B . n 
B 1 7   LEU 7   7   7   LEU LEU B . n 
B 1 8   VAL 8   8   8   VAL VAL B . n 
B 1 9   GLY 9   9   9   GLY GLY B . n 
B 1 10  ARG 10  10  10  ARG ARG B . n 
B 1 11  LEU 11  11  11  LEU LEU B . n 
B 1 12  THR 12  12  12  THR THR B . n 
B 1 13  LYS 13  13  13  LYS LYS B . n 
B 1 14  ASP 14  14  14  ASP ASP B . n 
B 1 15  PRO 15  15  15  PRO PRO B . n 
B 1 16  GLU 16  16  16  GLU GLU B . n 
B 1 17  LEU 17  17  17  LEU LEU B . n 
B 1 18  ARG 18  18  18  ARG ARG B . n 
B 1 19  SER 19  19  19  SER SER B . n 
B 1 20  THR 20  20  20  THR THR B . n 
B 1 21  PRO 21  21  21  PRO PRO B . n 
B 1 22  ASN 22  22  22  ASN ASN B . n 
B 1 23  GLY 23  23  23  GLY GLY B . n 
B 1 24  VAL 24  24  24  VAL VAL B . n 
B 1 25  ASN 25  25  25  ASN ASN B . n 
B 1 26  VAL 26  26  26  VAL VAL B . n 
B 1 27  GLY 27  27  27  GLY GLY B . n 
B 1 28  THR 28  28  28  THR THR B . n 
B 1 29  PHE 29  29  29  PHE PHE B . n 
B 1 30  THR 30  30  30  THR THR B . n 
B 1 31  LEU 31  31  31  LEU LEU B . n 
B 1 32  ALA 32  32  32  ALA ALA B . n 
B 1 33  VAL 33  33  33  VAL VAL B . n 
B 1 34  ASN 34  34  34  ASN ASN B . n 
B 1 35  ARG 35  35  35  ARG ARG B . n 
B 1 36  THR 36  36  36  THR THR B . n 
B 1 37  PHE 37  37  37  PHE PHE B . n 
B 1 38  THR 38  38  38  THR THR B . n 
B 1 39  ASN 39  39  39  ASN ASN B . n 
B 1 40  ALA 40  40  40  ALA ALA B . n 
B 1 41  GLN 41  41  41  GLN GLN B . n 
B 1 42  GLY 42  42  42  GLY GLY B . n 
B 1 43  GLU 43  43  43  GLU GLU B . n 
B 1 44  ARG 44  44  44  ARG ARG B . n 
B 1 45  GLU 45  45  45  GLU GLU B . n 
B 1 46  ALA 46  46  46  ALA ALA B . n 
B 1 47  ASP 47  47  47  ASP ASP B . n 
B 1 48  PHE 48  48  48  PHE PHE B . n 
B 1 49  ILE 49  49  49  ILE ILE B . n 
B 1 50  ASN 50  50  50  ASN ASN B . n 
B 1 51  VAL 51  51  51  VAL VAL B . n 
B 1 52  VAL 52  52  52  VAL VAL B . n 
B 1 53  VAL 53  53  53  VAL VAL B . n 
B 1 54  PHE 54  54  54  PHE PHE B . n 
B 1 55  LYS 55  55  55  LYS LYS B . n 
B 1 56  LYS 56  56  56  LYS LYS B . n 
B 1 57  GLN 57  57  57  GLN GLN B . n 
B 1 58  ALA 58  58  58  ALA ALA B . n 
B 1 59  GLU 59  59  59  GLU GLU B . n 
B 1 60  ASN 60  60  60  ASN ASN B . n 
B 1 61  VAL 61  61  61  VAL VAL B . n 
B 1 62  LYS 62  62  62  LYS LYS B . n 
B 1 63  ASN 63  63  63  ASN ASN B . n 
B 1 64  TYR 64  64  64  TYR TYR B . n 
B 1 65  LEU 65  65  65  LEU LEU B . n 
B 1 66  SER 66  66  66  SER SER B . n 
B 1 67  LYS 67  67  67  LYS LYS B . n 
B 1 68  GLY 68  68  68  GLY GLY B . n 
B 1 69  SER 69  69  69  SER SER B . n 
B 1 70  LEU 70  70  70  LEU LEU B . n 
B 1 71  ALA 71  71  71  ALA ALA B . n 
B 1 72  GLY 72  72  72  GLY GLY B . n 
B 1 73  VAL 73  73  73  VAL VAL B . n 
B 1 74  ASP 74  74  74  ASP ASP B . n 
B 1 75  GLY 75  75  75  GLY GLY B . n 
B 1 76  ARG 76  76  76  ARG ARG B . n 
B 1 77  LEU 77  77  77  LEU LEU B . n 
B 1 78  GLN 78  78  78  GLN GLN B . n 
B 1 79  THR 79  79  79  THR THR B . n 
B 1 80  ARG 80  80  80  ARG ARG B . n 
B 1 81  ASN 81  81  81  ASN ASN B . n 
B 1 82  TYR 82  82  82  TYR TYR B . n 
B 1 83  GLU 83  83  ?   ?   ?   B . n 
B 1 84  ASN 84  84  ?   ?   ?   B . n 
B 1 85  LYS 85  85  ?   ?   ?   B . n 
B 1 86  ASP 86  86  ?   ?   ?   B . n 
B 1 87  GLY 87  87  ?   ?   ?   B . n 
B 1 88  GLN 88  88  ?   ?   ?   B . n 
B 1 89  ARG 89  89  ?   ?   ?   B . n 
B 1 90  VAL 90  90  90  VAL VAL B . n 
B 1 91  PHE 91  91  91  PHE PHE B . n 
B 1 92  VAL 92  92  92  VAL VAL B . n 
B 1 93  THR 93  93  93  THR THR B . n 
B 1 94  GLU 94  94  94  GLU GLU B . n 
B 1 95  VAL 95  95  95  VAL VAL B . n 
B 1 96  VAL 96  96  96  VAL VAL B . n 
B 1 97  ALA 97  97  97  ALA ALA B . n 
B 1 98  ASP 98  98  98  ASP ASP B . n 
B 1 99  SER 99  99  99  SER SER B . n 
B 1 100 VAL 100 100 100 VAL VAL B . n 
B 1 101 GLN 101 101 101 GLN GLN B . n 
B 1 102 PHE 102 102 102 PHE PHE B . n 
B 1 103 LEU 103 103 103 LEU LEU B . n 
B 1 104 GLU 104 104 104 GLU GLU B . n 
B 1 105 PRO 105 105 105 PRO PRO B . n 
B 1 106 LYS 106 106 ?   ?   ?   B . n 
B 1 107 ASN 107 107 ?   ?   ?   B . n 
B 1 108 ASN 108 108 ?   ?   ?   B . n 
B 1 109 ASN 109 109 ?   ?   ?   B . n 
B 1 110 GLN 110 110 ?   ?   ?   B . n 
B 1 111 GLN 111 111 ?   ?   ?   B . n 
B 1 112 GLN 112 112 ?   ?   ?   B . n 
B 1 113 HIS 113 113 ?   ?   ?   B . n 
B 1 114 HIS 114 114 ?   ?   ?   B . n 
B 1 115 HIS 115 115 ?   ?   ?   B . n 
B 1 116 HIS 116 116 ?   ?   ?   B . n 
B 1 117 HIS 117 117 ?   ?   ?   B . n 
B 1 118 HIS 118 118 ?   ?   ?   B . n 
# 
loop_
_pdbx_nonpoly_scheme.asym_id 
_pdbx_nonpoly_scheme.entity_id 
_pdbx_nonpoly_scheme.mon_id 
_pdbx_nonpoly_scheme.ndb_seq_num 
_pdbx_nonpoly_scheme.pdb_seq_num 
_pdbx_nonpoly_scheme.auth_seq_num 
_pdbx_nonpoly_scheme.pdb_mon_id 
_pdbx_nonpoly_scheme.auth_mon_id 
_pdbx_nonpoly_scheme.pdb_strand_id 
_pdbx_nonpoly_scheme.pdb_ins_code 
C 2 URF 1 301 301 URF URF B . 
D 3 HOH 1 201 2   HOH HOH A . 
D 3 HOH 2 202 12  HOH HOH A . 
D 3 HOH 3 203 17  HOH HOH A . 
D 3 HOH 4 204 6   HOH HOH A . 
D 3 HOH 5 205 42  HOH HOH A . 
# 
_pdbx_struct_assembly.id                   1 
_pdbx_struct_assembly.details              author_and_software_defined_assembly 
_pdbx_struct_assembly.method_details       PISA 
_pdbx_struct_assembly.oligomeric_details   tetrameric 
_pdbx_struct_assembly.oligomeric_count     4 
# 
_pdbx_struct_assembly_gen.assembly_id       1 
_pdbx_struct_assembly_gen.oper_expression   1,2 
_pdbx_struct_assembly_gen.asym_id_list      A,B,C,D 
# 
loop_
_pdbx_struct_assembly_prop.biol_id 
_pdbx_struct_assembly_prop.type 
_pdbx_struct_assembly_prop.value 
_pdbx_struct_assembly_prop.details 
1 'ABSA (A^2)' 8250  ? 
1 MORE         -39   ? 
1 'SSA (A^2)'  21950 ? 
# 
loop_
_pdbx_struct_oper_list.id 
_pdbx_struct_oper_list.type 
_pdbx_struct_oper_list.name 
_pdbx_struct_oper_list.symmetry_operation 
_pdbx_struct_oper_list.matrix[1][1] 
_pdbx_struct_oper_list.matrix[1][2] 
_pdbx_struct_oper_list.matrix[1][3] 
_pdbx_struct_oper_list.vector[1] 
_pdbx_struct_oper_list.matrix[2][1] 
_pdbx_struct_oper_list.matrix[2][2] 
_pdbx_struct_oper_list.matrix[2][3] 
_pdbx_struct_oper_list.vector[2] 
_pdbx_struct_oper_list.matrix[3][1] 
_pdbx_struct_oper_list.matrix[3][2] 
_pdbx_struct_oper_list.matrix[3][3] 
_pdbx_struct_oper_list.vector[3] 
1 'identity operation'         1_555  x,y,z        1.0000000000  0.0000000000 0.0000000000  0.0000000000   0.0000000000 1.0000000000 0.0000000000  0.0000000000 0.0000000000  0.0000000000  1.0000000000  0.0000000000 
2 'crystal symmetry operation' 12_554 x,x-y,-z-1/3 -0.9593480193 0.2040298220 -0.1949954092 -16.5821129266 0.2040298220 0.0240132844 -0.9786701150 8.0391328598 -0.1949954092 -0.9786701150 -0.0646652651 4.9546146555 
# 
loop_
_pdbx_audit_revision_history.ordinal 
_pdbx_audit_revision_history.data_content_type 
_pdbx_audit_revision_history.major_revision 
_pdbx_audit_revision_history.minor_revision 
_pdbx_audit_revision_history.revision_date 
1 'Structure model' 1 0 2020-12-23 
2 'Structure model' 1 1 2023-11-29 
# 
_pdbx_audit_revision_details.ordinal             1 
_pdbx_audit_revision_details.revision_ordinal    1 
_pdbx_audit_revision_details.data_content_type   'Structure model' 
_pdbx_audit_revision_details.provider            repository 
_pdbx_audit_revision_details.type                'Initial release' 
_pdbx_audit_revision_details.description         ? 
_pdbx_audit_revision_details.details             ? 
# 
loop_
_pdbx_audit_revision_group.ordinal 
_pdbx_audit_revision_group.revision_ordinal 
_pdbx_audit_revision_group.data_content_type 
_pdbx_audit_revision_group.group 
1 2 'Structure model' 'Data collection'        
2 2 'Structure model' 'Database references'    
3 2 'Structure model' 'Refinement description' 
# 
loop_
_pdbx_audit_revision_category.ordinal 
_pdbx_audit_revision_category.revision_ordinal 
_pdbx_audit_revision_category.data_content_type 
_pdbx_audit_revision_category.category 
1 2 'Structure model' chem_comp_atom                
2 2 'Structure model' chem_comp_bond                
3 2 'Structure model' database_2                    
4 2 'Structure model' pdbx_initial_refinement_model 
5 2 'Structure model' struct_ncs_dom_lim            
# 
loop_
_pdbx_audit_revision_item.ordinal 
_pdbx_audit_revision_item.revision_ordinal 
_pdbx_audit_revision_item.data_content_type 
_pdbx_audit_revision_item.item 
1  2 'Structure model' '_database_2.pdbx_DOI'                  
2  2 'Structure model' '_database_2.pdbx_database_accession'   
3  2 'Structure model' '_struct_ncs_dom_lim.beg_auth_comp_id'  
4  2 'Structure model' '_struct_ncs_dom_lim.beg_label_asym_id' 
5  2 'Structure model' '_struct_ncs_dom_lim.beg_label_comp_id' 
6  2 'Structure model' '_struct_ncs_dom_lim.beg_label_seq_id'  
7  2 'Structure model' '_struct_ncs_dom_lim.end_auth_comp_id'  
8  2 'Structure model' '_struct_ncs_dom_lim.end_label_asym_id' 
9  2 'Structure model' '_struct_ncs_dom_lim.end_label_comp_id' 
10 2 'Structure model' '_struct_ncs_dom_lim.end_label_seq_id'  
# 
loop_
_software.citation_id 
_software.classification 
_software.compiler_name 
_software.compiler_version 
_software.contact_author 
_software.contact_author_email 
_software.date 
_software.description 
_software.dependencies 
_software.hardware 
_software.language 
_software.location 
_software.mods 
_software.name 
_software.os 
_software.os_version 
_software.type 
_software.version 
_software.pdbx_ordinal 
? refinement        ? ? ? ? ? ? ? ? ? ? ? PHENIX      ? ? ? 1.14_3260 1 
? 'data extraction' ? ? ? ? ? ? ? ? ? ? ? PDB_EXTRACT ? ? ? 3.25      2 
? 'data scaling'    ? ? ? ? ? ? ? ? ? ? ? HKL-2000    ? ? ? .         3 
? 'data collection' ? ? ? ? ? ? ? ? ? ? ? HKL-2000    ? ? ? .         4 
# 
_pdbx_entry_details.entry_id                 7D8J 
_pdbx_entry_details.has_ligand_of_interest   Y 
_pdbx_entry_details.compound_details         ? 
_pdbx_entry_details.source_details           ? 
_pdbx_entry_details.nonpolymer_details       ? 
_pdbx_entry_details.sequence_details         ? 
# 
loop_
_pdbx_validate_torsion.id 
_pdbx_validate_torsion.PDB_model_num 
_pdbx_validate_torsion.auth_comp_id 
_pdbx_validate_torsion.auth_asym_id 
_pdbx_validate_torsion.auth_seq_id 
_pdbx_validate_torsion.PDB_ins_code 
_pdbx_validate_torsion.label_alt_id 
_pdbx_validate_torsion.phi 
_pdbx_validate_torsion.psi 
1 1 ASN A 3   ? ? -161.75 99.05   
2 1 GLU A 43  ? ? -152.23 31.81   
3 1 LYS A 55  ? ? 59.65   -120.24 
4 1 LEU A 103 ? ? -98.24  -68.74  
5 1 PRO A 105 ? ? -65.41  -172.89 
6 1 ASN A 107 ? ? -102.63 64.80   
7 1 ASN B 3   ? ? -160.91 103.90  
8 1 LYS B 55  ? ? 52.60   -135.50 
# 
loop_
_pdbx_unobs_or_zero_occ_residues.id 
_pdbx_unobs_or_zero_occ_residues.PDB_model_num 
_pdbx_unobs_or_zero_occ_residues.polymer_flag 
_pdbx_unobs_or_zero_occ_residues.occupancy_flag 
_pdbx_unobs_or_zero_occ_residues.auth_asym_id 
_pdbx_unobs_or_zero_occ_residues.auth_comp_id 
_pdbx_unobs_or_zero_occ_residues.auth_seq_id 
_pdbx_unobs_or_zero_occ_residues.PDB_ins_code 
_pdbx_unobs_or_zero_occ_residues.label_asym_id 
_pdbx_unobs_or_zero_occ_residues.label_comp_id 
_pdbx_unobs_or_zero_occ_residues.label_seq_id 
1  1 Y 1 A HIS 113 ? A HIS 113 
2  1 Y 1 A HIS 114 ? A HIS 114 
3  1 Y 1 A HIS 115 ? A HIS 115 
4  1 Y 1 A HIS 116 ? A HIS 116 
5  1 Y 1 A HIS 117 ? A HIS 117 
6  1 Y 1 A HIS 118 ? A HIS 118 
7  1 Y 1 B GLU 83  ? B GLU 83  
8  1 Y 1 B ASN 84  ? B ASN 84  
9  1 Y 1 B LYS 85  ? B LYS 85  
10 1 Y 1 B ASP 86  ? B ASP 86  
11 1 Y 1 B GLY 87  ? B GLY 87  
12 1 Y 1 B GLN 88  ? B GLN 88  
13 1 Y 1 B ARG 89  ? B ARG 89  
14 1 Y 1 B LYS 106 ? B LYS 106 
15 1 Y 1 B ASN 107 ? B ASN 107 
16 1 Y 1 B ASN 108 ? B ASN 108 
17 1 Y 1 B ASN 109 ? B ASN 109 
18 1 Y 1 B GLN 110 ? B GLN 110 
19 1 Y 1 B GLN 111 ? B GLN 111 
20 1 Y 1 B GLN 112 ? B GLN 112 
21 1 Y 1 B HIS 113 ? B HIS 113 
22 1 Y 1 B HIS 114 ? B HIS 114 
23 1 Y 1 B HIS 115 ? B HIS 115 
24 1 Y 1 B HIS 116 ? B HIS 116 
25 1 Y 1 B HIS 117 ? B HIS 117 
26 1 Y 1 B HIS 118 ? B HIS 118 
# 
loop_
_chem_comp_atom.comp_id 
_chem_comp_atom.atom_id 
_chem_comp_atom.type_symbol 
_chem_comp_atom.pdbx_aromatic_flag 
_chem_comp_atom.pdbx_stereo_config 
_chem_comp_atom.pdbx_ordinal 
ALA N    N N N 1   
ALA CA   C N S 2   
ALA C    C N N 3   
ALA O    O N N 4   
ALA CB   C N N 5   
ALA OXT  O N N 6   
ALA H    H N N 7   
ALA H2   H N N 8   
ALA HA   H N N 9   
ALA HB1  H N N 10  
ALA HB2  H N N 11  
ALA HB3  H N N 12  
ALA HXT  H N N 13  
ARG N    N N N 14  
ARG CA   C N S 15  
ARG C    C N N 16  
ARG O    O N N 17  
ARG CB   C N N 18  
ARG CG   C N N 19  
ARG CD   C N N 20  
ARG NE   N N N 21  
ARG CZ   C N N 22  
ARG NH1  N N N 23  
ARG NH2  N N N 24  
ARG OXT  O N N 25  
ARG H    H N N 26  
ARG H2   H N N 27  
ARG HA   H N N 28  
ARG HB2  H N N 29  
ARG HB3  H N N 30  
ARG HG2  H N N 31  
ARG HG3  H N N 32  
ARG HD2  H N N 33  
ARG HD3  H N N 34  
ARG HE   H N N 35  
ARG HH11 H N N 36  
ARG HH12 H N N 37  
ARG HH21 H N N 38  
ARG HH22 H N N 39  
ARG HXT  H N N 40  
ASN N    N N N 41  
ASN CA   C N S 42  
ASN C    C N N 43  
ASN O    O N N 44  
ASN CB   C N N 45  
ASN CG   C N N 46  
ASN OD1  O N N 47  
ASN ND2  N N N 48  
ASN OXT  O N N 49  
ASN H    H N N 50  
ASN H2   H N N 51  
ASN HA   H N N 52  
ASN HB2  H N N 53  
ASN HB3  H N N 54  
ASN HD21 H N N 55  
ASN HD22 H N N 56  
ASN HXT  H N N 57  
ASP N    N N N 58  
ASP CA   C N S 59  
ASP C    C N N 60  
ASP O    O N N 61  
ASP CB   C N N 62  
ASP CG   C N N 63  
ASP OD1  O N N 64  
ASP OD2  O N N 65  
ASP OXT  O N N 66  
ASP H    H N N 67  
ASP H2   H N N 68  
ASP HA   H N N 69  
ASP HB2  H N N 70  
ASP HB3  H N N 71  
ASP HD2  H N N 72  
ASP HXT  H N N 73  
GLN N    N N N 74  
GLN CA   C N S 75  
GLN C    C N N 76  
GLN O    O N N 77  
GLN CB   C N N 78  
GLN CG   C N N 79  
GLN CD   C N N 80  
GLN OE1  O N N 81  
GLN NE2  N N N 82  
GLN OXT  O N N 83  
GLN H    H N N 84  
GLN H2   H N N 85  
GLN HA   H N N 86  
GLN HB2  H N N 87  
GLN HB3  H N N 88  
GLN HG2  H N N 89  
GLN HG3  H N N 90  
GLN HE21 H N N 91  
GLN HE22 H N N 92  
GLN HXT  H N N 93  
GLU N    N N N 94  
GLU CA   C N S 95  
GLU C    C N N 96  
GLU O    O N N 97  
GLU CB   C N N 98  
GLU CG   C N N 99  
GLU CD   C N N 100 
GLU OE1  O N N 101 
GLU OE2  O N N 102 
GLU OXT  O N N 103 
GLU H    H N N 104 
GLU H2   H N N 105 
GLU HA   H N N 106 
GLU HB2  H N N 107 
GLU HB3  H N N 108 
GLU HG2  H N N 109 
GLU HG3  H N N 110 
GLU HE2  H N N 111 
GLU HXT  H N N 112 
GLY N    N N N 113 
GLY CA   C N N 114 
GLY C    C N N 115 
GLY O    O N N 116 
GLY OXT  O N N 117 
GLY H    H N N 118 
GLY H2   H N N 119 
GLY HA2  H N N 120 
GLY HA3  H N N 121 
GLY HXT  H N N 122 
HIS N    N N N 123 
HIS CA   C N S 124 
HIS C    C N N 125 
HIS O    O N N 126 
HIS CB   C N N 127 
HIS CG   C Y N 128 
HIS ND1  N Y N 129 
HIS CD2  C Y N 130 
HIS CE1  C Y N 131 
HIS NE2  N Y N 132 
HIS OXT  O N N 133 
HIS H    H N N 134 
HIS H2   H N N 135 
HIS HA   H N N 136 
HIS HB2  H N N 137 
HIS HB3  H N N 138 
HIS HD1  H N N 139 
HIS HD2  H N N 140 
HIS HE1  H N N 141 
HIS HE2  H N N 142 
HIS HXT  H N N 143 
HOH O    O N N 144 
HOH H1   H N N 145 
HOH H2   H N N 146 
ILE N    N N N 147 
ILE CA   C N S 148 
ILE C    C N N 149 
ILE O    O N N 150 
ILE CB   C N S 151 
ILE CG1  C N N 152 
ILE CG2  C N N 153 
ILE CD1  C N N 154 
ILE OXT  O N N 155 
ILE H    H N N 156 
ILE H2   H N N 157 
ILE HA   H N N 158 
ILE HB   H N N 159 
ILE HG12 H N N 160 
ILE HG13 H N N 161 
ILE HG21 H N N 162 
ILE HG22 H N N 163 
ILE HG23 H N N 164 
ILE HD11 H N N 165 
ILE HD12 H N N 166 
ILE HD13 H N N 167 
ILE HXT  H N N 168 
LEU N    N N N 169 
LEU CA   C N S 170 
LEU C    C N N 171 
LEU O    O N N 172 
LEU CB   C N N 173 
LEU CG   C N N 174 
LEU CD1  C N N 175 
LEU CD2  C N N 176 
LEU OXT  O N N 177 
LEU H    H N N 178 
LEU H2   H N N 179 
LEU HA   H N N 180 
LEU HB2  H N N 181 
LEU HB3  H N N 182 
LEU HG   H N N 183 
LEU HD11 H N N 184 
LEU HD12 H N N 185 
LEU HD13 H N N 186 
LEU HD21 H N N 187 
LEU HD22 H N N 188 
LEU HD23 H N N 189 
LEU HXT  H N N 190 
LYS N    N N N 191 
LYS CA   C N S 192 
LYS C    C N N 193 
LYS O    O N N 194 
LYS CB   C N N 195 
LYS CG   C N N 196 
LYS CD   C N N 197 
LYS CE   C N N 198 
LYS NZ   N N N 199 
LYS OXT  O N N 200 
LYS H    H N N 201 
LYS H2   H N N 202 
LYS HA   H N N 203 
LYS HB2  H N N 204 
LYS HB3  H N N 205 
LYS HG2  H N N 206 
LYS HG3  H N N 207 
LYS HD2  H N N 208 
LYS HD3  H N N 209 
LYS HE2  H N N 210 
LYS HE3  H N N 211 
LYS HZ1  H N N 212 
LYS HZ2  H N N 213 
LYS HZ3  H N N 214 
LYS HXT  H N N 215 
MET N    N N N 216 
MET CA   C N S 217 
MET C    C N N 218 
MET O    O N N 219 
MET CB   C N N 220 
MET CG   C N N 221 
MET SD   S N N 222 
MET CE   C N N 223 
MET OXT  O N N 224 
MET H    H N N 225 
MET H2   H N N 226 
MET HA   H N N 227 
MET HB2  H N N 228 
MET HB3  H N N 229 
MET HG2  H N N 230 
MET HG3  H N N 231 
MET HE1  H N N 232 
MET HE2  H N N 233 
MET HE3  H N N 234 
MET HXT  H N N 235 
PHE N    N N N 236 
PHE CA   C N S 237 
PHE C    C N N 238 
PHE O    O N N 239 
PHE CB   C N N 240 
PHE CG   C Y N 241 
PHE CD1  C Y N 242 
PHE CD2  C Y N 243 
PHE CE1  C Y N 244 
PHE CE2  C Y N 245 
PHE CZ   C Y N 246 
PHE OXT  O N N 247 
PHE H    H N N 248 
PHE H2   H N N 249 
PHE HA   H N N 250 
PHE HB2  H N N 251 
PHE HB3  H N N 252 
PHE HD1  H N N 253 
PHE HD2  H N N 254 
PHE HE1  H N N 255 
PHE HE2  H N N 256 
PHE HZ   H N N 257 
PHE HXT  H N N 258 
PRO N    N N N 259 
PRO CA   C N S 260 
PRO C    C N N 261 
PRO O    O N N 262 
PRO CB   C N N 263 
PRO CG   C N N 264 
PRO CD   C N N 265 
PRO OXT  O N N 266 
PRO H    H N N 267 
PRO HA   H N N 268 
PRO HB2  H N N 269 
PRO HB3  H N N 270 
PRO HG2  H N N 271 
PRO HG3  H N N 272 
PRO HD2  H N N 273 
PRO HD3  H N N 274 
PRO HXT  H N N 275 
SER N    N N N 276 
SER CA   C N S 277 
SER C    C N N 278 
SER O    O N N 279 
SER CB   C N N 280 
SER OG   O N N 281 
SER OXT  O N N 282 
SER H    H N N 283 
SER H2   H N N 284 
SER HA   H N N 285 
SER HB2  H N N 286 
SER HB3  H N N 287 
SER HG   H N N 288 
SER HXT  H N N 289 
THR N    N N N 290 
THR CA   C N S 291 
THR C    C N N 292 
THR O    O N N 293 
THR CB   C N R 294 
THR OG1  O N N 295 
THR CG2  C N N 296 
THR OXT  O N N 297 
THR H    H N N 298 
THR H2   H N N 299 
THR HA   H N N 300 
THR HB   H N N 301 
THR HG1  H N N 302 
THR HG21 H N N 303 
THR HG22 H N N 304 
THR HG23 H N N 305 
THR HXT  H N N 306 
TYR N    N N N 307 
TYR CA   C N S 308 
TYR C    C N N 309 
TYR O    O N N 310 
TYR CB   C N N 311 
TYR CG   C Y N 312 
TYR CD1  C Y N 313 
TYR CD2  C Y N 314 
TYR CE1  C Y N 315 
TYR CE2  C Y N 316 
TYR CZ   C Y N 317 
TYR OH   O N N 318 
TYR OXT  O N N 319 
TYR H    H N N 320 
TYR H2   H N N 321 
TYR HA   H N N 322 
TYR HB2  H N N 323 
TYR HB3  H N N 324 
TYR HD1  H N N 325 
TYR HD2  H N N 326 
TYR HE1  H N N 327 
TYR HE2  H N N 328 
TYR HH   H N N 329 
TYR HXT  H N N 330 
URF N1   N N N 331 
URF C2   C N N 332 
URF N3   N N N 333 
URF C4   C N N 334 
URF C5   C N N 335 
URF C6   C N N 336 
URF O2   O N N 337 
URF O4   O N N 338 
URF F5   F N N 339 
URF HN1  H N N 340 
URF HN3  H N N 341 
URF H6   H N N 342 
VAL N    N N N 343 
VAL CA   C N S 344 
VAL C    C N N 345 
VAL O    O N N 346 
VAL CB   C N N 347 
VAL CG1  C N N 348 
VAL CG2  C N N 349 
VAL OXT  O N N 350 
VAL H    H N N 351 
VAL H2   H N N 352 
VAL HA   H N N 353 
VAL HB   H N N 354 
VAL HG11 H N N 355 
VAL HG12 H N N 356 
VAL HG13 H N N 357 
VAL HG21 H N N 358 
VAL HG22 H N N 359 
VAL HG23 H N N 360 
VAL HXT  H N N 361 
# 
loop_
_chem_comp_bond.comp_id 
_chem_comp_bond.atom_id_1 
_chem_comp_bond.atom_id_2 
_chem_comp_bond.value_order 
_chem_comp_bond.pdbx_aromatic_flag 
_chem_comp_bond.pdbx_stereo_config 
_chem_comp_bond.pdbx_ordinal 
ALA N   CA   sing N N 1   
ALA N   H    sing N N 2   
ALA N   H2   sing N N 3   
ALA CA  C    sing N N 4   
ALA CA  CB   sing N N 5   
ALA CA  HA   sing N N 6   
ALA C   O    doub N N 7   
ALA C   OXT  sing N N 8   
ALA CB  HB1  sing N N 9   
ALA CB  HB2  sing N N 10  
ALA CB  HB3  sing N N 11  
ALA OXT HXT  sing N N 12  
ARG N   CA   sing N N 13  
ARG N   H    sing N N 14  
ARG N   H2   sing N N 15  
ARG CA  C    sing N N 16  
ARG CA  CB   sing N N 17  
ARG CA  HA   sing N N 18  
ARG C   O    doub N N 19  
ARG C   OXT  sing N N 20  
ARG CB  CG   sing N N 21  
ARG CB  HB2  sing N N 22  
ARG CB  HB3  sing N N 23  
ARG CG  CD   sing N N 24  
ARG CG  HG2  sing N N 25  
ARG CG  HG3  sing N N 26  
ARG CD  NE   sing N N 27  
ARG CD  HD2  sing N N 28  
ARG CD  HD3  sing N N 29  
ARG NE  CZ   sing N N 30  
ARG NE  HE   sing N N 31  
ARG CZ  NH1  sing N N 32  
ARG CZ  NH2  doub N N 33  
ARG NH1 HH11 sing N N 34  
ARG NH1 HH12 sing N N 35  
ARG NH2 HH21 sing N N 36  
ARG NH2 HH22 sing N N 37  
ARG OXT HXT  sing N N 38  
ASN N   CA   sing N N 39  
ASN N   H    sing N N 40  
ASN N   H2   sing N N 41  
ASN CA  C    sing N N 42  
ASN CA  CB   sing N N 43  
ASN CA  HA   sing N N 44  
ASN C   O    doub N N 45  
ASN C   OXT  sing N N 46  
ASN CB  CG   sing N N 47  
ASN CB  HB2  sing N N 48  
ASN CB  HB3  sing N N 49  
ASN CG  OD1  doub N N 50  
ASN CG  ND2  sing N N 51  
ASN ND2 HD21 sing N N 52  
ASN ND2 HD22 sing N N 53  
ASN OXT HXT  sing N N 54  
ASP N   CA   sing N N 55  
ASP N   H    sing N N 56  
ASP N   H2   sing N N 57  
ASP CA  C    sing N N 58  
ASP CA  CB   sing N N 59  
ASP CA  HA   sing N N 60  
ASP C   O    doub N N 61  
ASP C   OXT  sing N N 62  
ASP CB  CG   sing N N 63  
ASP CB  HB2  sing N N 64  
ASP CB  HB3  sing N N 65  
ASP CG  OD1  doub N N 66  
ASP CG  OD2  sing N N 67  
ASP OD2 HD2  sing N N 68  
ASP OXT HXT  sing N N 69  
GLN N   CA   sing N N 70  
GLN N   H    sing N N 71  
GLN N   H2   sing N N 72  
GLN CA  C    sing N N 73  
GLN CA  CB   sing N N 74  
GLN CA  HA   sing N N 75  
GLN C   O    doub N N 76  
GLN C   OXT  sing N N 77  
GLN CB  CG   sing N N 78  
GLN CB  HB2  sing N N 79  
GLN CB  HB3  sing N N 80  
GLN CG  CD   sing N N 81  
GLN CG  HG2  sing N N 82  
GLN CG  HG3  sing N N 83  
GLN CD  OE1  doub N N 84  
GLN CD  NE2  sing N N 85  
GLN NE2 HE21 sing N N 86  
GLN NE2 HE22 sing N N 87  
GLN OXT HXT  sing N N 88  
GLU N   CA   sing N N 89  
GLU N   H    sing N N 90  
GLU N   H2   sing N N 91  
GLU CA  C    sing N N 92  
GLU CA  CB   sing N N 93  
GLU CA  HA   sing N N 94  
GLU C   O    doub N N 95  
GLU C   OXT  sing N N 96  
GLU CB  CG   sing N N 97  
GLU CB  HB2  sing N N 98  
GLU CB  HB3  sing N N 99  
GLU CG  CD   sing N N 100 
GLU CG  HG2  sing N N 101 
GLU CG  HG3  sing N N 102 
GLU CD  OE1  doub N N 103 
GLU CD  OE2  sing N N 104 
GLU OE2 HE2  sing N N 105 
GLU OXT HXT  sing N N 106 
GLY N   CA   sing N N 107 
GLY N   H    sing N N 108 
GLY N   H2   sing N N 109 
GLY CA  C    sing N N 110 
GLY CA  HA2  sing N N 111 
GLY CA  HA3  sing N N 112 
GLY C   O    doub N N 113 
GLY C   OXT  sing N N 114 
GLY OXT HXT  sing N N 115 
HIS N   CA   sing N N 116 
HIS N   H    sing N N 117 
HIS N   H2   sing N N 118 
HIS CA  C    sing N N 119 
HIS CA  CB   sing N N 120 
HIS CA  HA   sing N N 121 
HIS C   O    doub N N 122 
HIS C   OXT  sing N N 123 
HIS CB  CG   sing N N 124 
HIS CB  HB2  sing N N 125 
HIS CB  HB3  sing N N 126 
HIS CG  ND1  sing Y N 127 
HIS CG  CD2  doub Y N 128 
HIS ND1 CE1  doub Y N 129 
HIS ND1 HD1  sing N N 130 
HIS CD2 NE2  sing Y N 131 
HIS CD2 HD2  sing N N 132 
HIS CE1 NE2  sing Y N 133 
HIS CE1 HE1  sing N N 134 
HIS NE2 HE2  sing N N 135 
HIS OXT HXT  sing N N 136 
HOH O   H1   sing N N 137 
HOH O   H2   sing N N 138 
ILE N   CA   sing N N 139 
ILE N   H    sing N N 140 
ILE N   H2   sing N N 141 
ILE CA  C    sing N N 142 
ILE CA  CB   sing N N 143 
ILE CA  HA   sing N N 144 
ILE C   O    doub N N 145 
ILE C   OXT  sing N N 146 
ILE CB  CG1  sing N N 147 
ILE CB  CG2  sing N N 148 
ILE CB  HB   sing N N 149 
ILE CG1 CD1  sing N N 150 
ILE CG1 HG12 sing N N 151 
ILE CG1 HG13 sing N N 152 
ILE CG2 HG21 sing N N 153 
ILE CG2 HG22 sing N N 154 
ILE CG2 HG23 sing N N 155 
ILE CD1 HD11 sing N N 156 
ILE CD1 HD12 sing N N 157 
ILE CD1 HD13 sing N N 158 
ILE OXT HXT  sing N N 159 
LEU N   CA   sing N N 160 
LEU N   H    sing N N 161 
LEU N   H2   sing N N 162 
LEU CA  C    sing N N 163 
LEU CA  CB   sing N N 164 
LEU CA  HA   sing N N 165 
LEU C   O    doub N N 166 
LEU C   OXT  sing N N 167 
LEU CB  CG   sing N N 168 
LEU CB  HB2  sing N N 169 
LEU CB  HB3  sing N N 170 
LEU CG  CD1  sing N N 171 
LEU CG  CD2  sing N N 172 
LEU CG  HG   sing N N 173 
LEU CD1 HD11 sing N N 174 
LEU CD1 HD12 sing N N 175 
LEU CD1 HD13 sing N N 176 
LEU CD2 HD21 sing N N 177 
LEU CD2 HD22 sing N N 178 
LEU CD2 HD23 sing N N 179 
LEU OXT HXT  sing N N 180 
LYS N   CA   sing N N 181 
LYS N   H    sing N N 182 
LYS N   H2   sing N N 183 
LYS CA  C    sing N N 184 
LYS CA  CB   sing N N 185 
LYS CA  HA   sing N N 186 
LYS C   O    doub N N 187 
LYS C   OXT  sing N N 188 
LYS CB  CG   sing N N 189 
LYS CB  HB2  sing N N 190 
LYS CB  HB3  sing N N 191 
LYS CG  CD   sing N N 192 
LYS CG  HG2  sing N N 193 
LYS CG  HG3  sing N N 194 
LYS CD  CE   sing N N 195 
LYS CD  HD2  sing N N 196 
LYS CD  HD3  sing N N 197 
LYS CE  NZ   sing N N 198 
LYS CE  HE2  sing N N 199 
LYS CE  HE3  sing N N 200 
LYS NZ  HZ1  sing N N 201 
LYS NZ  HZ2  sing N N 202 
LYS NZ  HZ3  sing N N 203 
LYS OXT HXT  sing N N 204 
MET N   CA   sing N N 205 
MET N   H    sing N N 206 
MET N   H2   sing N N 207 
MET CA  C    sing N N 208 
MET CA  CB   sing N N 209 
MET CA  HA   sing N N 210 
MET C   O    doub N N 211 
MET C   OXT  sing N N 212 
MET CB  CG   sing N N 213 
MET CB  HB2  sing N N 214 
MET CB  HB3  sing N N 215 
MET CG  SD   sing N N 216 
MET CG  HG2  sing N N 217 
MET CG  HG3  sing N N 218 
MET SD  CE   sing N N 219 
MET CE  HE1  sing N N 220 
MET CE  HE2  sing N N 221 
MET CE  HE3  sing N N 222 
MET OXT HXT  sing N N 223 
PHE N   CA   sing N N 224 
PHE N   H    sing N N 225 
PHE N   H2   sing N N 226 
PHE CA  C    sing N N 227 
PHE CA  CB   sing N N 228 
PHE CA  HA   sing N N 229 
PHE C   O    doub N N 230 
PHE C   OXT  sing N N 231 
PHE CB  CG   sing N N 232 
PHE CB  HB2  sing N N 233 
PHE CB  HB3  sing N N 234 
PHE CG  CD1  doub Y N 235 
PHE CG  CD2  sing Y N 236 
PHE CD1 CE1  sing Y N 237 
PHE CD1 HD1  sing N N 238 
PHE CD2 CE2  doub Y N 239 
PHE CD2 HD2  sing N N 240 
PHE CE1 CZ   doub Y N 241 
PHE CE1 HE1  sing N N 242 
PHE CE2 CZ   sing Y N 243 
PHE CE2 HE2  sing N N 244 
PHE CZ  HZ   sing N N 245 
PHE OXT HXT  sing N N 246 
PRO N   CA   sing N N 247 
PRO N   CD   sing N N 248 
PRO N   H    sing N N 249 
PRO CA  C    sing N N 250 
PRO CA  CB   sing N N 251 
PRO CA  HA   sing N N 252 
PRO C   O    doub N N 253 
PRO C   OXT  sing N N 254 
PRO CB  CG   sing N N 255 
PRO CB  HB2  sing N N 256 
PRO CB  HB3  sing N N 257 
PRO CG  CD   sing N N 258 
PRO CG  HG2  sing N N 259 
PRO CG  HG3  sing N N 260 
PRO CD  HD2  sing N N 261 
PRO CD  HD3  sing N N 262 
PRO OXT HXT  sing N N 263 
SER N   CA   sing N N 264 
SER N   H    sing N N 265 
SER N   H2   sing N N 266 
SER CA  C    sing N N 267 
SER CA  CB   sing N N 268 
SER CA  HA   sing N N 269 
SER C   O    doub N N 270 
SER C   OXT  sing N N 271 
SER CB  OG   sing N N 272 
SER CB  HB2  sing N N 273 
SER CB  HB3  sing N N 274 
SER OG  HG   sing N N 275 
SER OXT HXT  sing N N 276 
THR N   CA   sing N N 277 
THR N   H    sing N N 278 
THR N   H2   sing N N 279 
THR CA  C    sing N N 280 
THR CA  CB   sing N N 281 
THR CA  HA   sing N N 282 
THR C   O    doub N N 283 
THR C   OXT  sing N N 284 
THR CB  OG1  sing N N 285 
THR CB  CG2  sing N N 286 
THR CB  HB   sing N N 287 
THR OG1 HG1  sing N N 288 
THR CG2 HG21 sing N N 289 
THR CG2 HG22 sing N N 290 
THR CG2 HG23 sing N N 291 
THR OXT HXT  sing N N 292 
TYR N   CA   sing N N 293 
TYR N   H    sing N N 294 
TYR N   H2   sing N N 295 
TYR CA  C    sing N N 296 
TYR CA  CB   sing N N 297 
TYR CA  HA   sing N N 298 
TYR C   O    doub N N 299 
TYR C   OXT  sing N N 300 
TYR CB  CG   sing N N 301 
TYR CB  HB2  sing N N 302 
TYR CB  HB3  sing N N 303 
TYR CG  CD1  doub Y N 304 
TYR CG  CD2  sing Y N 305 
TYR CD1 CE1  sing Y N 306 
TYR CD1 HD1  sing N N 307 
TYR CD2 CE2  doub Y N 308 
TYR CD2 HD2  sing N N 309 
TYR CE1 CZ   doub Y N 310 
TYR CE1 HE1  sing N N 311 
TYR CE2 CZ   sing Y N 312 
TYR CE2 HE2  sing N N 313 
TYR CZ  OH   sing N N 314 
TYR OH  HH   sing N N 315 
TYR OXT HXT  sing N N 316 
URF N1  C2   sing N N 317 
URF N1  C6   sing N N 318 
URF N1  HN1  sing N N 319 
URF C2  N3   sing N N 320 
URF C2  O2   doub N N 321 
URF N3  C4   sing N N 322 
URF N3  HN3  sing N N 323 
URF C4  C5   sing N N 324 
URF C4  O4   doub N N 325 
URF C5  C6   doub N N 326 
URF C5  F5   sing N N 327 
URF C6  H6   sing N N 328 
VAL N   CA   sing N N 329 
VAL N   H    sing N N 330 
VAL N   H2   sing N N 331 
VAL CA  C    sing N N 332 
VAL CA  CB   sing N N 333 
VAL CA  HA   sing N N 334 
VAL C   O    doub N N 335 
VAL C   OXT  sing N N 336 
VAL CB  CG1  sing N N 337 
VAL CB  CG2  sing N N 338 
VAL CB  HB   sing N N 339 
VAL CG1 HG11 sing N N 340 
VAL CG1 HG12 sing N N 341 
VAL CG1 HG13 sing N N 342 
VAL CG2 HG21 sing N N 343 
VAL CG2 HG22 sing N N 344 
VAL CG2 HG23 sing N N 345 
VAL OXT HXT  sing N N 346 
# 
_pdbx_entity_instance_feature.ordinal        1 
_pdbx_entity_instance_feature.comp_id        URF 
_pdbx_entity_instance_feature.asym_id        ? 
_pdbx_entity_instance_feature.seq_num        ? 
_pdbx_entity_instance_feature.auth_comp_id   URF 
_pdbx_entity_instance_feature.auth_asym_id   ? 
_pdbx_entity_instance_feature.auth_seq_num   ? 
_pdbx_entity_instance_feature.feature_type   'SUBJECT OF INVESTIGATION' 
_pdbx_entity_instance_feature.details        ? 
# 
loop_
_pdbx_entity_nonpoly.entity_id 
_pdbx_entity_nonpoly.name 
_pdbx_entity_nonpoly.comp_id 
2 5-FLUOROURACIL URF 
3 water          HOH 
# 
_pdbx_initial_refinement_model.id               1 
_pdbx_initial_refinement_model.entity_id_list   ? 
_pdbx_initial_refinement_model.type             'experimental model' 
_pdbx_initial_refinement_model.source_name      PDB 
_pdbx_initial_refinement_model.accession_code   5YYU 
_pdbx_initial_refinement_model.details          ? 
# 
_pdbx_struct_assembly_auth_evidence.id                     1 
_pdbx_struct_assembly_auth_evidence.assembly_id            1 
_pdbx_struct_assembly_auth_evidence.experimental_support   'gel filtration' 
_pdbx_struct_assembly_auth_evidence.details                ? 
# 
